data_1WJ7
#
_entry.id   1WJ7
#
_entity_poly.entity_id   1
_entity_poly.type   'polypeptide(L)'
_entity_poly.pdbx_seq_one_letter_code
;GSSGSSGNQNQTQHKQRPQATAEQIRLAQMISDHNDADFEEKVKQLIDITGKNQDECVIALHDCNGDVNRAINVLLEGNP
DTHSWEMVGKKKGVSGQKSGPSSG
;
_entity_poly.pdbx_strand_id   A
#
# COMPACT_ATOMS: atom_id res chain seq x y z
N GLY A 1 20.85 26.13 -13.00
CA GLY A 1 20.21 27.31 -13.55
C GLY A 1 18.70 27.12 -13.64
N SER A 2 17.98 28.22 -13.46
CA SER A 2 16.53 28.20 -13.51
C SER A 2 16.04 28.59 -14.91
N SER A 3 16.44 27.79 -15.89
CA SER A 3 16.05 28.04 -17.26
C SER A 3 16.10 26.74 -18.07
N GLY A 4 17.22 26.05 -17.96
CA GLY A 4 17.41 24.80 -18.66
C GLY A 4 16.96 23.61 -17.81
N SER A 5 17.66 23.42 -16.71
CA SER A 5 17.34 22.33 -15.80
C SER A 5 17.24 21.01 -16.57
N SER A 6 18.36 20.30 -16.58
CA SER A 6 18.42 19.01 -17.28
C SER A 6 19.38 18.08 -16.57
N GLY A 7 18.86 17.34 -15.61
CA GLY A 7 19.67 16.41 -14.85
C GLY A 7 19.81 15.08 -15.59
N ASN A 8 19.52 14.00 -14.89
CA ASN A 8 19.61 12.68 -15.47
C ASN A 8 18.40 11.84 -15.05
N GLN A 9 18.24 11.69 -13.74
CA GLN A 9 17.14 10.93 -13.19
C GLN A 9 17.13 11.02 -11.67
N ASN A 10 15.97 11.37 -11.14
CA ASN A 10 15.82 11.49 -9.69
C ASN A 10 15.31 10.16 -9.13
N GLN A 11 16.24 9.37 -8.64
CA GLN A 11 15.90 8.08 -8.05
C GLN A 11 16.93 7.67 -7.00
N THR A 12 16.42 7.28 -5.84
CA THR A 12 17.28 6.87 -4.76
C THR A 12 17.30 5.35 -4.62
N GLN A 13 18.49 4.79 -4.65
CA GLN A 13 18.64 3.35 -4.53
C GLN A 13 18.19 2.87 -3.14
N HIS A 14 16.96 2.36 -3.12
CA HIS A 14 16.39 1.88 -1.86
C HIS A 14 15.12 1.09 -2.16
N LYS A 15 14.27 1.68 -2.98
CA LYS A 15 13.02 1.04 -3.36
C LYS A 15 12.80 1.19 -4.87
N GLN A 16 12.19 0.16 -5.45
CA GLN A 16 11.92 0.17 -6.88
C GLN A 16 10.48 0.56 -7.14
N ARG A 17 10.19 0.82 -8.41
CA ARG A 17 8.85 1.20 -8.80
C ARG A 17 8.46 2.55 -8.16
N PRO A 18 7.61 3.32 -8.89
CA PRO A 18 7.17 4.60 -8.39
C PRO A 18 6.12 4.44 -7.29
N GLN A 19 5.54 5.56 -6.91
CA GLN A 19 4.53 5.56 -5.86
C GLN A 19 5.08 4.92 -4.59
N ALA A 20 6.22 5.45 -4.15
CA ALA A 20 6.86 4.94 -2.95
C ALA A 20 8.13 5.75 -2.67
N THR A 21 8.05 7.05 -2.94
CA THR A 21 9.18 7.93 -2.73
C THR A 21 8.71 9.25 -2.12
N ALA A 22 8.11 10.07 -2.96
CA ALA A 22 7.61 11.38 -2.52
C ALA A 22 6.13 11.24 -2.13
N GLU A 23 5.37 10.67 -3.05
CA GLU A 23 3.95 10.48 -2.82
C GLU A 23 3.69 9.97 -1.41
N GLN A 24 4.29 8.82 -1.12
CA GLN A 24 4.14 8.21 0.19
C GLN A 24 4.16 9.29 1.28
N ILE A 25 5.29 9.98 1.36
CA ILE A 25 5.45 11.03 2.35
C ILE A 25 4.15 11.85 2.43
N ARG A 26 3.69 12.28 1.28
CA ARG A 26 2.47 13.07 1.21
C ARG A 26 1.26 12.22 1.60
N LEU A 27 1.30 10.96 1.18
CA LEU A 27 0.23 10.04 1.49
C LEU A 27 0.03 9.97 3.01
N ALA A 28 1.06 9.49 3.68
CA ALA A 28 1.02 9.36 5.13
C ALA A 28 0.68 10.72 5.73
N GLN A 29 1.16 11.78 5.09
CA GLN A 29 0.90 13.12 5.56
C GLN A 29 -0.58 13.47 5.41
N MET A 30 -1.17 12.91 4.36
CA MET A 30 -2.58 13.15 4.09
C MET A 30 -3.47 12.19 4.88
N ILE A 31 -3.03 10.94 4.94
CA ILE A 31 -3.77 9.93 5.67
C ILE A 31 -3.73 10.23 7.17
N SER A 32 -2.68 10.93 7.57
CA SER A 32 -2.50 11.30 8.96
C SER A 32 -3.73 12.08 9.45
N ASP A 33 -4.10 13.08 8.67
CA ASP A 33 -5.25 13.91 9.01
C ASP A 33 -6.43 13.00 9.37
N HIS A 34 -6.77 12.12 8.45
CA HIS A 34 -7.87 11.20 8.67
C HIS A 34 -7.34 9.90 9.28
N ASN A 35 -7.51 9.78 10.58
CA ASN A 35 -7.04 8.60 11.30
C ASN A 35 -7.98 8.33 12.48
N ASP A 36 -7.82 7.15 13.06
CA ASP A 36 -8.64 6.76 14.19
C ASP A 36 -7.82 5.84 15.11
N ALA A 37 -8.32 5.69 16.33
CA ALA A 37 -7.65 4.84 17.31
C ALA A 37 -7.64 3.39 16.80
N ASP A 38 -8.77 2.99 16.25
CA ASP A 38 -8.91 1.64 15.73
C ASP A 38 -7.76 1.36 14.75
N PHE A 39 -7.79 2.09 13.64
CA PHE A 39 -6.76 1.93 12.62
C PHE A 39 -5.36 2.06 13.22
N GLU A 40 -5.21 3.06 14.08
CA GLU A 40 -3.94 3.30 14.73
C GLU A 40 -3.43 2.02 15.39
N GLU A 41 -4.25 1.49 16.30
CA GLU A 41 -3.89 0.28 17.01
C GLU A 41 -3.46 -0.81 16.02
N LYS A 42 -4.18 -0.87 14.91
CA LYS A 42 -3.88 -1.86 13.89
C LYS A 42 -2.51 -1.58 13.30
N VAL A 43 -2.32 -0.34 12.87
CA VAL A 43 -1.05 0.07 12.28
C VAL A 43 0.09 -0.46 13.14
N LYS A 44 0.04 -0.12 14.42
CA LYS A 44 1.06 -0.56 15.36
C LYS A 44 1.19 -2.08 15.29
N GLN A 45 0.05 -2.73 15.22
CA GLN A 45 0.03 -4.19 15.14
C GLN A 45 0.79 -4.67 13.92
N LEU A 46 0.65 -3.91 12.84
CA LEU A 46 1.32 -4.25 11.59
C LEU A 46 2.83 -4.16 11.79
N ILE A 47 3.25 -3.08 12.42
CA ILE A 47 4.67 -2.86 12.68
C ILE A 47 5.19 -3.97 13.59
N ASP A 48 4.55 -4.11 14.74
CA ASP A 48 4.93 -5.13 15.70
C ASP A 48 4.99 -6.48 15.01
N ILE A 49 3.99 -6.73 14.19
CA ILE A 49 3.91 -7.99 13.45
C ILE A 49 5.02 -8.03 12.40
N THR A 50 4.86 -7.19 11.38
CA THR A 50 5.83 -7.12 10.30
C THR A 50 7.03 -6.26 10.73
N GLY A 51 6.78 -4.96 10.85
CA GLY A 51 7.81 -4.03 11.24
C GLY A 51 8.26 -3.18 10.04
N LYS A 52 7.36 -3.00 9.10
CA LYS A 52 7.65 -2.22 7.91
C LYS A 52 7.42 -0.74 8.21
N ASN A 53 7.94 0.10 7.32
CA ASN A 53 7.80 1.53 7.48
C ASN A 53 6.36 1.87 7.89
N GLN A 54 6.22 2.47 9.05
CA GLN A 54 4.92 2.84 9.56
C GLN A 54 4.04 3.36 8.43
N ASP A 55 4.52 4.44 7.80
CA ASP A 55 3.78 5.04 6.70
C ASP A 55 3.24 3.94 5.78
N GLU A 56 4.14 3.05 5.39
CA GLU A 56 3.77 1.96 4.51
C GLU A 56 2.65 1.12 5.16
N CYS A 57 2.83 0.85 6.44
CA CYS A 57 1.85 0.07 7.18
C CYS A 57 0.51 0.78 7.11
N VAL A 58 0.56 2.10 7.29
CA VAL A 58 -0.65 2.91 7.25
C VAL A 58 -1.28 2.80 5.86
N ILE A 59 -0.42 2.80 4.85
CA ILE A 59 -0.88 2.69 3.47
C ILE A 59 -1.42 1.28 3.23
N ALA A 60 -0.59 0.29 3.53
CA ALA A 60 -0.96 -1.09 3.34
C ALA A 60 -2.33 -1.34 3.99
N LEU A 61 -2.39 -1.08 5.29
CA LEU A 61 -3.61 -1.27 6.04
C LEU A 61 -4.77 -0.65 5.27
N HIS A 62 -4.65 0.64 5.00
CA HIS A 62 -5.68 1.36 4.28
C HIS A 62 -5.96 0.65 2.95
N ASP A 63 -4.90 0.52 2.16
CA ASP A 63 -5.01 -0.12 0.86
C ASP A 63 -5.92 -1.35 0.98
N CYS A 64 -5.64 -2.15 2.00
CA CYS A 64 -6.42 -3.35 2.24
C CYS A 64 -7.88 -2.93 2.52
N ASN A 65 -8.05 -2.18 3.59
CA ASN A 65 -9.36 -1.71 3.97
C ASN A 65 -9.38 -1.40 5.48
N GLY A 66 -8.48 -2.08 6.20
CA GLY A 66 -8.39 -1.89 7.64
C GLY A 66 -8.30 -3.23 8.36
N ASP A 67 -7.49 -4.12 7.80
CA ASP A 67 -7.32 -5.44 8.38
C ASP A 67 -5.82 -5.74 8.51
N VAL A 68 -5.37 -5.81 9.75
CA VAL A 68 -3.97 -6.10 10.02
C VAL A 68 -3.55 -7.35 9.26
N ASN A 69 -4.41 -8.37 9.33
CA ASN A 69 -4.13 -9.63 8.66
C ASN A 69 -4.03 -9.38 7.15
N ARG A 70 -5.12 -8.92 6.58
CA ARG A 70 -5.17 -8.62 5.15
C ARG A 70 -3.93 -7.83 4.73
N ALA A 71 -3.60 -6.84 5.55
CA ALA A 71 -2.44 -6.00 5.28
C ALA A 71 -1.18 -6.86 5.24
N ILE A 72 -0.95 -7.57 6.34
CA ILE A 72 0.21 -8.45 6.43
C ILE A 72 0.33 -9.27 5.14
N ASN A 73 -0.80 -9.80 4.71
CA ASN A 73 -0.82 -10.62 3.50
C ASN A 73 -0.19 -9.83 2.35
N VAL A 74 -0.46 -8.53 2.35
CA VAL A 74 0.08 -7.65 1.32
C VAL A 74 1.50 -7.25 1.69
N LEU A 75 1.65 -6.73 2.91
CA LEU A 75 2.95 -6.31 3.39
C LEU A 75 3.97 -7.41 3.11
N LEU A 76 3.69 -8.59 3.62
CA LEU A 76 4.57 -9.73 3.44
C LEU A 76 5.10 -9.73 2.00
N GLU A 77 4.16 -9.76 1.07
CA GLU A 77 4.51 -9.76 -0.34
C GLU A 77 3.84 -8.60 -1.06
N GLY A 78 2.66 -8.88 -1.61
CA GLY A 78 1.91 -7.86 -2.32
C GLY A 78 1.58 -8.33 -3.75
N ASN A 79 1.13 -7.38 -4.56
CA ASN A 79 0.79 -7.66 -5.94
C ASN A 79 2.01 -8.20 -6.67
N PRO A 80 1.80 -9.31 -7.42
CA PRO A 80 2.89 -9.93 -8.17
C PRO A 80 3.22 -9.11 -9.42
N ASP A 81 3.73 -7.91 -9.18
CA ASP A 81 4.10 -7.02 -10.26
C ASP A 81 2.96 -6.98 -11.29
N THR A 82 1.88 -6.34 -10.89
CA THR A 82 0.71 -6.22 -11.76
C THR A 82 0.73 -4.87 -12.48
N HIS A 83 0.29 -4.89 -13.73
CA HIS A 83 0.24 -3.69 -14.53
C HIS A 83 -0.74 -2.70 -13.91
N SER A 84 -2.02 -3.06 -13.99
CA SER A 84 -3.08 -2.22 -13.44
C SER A 84 -4.18 -3.09 -12.83
N TRP A 85 -4.44 -2.85 -11.56
CA TRP A 85 -5.46 -3.60 -10.85
C TRP A 85 -5.69 -2.91 -9.50
N GLU A 86 -6.96 -2.63 -9.24
CA GLU A 86 -7.33 -1.97 -7.99
C GLU A 86 -6.72 -0.57 -7.91
N MET A 87 -7.38 0.29 -7.17
CA MET A 87 -6.91 1.65 -7.00
C MET A 87 -6.86 2.38 -8.35
N VAL A 88 -7.10 3.69 -8.29
CA VAL A 88 -7.08 4.50 -9.49
C VAL A 88 -5.65 4.97 -9.77
N GLY A 89 -5.21 4.72 -11.00
CA GLY A 89 -3.86 5.11 -11.40
C GLY A 89 -3.88 6.46 -12.13
N LYS A 90 -3.60 7.50 -11.37
CA LYS A 90 -3.57 8.85 -11.92
C LYS A 90 -2.43 9.64 -11.28
N LYS A 91 -1.99 10.66 -12.00
CA LYS A 91 -0.91 11.51 -11.52
C LYS A 91 -1.46 12.90 -11.18
N LYS A 92 -0.85 13.51 -10.18
CA LYS A 92 -1.26 14.84 -9.75
C LYS A 92 -0.06 15.59 -9.18
N GLY A 93 -0.24 16.89 -8.99
CA GLY A 93 0.81 17.73 -8.45
C GLY A 93 0.49 19.21 -8.65
N VAL A 94 1.08 20.02 -7.79
CA VAL A 94 0.86 21.47 -7.86
C VAL A 94 2.09 22.13 -8.48
N SER A 95 3.23 21.48 -8.31
CA SER A 95 4.48 21.99 -8.85
C SER A 95 5.54 20.89 -8.87
N GLY A 96 5.91 20.44 -7.67
CA GLY A 96 6.90 19.39 -7.54
C GLY A 96 6.94 18.86 -6.11
N GLN A 97 8.15 18.84 -5.56
CA GLN A 97 8.34 18.35 -4.20
C GLN A 97 7.65 19.28 -3.21
N LYS A 98 7.14 18.68 -2.13
CA LYS A 98 6.45 19.43 -1.11
C LYS A 98 7.46 20.31 -0.36
N SER A 99 7.30 21.61 -0.52
CA SER A 99 8.18 22.56 0.13
C SER A 99 9.45 22.76 -0.71
N GLY A 100 9.95 23.99 -0.69
CA GLY A 100 11.14 24.32 -1.44
C GLY A 100 11.04 25.73 -2.03
N PRO A 101 10.40 25.80 -3.24
CA PRO A 101 10.24 27.07 -3.92
C PRO A 101 9.16 27.91 -3.25
N SER A 102 9.59 28.70 -2.27
CA SER A 102 8.65 29.55 -1.54
C SER A 102 9.13 31.01 -1.61
N SER A 103 10.28 31.25 -1.01
CA SER A 103 10.85 32.58 -0.98
C SER A 103 12.37 32.50 -0.76
N GLY A 104 13.07 33.49 -1.30
CA GLY A 104 14.52 33.54 -1.16
C GLY A 104 15.20 33.30 -2.50
N GLY A 1 15.43 13.09 -21.80
CA GLY A 1 15.02 13.35 -20.44
C GLY A 1 15.33 14.80 -20.05
N SER A 2 15.45 15.02 -18.75
CA SER A 2 15.74 16.34 -18.23
C SER A 2 17.25 16.50 -18.02
N SER A 3 17.81 15.62 -17.20
CA SER A 3 19.23 15.66 -16.92
C SER A 3 19.61 17.01 -16.32
N GLY A 4 19.98 16.98 -15.05
CA GLY A 4 20.37 18.19 -14.35
C GLY A 4 19.15 19.07 -14.05
N SER A 5 19.39 20.37 -14.00
CA SER A 5 18.33 21.32 -13.72
C SER A 5 17.10 20.99 -14.56
N SER A 6 15.98 21.57 -14.18
CA SER A 6 14.73 21.34 -14.88
C SER A 6 14.32 22.62 -15.64
N GLY A 7 13.30 22.46 -16.46
CA GLY A 7 12.80 23.58 -17.25
C GLY A 7 11.42 23.27 -17.82
N ASN A 8 11.41 22.41 -18.82
CA ASN A 8 10.15 22.02 -19.47
C ASN A 8 9.45 20.97 -18.61
N GLN A 9 8.34 20.46 -19.13
CA GLN A 9 7.56 19.45 -18.43
C GLN A 9 7.36 18.23 -19.31
N ASN A 10 8.46 17.74 -19.86
CA ASN A 10 8.41 16.58 -20.74
C ASN A 10 7.67 16.94 -22.02
N GLN A 11 7.99 16.20 -23.07
CA GLN A 11 7.35 16.43 -24.37
C GLN A 11 6.34 15.33 -24.67
N THR A 12 6.83 14.11 -24.72
CA THR A 12 5.98 12.97 -25.00
C THR A 12 4.92 12.82 -23.91
N GLN A 13 5.38 12.55 -22.70
CA GLN A 13 4.49 12.38 -21.57
C GLN A 13 3.63 11.13 -21.75
N HIS A 14 3.58 10.33 -20.70
CA HIS A 14 2.80 9.09 -20.73
C HIS A 14 1.59 9.23 -19.80
N LYS A 15 0.57 8.44 -20.10
CA LYS A 15 -0.64 8.47 -19.30
C LYS A 15 -0.36 7.83 -17.94
N GLN A 16 -0.02 6.55 -17.97
CA GLN A 16 0.28 5.82 -16.74
C GLN A 16 -0.93 5.84 -15.82
N ARG A 17 -0.84 5.02 -14.77
CA ARG A 17 -1.93 4.94 -13.80
C ARG A 17 -1.87 6.12 -12.84
N PRO A 18 -2.97 6.93 -12.84
CA PRO A 18 -3.05 8.09 -11.98
C PRO A 18 -3.32 7.68 -10.53
N GLN A 19 -3.41 8.68 -9.67
CA GLN A 19 -3.66 8.43 -8.26
C GLN A 19 -2.52 7.62 -7.65
N ALA A 20 -1.37 8.26 -7.52
CA ALA A 20 -0.21 7.61 -6.96
C ALA A 20 0.99 8.56 -7.02
N THR A 21 2.13 8.07 -6.55
CA THR A 21 3.34 8.86 -6.55
C THR A 21 3.16 10.10 -5.67
N ALA A 22 2.54 11.12 -6.24
CA ALA A 22 2.31 12.35 -5.53
C ALA A 22 1.03 12.23 -4.70
N GLU A 23 0.05 11.55 -5.28
CA GLU A 23 -1.23 11.35 -4.62
C GLU A 23 -1.02 10.61 -3.29
N GLN A 24 -0.43 9.43 -3.39
CA GLN A 24 -0.16 8.63 -2.22
C GLN A 24 0.35 9.49 -1.07
N ILE A 25 1.42 10.24 -1.37
CA ILE A 25 2.01 11.11 -0.37
C ILE A 25 0.90 11.86 0.38
N ARG A 26 0.20 12.71 -0.36
CA ARG A 26 -0.89 13.48 0.22
C ARG A 26 -1.89 12.55 0.91
N LEU A 27 -2.21 11.47 0.23
CA LEU A 27 -3.16 10.51 0.76
C LEU A 27 -2.70 10.07 2.16
N ALA A 28 -1.57 9.40 2.20
CA ALA A 28 -1.01 8.94 3.47
C ALA A 28 -1.00 10.09 4.46
N GLN A 29 -0.86 11.30 3.94
CA GLN A 29 -0.84 12.48 4.77
C GLN A 29 -2.24 12.84 5.24
N MET A 30 -3.21 12.55 4.38
CA MET A 30 -4.60 12.83 4.68
C MET A 30 -5.20 11.72 5.55
N ILE A 31 -4.85 10.49 5.20
CA ILE A 31 -5.35 9.34 5.94
C ILE A 31 -4.91 9.44 7.40
N SER A 32 -3.59 9.47 7.59
CA SER A 32 -3.03 9.55 8.92
C SER A 32 -3.84 10.54 9.76
N ASP A 33 -4.02 11.73 9.22
CA ASP A 33 -4.77 12.77 9.90
C ASP A 33 -6.20 12.26 10.17
N HIS A 34 -6.83 11.80 9.09
CA HIS A 34 -8.19 11.31 9.19
C HIS A 34 -8.16 9.80 9.46
N ASN A 35 -8.20 9.45 10.74
CA ASN A 35 -8.17 8.06 11.14
C ASN A 35 -8.78 7.92 12.54
N ASP A 36 -8.95 6.68 12.95
CA ASP A 36 -9.52 6.40 14.27
C ASP A 36 -8.49 5.64 15.11
N ALA A 37 -8.84 5.45 16.38
CA ALA A 37 -7.96 4.76 17.30
C ALA A 37 -7.79 3.31 16.83
N ASP A 38 -8.89 2.74 16.37
CA ASP A 38 -8.88 1.37 15.89
C ASP A 38 -7.76 1.19 14.87
N PHE A 39 -7.88 1.92 13.77
CA PHE A 39 -6.87 1.86 12.71
C PHE A 39 -5.48 2.10 13.28
N GLU A 40 -5.39 3.05 14.19
CA GLU A 40 -4.12 3.40 14.81
C GLU A 40 -3.50 2.15 15.47
N GLU A 41 -4.27 1.56 16.37
CA GLU A 41 -3.81 0.38 17.08
C GLU A 41 -3.36 -0.69 16.08
N LYS A 42 -4.12 -0.81 15.00
CA LYS A 42 -3.82 -1.79 13.97
C LYS A 42 -2.45 -1.48 13.37
N VAL A 43 -2.29 -0.25 12.93
CA VAL A 43 -1.04 0.19 12.33
C VAL A 43 0.13 -0.35 13.17
N LYS A 44 0.12 0.00 14.44
CA LYS A 44 1.16 -0.45 15.35
C LYS A 44 1.27 -1.97 15.28
N GLN A 45 0.13 -2.63 15.34
CA GLN A 45 0.09 -4.07 15.28
C GLN A 45 0.88 -4.58 14.07
N LEU A 46 0.72 -3.87 12.96
CA LEU A 46 1.40 -4.23 11.73
C LEU A 46 2.91 -4.11 11.94
N ILE A 47 3.30 -3.00 12.56
CA ILE A 47 4.71 -2.76 12.82
C ILE A 47 5.24 -3.83 13.76
N ASP A 48 4.59 -3.97 14.91
CA ASP A 48 5.00 -4.95 15.88
C ASP A 48 5.00 -6.34 15.24
N ILE A 49 4.00 -6.56 14.39
CA ILE A 49 3.88 -7.84 13.71
C ILE A 49 5.02 -7.97 12.69
N THR A 50 4.94 -7.17 11.65
CA THR A 50 5.95 -7.18 10.60
C THR A 50 7.13 -6.29 10.98
N GLY A 51 6.87 -4.99 10.99
CA GLY A 51 7.89 -4.02 11.33
C GLY A 51 8.32 -3.21 10.11
N LYS A 52 7.43 -3.18 9.12
CA LYS A 52 7.71 -2.46 7.89
C LYS A 52 7.54 -0.95 8.14
N ASN A 53 7.84 -0.18 7.11
CA ASN A 53 7.72 1.27 7.21
C ASN A 53 6.30 1.64 7.63
N GLN A 54 6.22 2.28 8.79
CA GLN A 54 4.92 2.69 9.32
C GLN A 54 4.02 3.20 8.19
N ASP A 55 4.51 4.23 7.51
CA ASP A 55 3.76 4.82 6.41
C ASP A 55 3.22 3.70 5.52
N GLU A 56 4.11 2.79 5.15
CA GLU A 56 3.75 1.67 4.30
C GLU A 56 2.66 0.83 4.98
N CYS A 57 2.88 0.53 6.24
CA CYS A 57 1.94 -0.27 7.01
C CYS A 57 0.60 0.47 7.01
N VAL A 58 0.65 1.74 7.38
CA VAL A 58 -0.55 2.56 7.43
C VAL A 58 -1.20 2.58 6.05
N ILE A 59 -0.37 2.56 5.03
CA ILE A 59 -0.86 2.57 3.66
C ILE A 59 -1.47 1.21 3.33
N ALA A 60 -0.62 0.19 3.37
CA ALA A 60 -1.07 -1.16 3.08
C ALA A 60 -2.33 -1.47 3.89
N LEU A 61 -2.26 -1.12 5.18
CA LEU A 61 -3.38 -1.36 6.08
C LEU A 61 -4.67 -0.86 5.41
N HIS A 62 -4.73 0.44 5.22
CA HIS A 62 -5.90 1.05 4.60
C HIS A 62 -6.08 0.50 3.19
N ASP A 63 -5.01 0.61 2.41
CA ASP A 63 -5.04 0.13 1.04
C ASP A 63 -5.79 -1.20 0.98
N CYS A 64 -5.45 -2.07 1.92
CA CYS A 64 -6.09 -3.38 1.99
C CYS A 64 -7.54 -3.18 2.41
N ASN A 65 -7.72 -2.80 3.66
CA ASN A 65 -9.05 -2.57 4.20
C ASN A 65 -8.96 -2.28 5.69
N GLY A 66 -7.94 -1.50 6.04
CA GLY A 66 -7.72 -1.13 7.43
C GLY A 66 -7.58 -2.37 8.31
N ASP A 67 -7.34 -3.50 7.66
CA ASP A 67 -7.18 -4.75 8.37
C ASP A 67 -5.69 -5.07 8.50
N VAL A 68 -5.31 -5.48 9.71
CA VAL A 68 -3.93 -5.81 9.99
C VAL A 68 -3.56 -7.09 9.23
N ASN A 69 -4.53 -8.00 9.17
CA ASN A 69 -4.31 -9.26 8.47
C ASN A 69 -4.17 -9.01 6.98
N ARG A 70 -5.26 -8.53 6.38
CA ARG A 70 -5.28 -8.23 4.97
C ARG A 70 -3.98 -7.54 4.56
N ALA A 71 -3.50 -6.68 5.44
CA ALA A 71 -2.27 -5.95 5.19
C ALA A 71 -1.10 -6.93 5.11
N ILE A 72 -0.91 -7.68 6.19
CA ILE A 72 0.16 -8.64 6.26
C ILE A 72 0.26 -9.38 4.92
N ASN A 73 -0.90 -9.69 4.36
CA ASN A 73 -0.95 -10.38 3.09
C ASN A 73 -0.12 -9.61 2.05
N VAL A 74 -0.37 -8.32 1.99
CA VAL A 74 0.34 -7.46 1.05
C VAL A 74 1.73 -7.15 1.62
N LEU A 75 1.74 -6.69 2.86
CA LEU A 75 2.99 -6.35 3.52
C LEU A 75 4.01 -7.47 3.28
N LEU A 76 3.66 -8.66 3.74
CA LEU A 76 4.54 -9.80 3.58
C LEU A 76 5.04 -9.86 2.14
N GLU A 77 4.09 -10.00 1.22
CA GLU A 77 4.42 -10.07 -0.20
C GLU A 77 5.46 -9.00 -0.55
N GLY A 78 5.09 -7.76 -0.29
CA GLY A 78 5.97 -6.63 -0.58
C GLY A 78 6.14 -6.46 -2.09
N ASN A 79 5.35 -5.54 -2.63
CA ASN A 79 5.42 -5.26 -4.07
C ASN A 79 5.74 -3.78 -4.27
N PRO A 80 6.70 -3.53 -5.20
CA PRO A 80 7.11 -2.17 -5.50
C PRO A 80 6.06 -1.46 -6.36
N ASP A 81 4.83 -1.44 -5.84
CA ASP A 81 3.74 -0.80 -6.55
C ASP A 81 3.47 -1.55 -7.86
N THR A 82 2.71 -2.63 -7.74
CA THR A 82 2.39 -3.44 -8.91
C THR A 82 0.96 -3.98 -8.80
N HIS A 83 0.01 -3.09 -9.02
CA HIS A 83 -1.40 -3.46 -8.95
C HIS A 83 -2.10 -3.08 -10.25
N SER A 84 -2.57 -4.10 -10.96
CA SER A 84 -3.25 -3.88 -12.22
C SER A 84 -4.53 -3.06 -11.99
N TRP A 85 -4.43 -1.78 -12.28
CA TRP A 85 -5.55 -0.88 -12.11
C TRP A 85 -6.79 -1.54 -12.74
N GLU A 86 -7.95 -1.05 -12.34
CA GLU A 86 -9.20 -1.57 -12.85
C GLU A 86 -9.19 -3.10 -12.80
N MET A 87 -9.32 -3.63 -11.59
CA MET A 87 -9.32 -5.07 -11.40
C MET A 87 -9.71 -5.42 -9.96
N VAL A 88 -10.97 -5.83 -9.80
CA VAL A 88 -11.46 -6.20 -8.48
C VAL A 88 -12.27 -7.50 -8.60
N GLY A 89 -11.86 -8.48 -7.81
CA GLY A 89 -12.53 -9.77 -7.81
C GLY A 89 -12.43 -10.43 -9.18
N LYS A 90 -13.55 -10.41 -9.89
CA LYS A 90 -13.61 -11.00 -11.22
C LYS A 90 -14.97 -10.69 -11.85
N LYS A 91 -14.92 -10.24 -13.09
CA LYS A 91 -16.13 -9.90 -13.81
C LYS A 91 -16.87 -8.78 -13.08
N LYS A 92 -16.61 -7.56 -13.52
CA LYS A 92 -17.23 -6.40 -12.92
C LYS A 92 -17.83 -5.51 -14.02
N GLY A 93 -18.94 -4.86 -13.67
CA GLY A 93 -19.61 -3.98 -14.61
C GLY A 93 -19.82 -2.59 -14.02
N VAL A 94 -21.02 -2.07 -14.21
CA VAL A 94 -21.36 -0.76 -13.70
C VAL A 94 -20.19 0.19 -13.91
N SER A 95 -20.15 0.78 -15.10
CA SER A 95 -19.08 1.70 -15.45
C SER A 95 -19.44 2.45 -16.73
N GLY A 96 -20.15 3.55 -16.56
CA GLY A 96 -20.55 4.37 -17.70
C GLY A 96 -19.44 5.33 -18.10
N GLN A 97 -19.16 6.29 -17.22
CA GLN A 97 -18.12 7.27 -17.48
C GLN A 97 -17.51 7.75 -16.16
N LYS A 98 -18.36 8.30 -15.32
CA LYS A 98 -17.92 8.80 -14.03
C LYS A 98 -17.00 10.01 -14.25
N SER A 99 -17.57 11.19 -14.11
CA SER A 99 -16.82 12.42 -14.28
C SER A 99 -16.75 12.78 -15.77
N GLY A 100 -16.30 11.82 -16.55
CA GLY A 100 -16.17 12.03 -17.98
C GLY A 100 -14.77 12.51 -18.36
N PRO A 101 -14.40 12.28 -19.64
CA PRO A 101 -13.09 12.69 -20.14
C PRO A 101 -13.04 14.20 -20.36
N SER A 102 -11.85 14.67 -20.70
CA SER A 102 -11.65 16.09 -20.95
C SER A 102 -11.36 16.33 -22.43
N SER A 103 -11.44 17.59 -22.82
CA SER A 103 -11.19 17.97 -24.20
C SER A 103 -9.72 17.74 -24.54
N GLY A 104 -9.48 16.67 -25.29
CA GLY A 104 -8.12 16.33 -25.69
C GLY A 104 -7.75 17.02 -27.01
N GLY A 1 9.40 -3.73 -0.12
CA GLY A 1 8.65 -4.50 -1.10
C GLY A 1 8.87 -3.96 -2.51
N SER A 2 10.02 -4.32 -3.07
CA SER A 2 10.37 -3.88 -4.41
C SER A 2 10.45 -5.07 -5.35
N SER A 3 10.49 -4.78 -6.64
CA SER A 3 10.57 -5.82 -7.64
C SER A 3 10.54 -5.20 -9.05
N GLY A 4 9.44 -4.54 -9.35
CA GLY A 4 9.29 -3.90 -10.64
C GLY A 4 8.27 -2.74 -10.57
N SER A 5 7.59 -2.53 -11.68
CA SER A 5 6.59 -1.47 -11.75
C SER A 5 5.75 -1.63 -13.01
N SER A 6 4.53 -2.11 -12.82
CA SER A 6 3.62 -2.32 -13.93
C SER A 6 2.17 -2.11 -13.47
N GLY A 7 1.31 -1.83 -14.43
CA GLY A 7 -0.09 -1.61 -14.15
C GLY A 7 -0.50 -0.17 -14.46
N ASN A 8 0.51 0.66 -14.71
CA ASN A 8 0.27 2.06 -15.02
C ASN A 8 1.28 2.51 -16.08
N GLN A 9 1.15 1.94 -17.26
CA GLN A 9 2.03 2.28 -18.36
C GLN A 9 2.30 3.78 -18.39
N ASN A 10 3.57 4.12 -18.40
CA ASN A 10 3.98 5.52 -18.42
C ASN A 10 3.22 6.24 -19.54
N GLN A 11 2.78 7.45 -19.23
CA GLN A 11 2.05 8.24 -20.20
C GLN A 11 2.78 9.56 -20.46
N THR A 12 2.33 10.27 -21.49
CA THR A 12 2.93 11.53 -21.85
C THR A 12 1.90 12.66 -21.76
N GLN A 13 2.33 13.77 -21.18
CA GLN A 13 1.46 14.92 -21.02
C GLN A 13 2.20 16.06 -20.33
N HIS A 14 2.35 17.16 -21.06
CA HIS A 14 3.04 18.32 -20.53
C HIS A 14 2.44 18.71 -19.18
N LYS A 15 1.11 18.68 -19.14
CA LYS A 15 0.39 19.02 -17.92
C LYS A 15 0.69 17.98 -16.83
N GLN A 16 0.47 18.38 -15.60
CA GLN A 16 0.72 17.50 -14.47
C GLN A 16 -0.61 16.99 -13.90
N ARG A 17 -0.73 15.67 -13.86
CA ARG A 17 -1.93 15.04 -13.34
C ARG A 17 -1.62 14.26 -12.06
N PRO A 18 -2.64 14.20 -11.16
CA PRO A 18 -2.49 13.49 -9.90
C PRO A 18 -2.52 11.98 -10.12
N GLN A 19 -1.71 11.28 -9.34
CA GLN A 19 -1.64 9.84 -9.42
C GLN A 19 -0.76 9.27 -8.30
N ALA A 20 -0.66 7.95 -8.28
CA ALA A 20 0.15 7.29 -7.26
C ALA A 20 1.44 8.07 -7.04
N THR A 21 2.04 7.84 -5.89
CA THR A 21 3.27 8.52 -5.54
C THR A 21 2.98 9.94 -5.03
N ALA A 22 2.61 10.80 -5.96
CA ALA A 22 2.30 12.18 -5.62
C ALA A 22 0.95 12.24 -4.92
N GLU A 23 0.03 11.41 -5.40
CA GLU A 23 -1.30 11.35 -4.83
C GLU A 23 -1.27 10.68 -3.46
N GLN A 24 -0.58 9.54 -3.41
CA GLN A 24 -0.47 8.80 -2.17
C GLN A 24 -0.01 9.72 -1.04
N ILE A 25 1.07 10.44 -1.30
CA ILE A 25 1.62 11.37 -0.32
C ILE A 25 0.48 12.21 0.27
N ARG A 26 -0.32 12.76 -0.63
CA ARG A 26 -1.45 13.59 -0.22
C ARG A 26 -2.51 12.74 0.46
N LEU A 27 -2.61 11.50 0.03
CA LEU A 27 -3.57 10.58 0.58
C LEU A 27 -3.20 10.25 2.03
N ALA A 28 -2.07 9.57 2.17
CA ALA A 28 -1.59 9.20 3.49
C ALA A 28 -1.63 10.41 4.41
N GLN A 29 -1.40 11.58 3.82
CA GLN A 29 -1.41 12.81 4.57
C GLN A 29 -2.83 13.16 5.01
N MET A 30 -3.78 12.81 4.15
CA MET A 30 -5.18 13.08 4.43
C MET A 30 -5.76 12.00 5.35
N ILE A 31 -5.40 10.76 5.06
CA ILE A 31 -5.89 9.64 5.85
C ILE A 31 -5.50 9.84 7.31
N SER A 32 -4.21 10.02 7.53
CA SER A 32 -3.70 10.23 8.87
C SER A 32 -4.60 11.21 9.63
N ASP A 33 -4.73 12.40 9.07
CA ASP A 33 -5.55 13.43 9.67
C ASP A 33 -6.86 12.80 10.17
N HIS A 34 -7.52 12.08 9.27
CA HIS A 34 -8.76 11.43 9.61
C HIS A 34 -8.50 9.98 10.01
N ASN A 35 -7.81 9.82 11.14
CA ASN A 35 -7.49 8.50 11.63
C ASN A 35 -8.26 8.24 12.93
N ASP A 36 -8.33 6.98 13.30
CA ASP A 36 -9.04 6.58 14.51
C ASP A 36 -8.14 5.69 15.35
N ALA A 37 -8.55 5.48 16.59
CA ALA A 37 -7.79 4.65 17.52
C ALA A 37 -7.68 3.23 16.94
N ASP A 38 -8.83 2.71 16.55
CA ASP A 38 -8.87 1.37 15.98
C ASP A 38 -7.77 1.22 14.93
N PHE A 39 -7.90 1.99 13.87
CA PHE A 39 -6.92 1.96 12.79
C PHE A 39 -5.51 2.16 13.33
N GLU A 40 -5.39 3.10 14.24
CA GLU A 40 -4.10 3.41 14.85
C GLU A 40 -3.49 2.15 15.46
N GLU A 41 -4.25 1.55 16.37
CA GLU A 41 -3.80 0.34 17.04
C GLU A 41 -3.36 -0.71 16.00
N LYS A 42 -4.14 -0.80 14.94
CA LYS A 42 -3.85 -1.74 13.88
C LYS A 42 -2.47 -1.44 13.29
N VAL A 43 -2.31 -0.19 12.85
CA VAL A 43 -1.05 0.24 12.27
C VAL A 43 0.11 -0.30 13.11
N LYS A 44 0.06 0.03 14.39
CA LYS A 44 1.11 -0.41 15.31
C LYS A 44 1.25 -1.93 15.21
N GLN A 45 0.12 -2.60 15.29
CA GLN A 45 0.11 -4.06 15.21
C GLN A 45 0.90 -4.53 13.99
N LEU A 46 0.70 -3.82 12.89
CA LEU A 46 1.38 -4.16 11.65
C LEU A 46 2.89 -4.04 11.86
N ILE A 47 3.29 -2.93 12.48
CA ILE A 47 4.69 -2.69 12.75
C ILE A 47 5.23 -3.79 13.68
N ASP A 48 4.52 -4.00 14.76
CA ASP A 48 4.91 -5.01 15.73
C ASP A 48 4.94 -6.38 15.05
N ILE A 49 3.94 -6.62 14.22
CA ILE A 49 3.84 -7.88 13.50
C ILE A 49 4.97 -7.96 12.47
N THR A 50 4.85 -7.13 11.44
CA THR A 50 5.85 -7.09 10.39
C THR A 50 7.04 -6.24 10.82
N GLY A 51 6.83 -4.92 10.78
CA GLY A 51 7.88 -3.99 11.15
C GLY A 51 8.33 -3.17 9.94
N LYS A 52 7.41 -3.02 9.00
CA LYS A 52 7.70 -2.25 7.80
C LYS A 52 7.48 -0.76 8.08
N ASN A 53 7.92 0.06 7.14
CA ASN A 53 7.78 1.50 7.27
C ASN A 53 6.35 1.83 7.72
N GLN A 54 6.26 2.45 8.87
CA GLN A 54 4.97 2.83 9.43
C GLN A 54 4.04 3.31 8.31
N ASP A 55 4.48 4.36 7.64
CA ASP A 55 3.69 4.93 6.55
C ASP A 55 3.16 3.80 5.67
N GLU A 56 4.08 2.93 5.25
CA GLU A 56 3.73 1.81 4.41
C GLU A 56 2.66 0.95 5.08
N CYS A 57 2.87 0.69 6.36
CA CYS A 57 1.94 -0.11 7.14
C CYS A 57 0.57 0.57 7.08
N VAL A 58 0.56 1.86 7.43
CA VAL A 58 -0.67 2.62 7.43
C VAL A 58 -1.30 2.56 6.04
N ILE A 59 -0.45 2.47 5.03
CA ILE A 59 -0.90 2.39 3.66
C ILE A 59 -1.44 0.99 3.37
N ALA A 60 -0.54 0.02 3.42
CA ALA A 60 -0.90 -1.36 3.18
C ALA A 60 -2.16 -1.70 3.98
N LEU A 61 -2.27 -1.08 5.14
CA LEU A 61 -3.41 -1.31 6.01
C LEU A 61 -4.68 -0.78 5.32
N HIS A 62 -4.73 0.53 5.16
CA HIS A 62 -5.86 1.17 4.52
C HIS A 62 -6.07 0.58 3.12
N ASP A 63 -5.00 0.61 2.34
CA ASP A 63 -5.04 0.09 0.99
C ASP A 63 -5.85 -1.21 0.97
N CYS A 64 -5.53 -2.08 1.92
CA CYS A 64 -6.23 -3.36 2.03
C CYS A 64 -7.68 -3.08 2.42
N ASN A 65 -7.85 -2.65 3.66
CA ASN A 65 -9.17 -2.35 4.17
C ASN A 65 -9.09 -2.11 5.68
N GLY A 66 -8.05 -1.41 6.08
CA GLY A 66 -7.85 -1.11 7.50
C GLY A 66 -7.66 -2.39 8.30
N ASP A 67 -7.45 -3.49 7.58
CA ASP A 67 -7.25 -4.78 8.21
C ASP A 67 -5.76 -5.06 8.32
N VAL A 68 -5.35 -5.46 9.53
CA VAL A 68 -3.95 -5.76 9.78
C VAL A 68 -3.58 -7.06 9.07
N ASN A 69 -4.51 -8.01 9.12
CA ASN A 69 -4.29 -9.31 8.49
C ASN A 69 -4.15 -9.11 6.98
N ARG A 70 -5.20 -8.56 6.39
CA ARG A 70 -5.21 -8.31 4.95
C ARG A 70 -3.91 -7.63 4.53
N ALA A 71 -3.55 -6.60 5.29
CA ALA A 71 -2.34 -5.85 4.99
C ALA A 71 -1.13 -6.80 5.02
N ILE A 72 -1.03 -7.54 6.12
CA ILE A 72 0.06 -8.48 6.29
C ILE A 72 0.24 -9.28 4.99
N ASN A 73 -0.87 -9.79 4.49
CA ASN A 73 -0.86 -10.57 3.26
C ASN A 73 -0.09 -9.80 2.18
N VAL A 74 -0.27 -8.49 2.19
CA VAL A 74 0.39 -7.63 1.23
C VAL A 74 1.81 -7.32 1.72
N LEU A 75 1.87 -6.83 2.95
CA LEU A 75 3.15 -6.49 3.55
C LEU A 75 4.13 -7.65 3.36
N LEU A 76 3.66 -8.83 3.72
CA LEU A 76 4.48 -10.03 3.60
C LEU A 76 4.94 -10.18 2.14
N GLU A 77 3.97 -10.38 1.27
CA GLU A 77 4.26 -10.54 -0.15
C GLU A 77 5.56 -11.33 -0.34
N GLY A 78 5.53 -12.57 0.12
CA GLY A 78 6.70 -13.44 0.01
C GLY A 78 6.46 -14.54 -1.02
N ASN A 79 6.29 -14.11 -2.26
CA ASN A 79 6.06 -15.04 -3.36
C ASN A 79 4.75 -15.80 -3.10
N PRO A 80 3.91 -15.89 -4.17
CA PRO A 80 2.64 -16.58 -4.08
C PRO A 80 2.84 -18.09 -4.06
N ASP A 81 4.07 -18.50 -4.33
CA ASP A 81 4.41 -19.92 -4.35
C ASP A 81 5.92 -20.08 -4.16
N THR A 82 6.67 -19.28 -4.90
CA THR A 82 8.12 -19.33 -4.82
C THR A 82 8.74 -18.53 -5.97
N HIS A 83 8.74 -19.15 -7.14
CA HIS A 83 9.30 -18.51 -8.32
C HIS A 83 10.80 -18.28 -8.12
N SER A 84 11.11 -17.23 -7.37
CA SER A 84 12.49 -16.90 -7.10
C SER A 84 12.59 -16.05 -5.83
N TRP A 85 13.82 -15.83 -5.38
CA TRP A 85 14.06 -15.04 -4.19
C TRP A 85 15.45 -14.43 -4.30
N GLU A 86 15.76 -13.55 -3.35
CA GLU A 86 17.05 -12.90 -3.32
C GLU A 86 17.08 -11.74 -4.33
N MET A 87 17.57 -10.60 -3.86
CA MET A 87 17.64 -9.42 -4.70
C MET A 87 18.18 -8.22 -3.91
N VAL A 88 19.50 -8.06 -3.97
CA VAL A 88 20.15 -6.96 -3.28
C VAL A 88 21.45 -6.59 -4.01
N GLY A 89 22.10 -5.55 -3.50
CA GLY A 89 23.34 -5.10 -4.10
C GLY A 89 23.72 -3.71 -3.57
N LYS A 90 24.71 -3.69 -2.69
CA LYS A 90 25.18 -2.44 -2.11
C LYS A 90 26.45 -2.70 -1.30
N LYS A 91 27.39 -1.78 -1.43
CA LYS A 91 28.65 -1.90 -0.71
C LYS A 91 29.47 -0.62 -0.92
N LYS A 92 29.99 -0.11 0.18
CA LYS A 92 30.79 1.10 0.13
C LYS A 92 31.42 1.35 1.51
N GLY A 93 32.56 2.01 1.50
CA GLY A 93 33.26 2.32 2.73
C GLY A 93 34.77 2.46 2.48
N VAL A 94 35.22 3.71 2.47
CA VAL A 94 36.63 3.98 2.24
C VAL A 94 37.08 5.09 3.21
N SER A 95 37.45 4.67 4.41
CA SER A 95 37.91 5.60 5.43
C SER A 95 38.32 4.85 6.69
N GLY A 96 39.20 5.48 7.45
CA GLY A 96 39.68 4.88 8.68
C GLY A 96 41.18 5.14 8.88
N GLN A 97 41.54 5.44 10.12
CA GLN A 97 42.93 5.72 10.45
C GLN A 97 43.06 6.05 11.94
N LYS A 98 43.57 5.10 12.68
CA LYS A 98 43.76 5.28 14.11
C LYS A 98 45.00 4.51 14.57
N SER A 99 45.30 4.63 15.85
CA SER A 99 46.45 3.96 16.42
C SER A 99 46.00 2.86 17.37
N GLY A 100 46.27 1.63 16.97
CA GLY A 100 45.89 0.48 17.77
C GLY A 100 44.76 -0.30 17.12
N PRO A 101 43.51 0.17 17.39
CA PRO A 101 42.33 -0.47 16.83
C PRO A 101 42.17 -0.14 15.35
N SER A 102 43.09 -0.69 14.56
CA SER A 102 43.06 -0.45 13.12
C SER A 102 43.32 -1.76 12.38
N SER A 103 42.25 -2.53 12.19
CA SER A 103 42.36 -3.80 11.51
C SER A 103 40.98 -4.47 11.45
N GLY A 104 40.48 -4.60 10.23
CA GLY A 104 39.19 -5.23 10.02
C GLY A 104 39.33 -6.68 9.57
N GLY A 1 23.51 42.49 -15.34
CA GLY A 1 22.11 42.27 -15.66
C GLY A 1 21.76 40.79 -15.59
N SER A 2 20.62 40.51 -14.99
CA SER A 2 20.15 39.13 -14.84
C SER A 2 18.92 38.90 -15.72
N SER A 3 18.85 37.70 -16.27
CA SER A 3 17.73 37.35 -17.12
C SER A 3 17.02 36.11 -16.57
N GLY A 4 15.86 35.81 -17.16
CA GLY A 4 15.08 34.66 -16.73
C GLY A 4 14.43 33.97 -17.92
N SER A 5 13.36 33.25 -17.63
CA SER A 5 12.62 32.54 -18.67
C SER A 5 11.37 31.90 -18.08
N SER A 6 10.34 31.79 -18.92
CA SER A 6 9.09 31.20 -18.49
C SER A 6 8.40 30.55 -19.68
N GLY A 7 7.37 29.76 -19.37
CA GLY A 7 6.62 29.07 -20.40
C GLY A 7 5.28 28.56 -19.86
N ASN A 8 4.62 27.75 -20.67
CA ASN A 8 3.33 27.19 -20.28
C ASN A 8 3.40 26.75 -18.81
N GLN A 9 2.31 27.01 -18.11
CA GLN A 9 2.23 26.64 -16.70
C GLN A 9 0.84 27.00 -16.14
N ASN A 10 0.58 26.50 -14.94
CA ASN A 10 -0.69 26.76 -14.29
C ASN A 10 -1.82 26.17 -15.13
N GLN A 11 -2.84 25.66 -14.45
CA GLN A 11 -3.98 25.06 -15.11
C GLN A 11 -3.51 24.06 -16.17
N THR A 12 -3.00 22.93 -15.68
CA THR A 12 -2.52 21.88 -16.57
C THR A 12 -2.67 20.52 -15.91
N GLN A 13 -3.75 19.84 -16.26
CA GLN A 13 -4.02 18.52 -15.72
C GLN A 13 -2.85 17.58 -15.99
N HIS A 14 -2.38 16.95 -14.93
CA HIS A 14 -1.26 16.02 -15.06
C HIS A 14 -1.77 14.69 -15.61
N LYS A 15 -2.58 14.02 -14.81
CA LYS A 15 -3.13 12.74 -15.21
C LYS A 15 -2.05 11.91 -15.90
N GLN A 16 -0.88 11.90 -15.29
CA GLN A 16 0.24 11.15 -15.85
C GLN A 16 1.08 10.54 -14.73
N ARG A 17 2.00 9.66 -15.13
CA ARG A 17 2.87 9.00 -14.18
C ARG A 17 2.03 8.17 -13.19
N PRO A 18 2.75 7.27 -12.46
CA PRO A 18 2.09 6.41 -11.49
C PRO A 18 1.71 7.19 -10.24
N GLN A 19 1.23 6.46 -9.24
CA GLN A 19 0.83 7.07 -7.98
C GLN A 19 1.60 6.45 -6.81
N ALA A 20 2.92 6.53 -6.91
CA ALA A 20 3.77 5.98 -5.87
C ALA A 20 5.06 6.80 -5.78
N THR A 21 4.89 8.09 -5.52
CA THR A 21 6.03 9.00 -5.41
C THR A 21 5.64 10.24 -4.61
N ALA A 22 4.82 11.08 -5.24
CA ALA A 22 4.37 12.31 -4.61
C ALA A 22 3.02 12.06 -3.94
N GLU A 23 2.10 11.51 -4.72
CA GLU A 23 0.76 11.22 -4.21
C GLU A 23 0.86 10.58 -2.82
N GLN A 24 1.56 9.45 -2.77
CA GLN A 24 1.72 8.73 -1.52
C GLN A 24 1.94 9.71 -0.37
N ILE A 25 2.99 10.51 -0.50
CA ILE A 25 3.32 11.49 0.52
C ILE A 25 2.04 12.18 1.00
N ARG A 26 1.35 12.79 0.05
CA ARG A 26 0.11 13.50 0.36
C ARG A 26 -0.91 12.51 0.93
N LEU A 27 -0.96 11.33 0.34
CA LEU A 27 -1.88 10.30 0.78
C LEU A 27 -1.67 10.05 2.28
N ALA A 28 -0.49 9.52 2.60
CA ALA A 28 -0.15 9.22 3.98
C ALA A 28 -0.44 10.46 4.84
N GLN A 29 -0.36 11.62 4.21
CA GLN A 29 -0.61 12.87 4.91
C GLN A 29 -2.12 13.10 5.08
N MET A 30 -2.87 12.63 4.09
CA MET A 30 -4.31 12.78 4.13
C MET A 30 -4.96 11.68 4.98
N ILE A 31 -4.51 10.46 4.74
CA ILE A 31 -5.02 9.32 5.47
C ILE A 31 -4.81 9.54 6.97
N SER A 32 -3.57 9.81 7.33
CA SER A 32 -3.21 10.05 8.72
C SER A 32 -4.25 10.98 9.37
N ASP A 33 -4.37 12.17 8.81
CA ASP A 33 -5.31 13.15 9.32
C ASP A 33 -6.62 12.45 9.68
N HIS A 34 -7.10 11.66 8.75
CA HIS A 34 -8.35 10.93 8.97
C HIS A 34 -8.03 9.54 9.54
N ASN A 35 -7.53 9.55 10.77
CA ASN A 35 -7.19 8.31 11.43
C ASN A 35 -8.06 8.14 12.67
N ASP A 36 -7.96 6.96 13.28
CA ASP A 36 -8.74 6.67 14.47
C ASP A 36 -7.97 5.69 15.35
N ALA A 37 -8.28 5.71 16.64
CA ALA A 37 -7.63 4.83 17.59
C ALA A 37 -7.58 3.42 17.01
N ASP A 38 -8.73 2.95 16.57
CA ASP A 38 -8.83 1.61 16.00
C ASP A 38 -7.71 1.42 14.98
N PHE A 39 -7.80 2.20 13.90
CA PHE A 39 -6.81 2.12 12.84
C PHE A 39 -5.39 2.27 13.40
N GLU A 40 -5.26 3.20 14.35
CA GLU A 40 -3.98 3.45 14.98
C GLU A 40 -3.42 2.17 15.59
N GLU A 41 -4.21 1.58 16.47
CA GLU A 41 -3.81 0.35 17.14
C GLU A 41 -3.42 -0.70 16.10
N LYS A 42 -4.15 -0.71 15.00
CA LYS A 42 -3.89 -1.65 13.93
C LYS A 42 -2.51 -1.38 13.33
N VAL A 43 -2.34 -0.15 12.87
CA VAL A 43 -1.08 0.27 12.28
C VAL A 43 0.07 -0.28 13.12
N LYS A 44 0.00 -0.01 14.41
CA LYS A 44 1.04 -0.47 15.33
C LYS A 44 1.15 -1.99 15.24
N GLN A 45 0.00 -2.65 15.22
CA GLN A 45 -0.04 -4.09 15.14
C GLN A 45 0.73 -4.58 13.92
N LEU A 46 0.61 -3.81 12.84
CA LEU A 46 1.29 -4.16 11.60
C LEU A 46 2.80 -4.07 11.81
N ILE A 47 3.21 -2.97 12.45
CA ILE A 47 4.62 -2.75 12.72
C ILE A 47 5.14 -3.86 13.65
N ASP A 48 4.50 -3.97 14.79
CA ASP A 48 4.88 -4.98 15.78
C ASP A 48 4.91 -6.35 15.11
N ILE A 49 3.90 -6.58 14.26
CA ILE A 49 3.80 -7.85 13.56
C ILE A 49 4.93 -7.94 12.53
N THR A 50 4.82 -7.12 11.50
CA THR A 50 5.82 -7.10 10.44
C THR A 50 7.03 -6.26 10.87
N GLY A 51 6.80 -4.96 10.95
CA GLY A 51 7.86 -4.03 11.33
C GLY A 51 8.33 -3.20 10.14
N LYS A 52 7.47 -3.11 9.15
CA LYS A 52 7.78 -2.35 7.94
C LYS A 52 7.64 -0.86 8.24
N ASN A 53 7.86 -0.06 7.20
CA ASN A 53 7.75 1.38 7.32
C ASN A 53 6.33 1.75 7.74
N GLN A 54 6.22 2.37 8.89
CA GLN A 54 4.93 2.78 9.41
C GLN A 54 4.05 3.32 8.27
N ASP A 55 4.53 4.36 7.63
CA ASP A 55 3.81 4.96 6.52
C ASP A 55 3.22 3.85 5.64
N GLU A 56 4.07 2.90 5.31
CA GLU A 56 3.66 1.78 4.48
C GLU A 56 2.58 0.96 5.18
N CYS A 57 2.90 0.55 6.40
CA CYS A 57 1.97 -0.24 7.20
C CYS A 57 0.60 0.44 7.16
N VAL A 58 0.62 1.75 7.36
CA VAL A 58 -0.60 2.53 7.35
C VAL A 58 -1.24 2.45 5.97
N ILE A 59 -0.39 2.43 4.95
CA ILE A 59 -0.86 2.35 3.58
C ILE A 59 -1.51 0.98 3.34
N ALA A 60 -0.68 -0.05 3.46
CA ALA A 60 -1.16 -1.41 3.26
C ALA A 60 -2.48 -1.59 4.01
N LEU A 61 -2.47 -1.21 5.27
CA LEU A 61 -3.65 -1.33 6.11
C LEU A 61 -4.85 -0.73 5.37
N HIS A 62 -4.76 0.55 5.08
CA HIS A 62 -5.82 1.25 4.38
C HIS A 62 -6.07 0.57 3.03
N ASP A 63 -5.03 0.55 2.22
CA ASP A 63 -5.12 -0.07 0.90
C ASP A 63 -5.94 -1.35 1.00
N CYS A 64 -5.60 -2.16 1.99
CA CYS A 64 -6.31 -3.42 2.21
C CYS A 64 -7.75 -3.10 2.56
N ASN A 65 -7.93 -2.54 3.75
CA ASN A 65 -9.26 -2.19 4.22
C ASN A 65 -9.25 -2.10 5.75
N GLY A 66 -8.21 -1.44 6.26
CA GLY A 66 -8.08 -1.27 7.70
C GLY A 66 -7.88 -2.62 8.39
N ASP A 67 -7.59 -3.63 7.58
CA ASP A 67 -7.36 -4.97 8.09
C ASP A 67 -5.87 -5.19 8.30
N VAL A 68 -5.54 -5.75 9.46
CA VAL A 68 -4.16 -6.02 9.79
C VAL A 68 -3.70 -7.29 9.07
N ASN A 69 -4.62 -8.25 9.00
CA ASN A 69 -4.33 -9.52 8.34
C ASN A 69 -4.09 -9.27 6.85
N ARG A 70 -5.14 -8.83 6.19
CA ARG A 70 -5.07 -8.54 4.76
C ARG A 70 -3.79 -7.77 4.44
N ALA A 71 -3.50 -6.78 5.29
CA ALA A 71 -2.32 -5.96 5.10
C ALA A 71 -1.08 -6.85 5.12
N ILE A 72 -0.95 -7.62 6.20
CA ILE A 72 0.18 -8.51 6.35
C ILE A 72 0.38 -9.30 5.05
N ASN A 73 -0.73 -9.76 4.50
CA ASN A 73 -0.69 -10.53 3.26
C ASN A 73 0.05 -9.72 2.19
N VAL A 74 -0.21 -8.42 2.19
CA VAL A 74 0.42 -7.53 1.23
C VAL A 74 1.83 -7.18 1.72
N LEU A 75 1.89 -6.70 2.96
CA LEU A 75 3.16 -6.32 3.55
C LEU A 75 4.20 -7.42 3.27
N LEU A 76 3.83 -8.64 3.63
CA LEU A 76 4.72 -9.78 3.43
C LEU A 76 5.08 -9.86 1.94
N GLU A 77 4.06 -10.10 1.13
CA GLU A 77 4.27 -10.22 -0.31
C GLU A 77 5.17 -9.08 -0.81
N GLY A 78 4.67 -7.86 -0.66
CA GLY A 78 5.42 -6.69 -1.08
C GLY A 78 5.11 -6.35 -2.54
N ASN A 79 5.65 -5.22 -2.98
CA ASN A 79 5.44 -4.77 -4.34
C ASN A 79 6.31 -3.54 -4.60
N PRO A 80 7.08 -3.60 -5.72
CA PRO A 80 7.96 -2.51 -6.10
C PRO A 80 7.16 -1.34 -6.69
N ASP A 81 6.09 -1.69 -7.37
CA ASP A 81 5.23 -0.69 -7.98
C ASP A 81 3.81 -1.24 -8.09
N THR A 82 3.69 -2.38 -8.73
CA THR A 82 2.40 -3.01 -8.92
C THR A 82 1.38 -2.00 -9.43
N HIS A 83 1.21 -1.99 -10.75
CA HIS A 83 0.26 -1.08 -11.37
C HIS A 83 -0.56 -1.83 -12.42
N SER A 84 -1.84 -1.51 -12.47
CA SER A 84 -2.74 -2.14 -13.41
C SER A 84 -3.77 -1.13 -13.91
N TRP A 85 -3.32 -0.25 -14.78
CA TRP A 85 -4.18 0.77 -15.34
C TRP A 85 -3.41 1.48 -16.46
N GLU A 86 -2.20 1.90 -16.12
CA GLU A 86 -1.35 2.60 -17.08
C GLU A 86 -1.13 1.72 -18.32
N MET A 87 -1.69 2.17 -19.43
CA MET A 87 -1.56 1.44 -20.68
C MET A 87 -1.73 -0.05 -20.47
N VAL A 88 -2.98 -0.48 -20.48
CA VAL A 88 -3.30 -1.89 -20.29
C VAL A 88 -4.13 -2.39 -21.47
N GLY A 89 -5.15 -1.61 -21.81
CA GLY A 89 -6.02 -1.96 -22.91
C GLY A 89 -5.33 -1.74 -24.25
N LYS A 90 -4.23 -2.46 -24.44
CA LYS A 90 -3.47 -2.35 -25.67
C LYS A 90 -2.99 -0.90 -25.85
N LYS A 91 -2.00 -0.54 -25.06
CA LYS A 91 -1.45 0.81 -25.11
C LYS A 91 -2.59 1.81 -25.24
N LYS A 92 -3.41 1.87 -24.21
CA LYS A 92 -4.54 2.79 -24.19
C LYS A 92 -5.57 2.33 -25.23
N GLY A 93 -6.83 2.34 -24.82
CA GLY A 93 -7.91 1.93 -25.70
C GLY A 93 -9.24 2.52 -25.24
N VAL A 94 -9.42 3.79 -25.57
CA VAL A 94 -10.64 4.49 -25.20
C VAL A 94 -10.83 4.41 -23.69
N SER A 95 -10.11 5.26 -22.98
CA SER A 95 -10.20 5.29 -21.53
C SER A 95 -11.66 5.40 -21.10
N GLY A 96 -12.32 6.44 -21.56
CA GLY A 96 -13.72 6.65 -21.23
C GLY A 96 -13.86 7.64 -20.06
N GLN A 97 -14.32 8.83 -20.38
CA GLN A 97 -14.50 9.86 -19.37
C GLN A 97 -15.33 9.32 -18.21
N LYS A 98 -15.02 9.81 -17.02
CA LYS A 98 -15.72 9.39 -15.82
C LYS A 98 -16.16 10.62 -15.03
N SER A 99 -17.46 10.86 -15.04
CA SER A 99 -18.01 12.00 -14.32
C SER A 99 -19.54 11.92 -14.32
N GLY A 100 -20.14 12.77 -13.50
CA GLY A 100 -21.59 12.81 -13.39
C GLY A 100 -22.13 14.22 -13.66
N PRO A 101 -22.55 14.44 -14.93
CA PRO A 101 -23.09 15.74 -15.32
C PRO A 101 -24.50 15.94 -14.79
N SER A 102 -24.93 17.18 -14.81
CA SER A 102 -26.26 17.52 -14.31
C SER A 102 -26.99 18.40 -15.33
N SER A 103 -28.16 17.94 -15.73
CA SER A 103 -28.97 18.67 -16.71
C SER A 103 -30.19 19.28 -16.02
N GLY A 104 -30.47 20.53 -16.37
CA GLY A 104 -31.60 21.23 -15.79
C GLY A 104 -31.45 21.37 -14.28
N GLY A 1 -11.41 -8.39 -28.37
CA GLY A 1 -11.56 -6.95 -28.50
C GLY A 1 -10.54 -6.38 -29.49
N SER A 2 -10.98 -5.39 -30.24
CA SER A 2 -10.11 -4.76 -31.23
C SER A 2 -9.16 -3.78 -30.54
N SER A 3 -8.02 -4.30 -30.13
CA SER A 3 -7.01 -3.49 -29.45
C SER A 3 -5.62 -4.08 -29.68
N GLY A 4 -4.81 -3.32 -30.40
CA GLY A 4 -3.45 -3.75 -30.69
C GLY A 4 -2.43 -2.77 -30.12
N SER A 5 -1.24 -3.30 -29.84
CA SER A 5 -0.17 -2.49 -29.29
C SER A 5 1.15 -2.83 -29.97
N SER A 6 1.84 -1.79 -30.42
CA SER A 6 3.12 -1.97 -31.09
C SER A 6 4.26 -1.52 -30.17
N GLY A 7 5.18 -2.43 -29.94
CA GLY A 7 6.32 -2.13 -29.08
C GLY A 7 7.63 -2.36 -29.83
N ASN A 8 8.24 -3.51 -29.57
CA ASN A 8 9.50 -3.85 -30.21
C ASN A 8 9.64 -5.36 -30.26
N GLN A 9 9.47 -5.98 -29.11
CA GLN A 9 9.57 -7.43 -29.00
C GLN A 9 8.50 -7.98 -28.05
N ASN A 10 8.57 -7.52 -26.81
CA ASN A 10 7.62 -7.95 -25.81
C ASN A 10 7.64 -6.96 -24.64
N GLN A 11 6.45 -6.61 -24.17
CA GLN A 11 6.31 -5.68 -23.06
C GLN A 11 4.84 -5.59 -22.63
N THR A 12 4.42 -6.59 -21.88
CA THR A 12 3.05 -6.64 -21.38
C THR A 12 2.95 -5.89 -20.05
N GLN A 13 2.48 -4.65 -20.13
CA GLN A 13 2.31 -3.84 -18.94
C GLN A 13 1.54 -4.59 -17.87
N HIS A 14 1.47 -3.99 -16.69
CA HIS A 14 0.76 -4.60 -15.58
C HIS A 14 0.34 -3.51 -14.58
N LYS A 15 -0.89 -3.06 -14.76
CA LYS A 15 -1.43 -2.02 -13.89
C LYS A 15 -0.53 -0.78 -13.97
N GLN A 16 -0.84 0.07 -14.95
CA GLN A 16 -0.08 1.28 -15.15
C GLN A 16 -0.63 2.40 -14.26
N ARG A 17 -0.10 3.61 -14.48
CA ARG A 17 -0.54 4.76 -13.71
C ARG A 17 0.20 4.82 -12.37
N PRO A 18 0.92 5.95 -12.16
CA PRO A 18 1.68 6.13 -10.94
C PRO A 18 0.74 6.47 -9.77
N GLN A 19 0.84 5.66 -8.72
CA GLN A 19 0.01 5.86 -7.54
C GLN A 19 0.78 5.47 -6.28
N ALA A 20 2.09 5.39 -6.42
CA ALA A 20 2.95 5.02 -5.31
C ALA A 20 4.18 5.92 -5.30
N THR A 21 4.01 7.11 -5.87
CA THR A 21 5.11 8.08 -5.93
C THR A 21 4.69 9.39 -5.25
N ALA A 22 3.85 10.14 -5.96
CA ALA A 22 3.38 11.41 -5.45
C ALA A 22 2.05 11.19 -4.71
N GLU A 23 1.14 10.51 -5.38
CA GLU A 23 -0.16 10.23 -4.80
C GLU A 23 0.00 9.70 -3.38
N GLN A 24 0.81 8.66 -3.25
CA GLN A 24 1.05 8.06 -1.95
C GLN A 24 1.24 9.13 -0.89
N ILE A 25 2.24 9.97 -1.11
CA ILE A 25 2.54 11.04 -0.17
C ILE A 25 1.22 11.68 0.30
N ARG A 26 0.43 12.10 -0.67
CA ARG A 26 -0.85 12.73 -0.38
C ARG A 26 -1.78 11.72 0.31
N LEU A 27 -1.79 10.50 -0.23
CA LEU A 27 -2.63 9.45 0.31
C LEU A 27 -2.38 9.32 1.81
N ALA A 28 -1.13 8.99 2.14
CA ALA A 28 -0.74 8.83 3.54
C ALA A 28 -1.13 10.09 4.31
N GLN A 29 -1.10 11.21 3.61
CA GLN A 29 -1.44 12.50 4.22
C GLN A 29 -2.95 12.58 4.43
N MET A 30 -3.69 12.00 3.52
CA MET A 30 -5.14 12.01 3.59
C MET A 30 -5.64 10.92 4.54
N ILE A 31 -5.03 9.76 4.44
CA ILE A 31 -5.40 8.63 5.28
C ILE A 31 -5.25 9.02 6.76
N SER A 32 -4.11 9.63 7.05
CA SER A 32 -3.83 10.07 8.41
C SER A 32 -4.99 10.92 8.93
N ASP A 33 -5.34 11.93 8.15
CA ASP A 33 -6.43 12.82 8.52
C ASP A 33 -7.64 12.00 8.92
N HIS A 34 -7.92 10.99 8.11
CA HIS A 34 -9.05 10.11 8.36
C HIS A 34 -8.58 8.84 9.04
N ASN A 35 -8.19 8.99 10.31
CA ASN A 35 -7.72 7.85 11.09
C ASN A 35 -8.54 7.74 12.37
N ASP A 36 -8.29 6.67 13.11
CA ASP A 36 -8.99 6.43 14.36
C ASP A 36 -8.17 5.49 15.23
N ALA A 37 -8.52 5.45 16.51
CA ALA A 37 -7.83 4.60 17.46
C ALA A 37 -7.71 3.19 16.88
N ASP A 38 -8.86 2.67 16.43
CA ASP A 38 -8.89 1.33 15.86
C ASP A 38 -7.76 1.19 14.84
N PHE A 39 -7.83 2.01 13.80
CA PHE A 39 -6.82 1.98 12.76
C PHE A 39 -5.42 2.23 13.33
N GLU A 40 -5.36 3.18 14.27
CA GLU A 40 -4.11 3.52 14.90
C GLU A 40 -3.49 2.28 15.55
N GLU A 41 -4.26 1.66 16.43
CA GLU A 41 -3.80 0.46 17.12
C GLU A 41 -3.40 -0.62 16.12
N LYS A 42 -4.14 -0.66 15.02
CA LYS A 42 -3.87 -1.64 13.97
C LYS A 42 -2.50 -1.36 13.36
N VAL A 43 -2.32 -0.11 12.93
CA VAL A 43 -1.07 0.29 12.32
C VAL A 43 0.10 -0.29 13.14
N LYS A 44 0.13 0.05 14.41
CA LYS A 44 1.17 -0.43 15.29
C LYS A 44 1.26 -1.96 15.20
N GLN A 45 0.10 -2.59 15.29
CA GLN A 45 0.03 -4.04 15.21
C GLN A 45 0.80 -4.54 13.98
N LEU A 46 0.63 -3.81 12.89
CA LEU A 46 1.30 -4.17 11.64
C LEU A 46 2.81 -4.07 11.83
N ILE A 47 3.22 -2.98 12.47
CA ILE A 47 4.63 -2.75 12.72
C ILE A 47 5.17 -3.87 13.61
N ASP A 48 4.58 -3.99 14.78
CA ASP A 48 4.98 -5.02 15.73
C ASP A 48 4.98 -6.37 15.04
N ILE A 49 3.94 -6.60 14.24
CA ILE A 49 3.81 -7.86 13.52
C ILE A 49 4.96 -7.98 12.52
N THR A 50 4.91 -7.14 11.50
CA THR A 50 5.93 -7.16 10.47
C THR A 50 7.10 -6.27 10.87
N GLY A 51 6.85 -4.97 10.88
CA GLY A 51 7.87 -4.00 11.25
C GLY A 51 8.28 -3.16 10.04
N LYS A 52 7.38 -3.07 9.08
CA LYS A 52 7.63 -2.30 7.88
C LYS A 52 7.44 -0.81 8.17
N ASN A 53 7.89 0.01 7.24
CA ASN A 53 7.78 1.45 7.39
C ASN A 53 6.35 1.80 7.80
N GLN A 54 6.23 2.42 8.97
CA GLN A 54 4.93 2.81 9.48
C GLN A 54 4.05 3.33 8.34
N ASP A 55 4.56 4.33 7.64
CA ASP A 55 3.84 4.93 6.53
C ASP A 55 3.28 3.82 5.64
N GLU A 56 4.16 2.88 5.30
CA GLU A 56 3.77 1.77 4.45
C GLU A 56 2.64 0.97 5.11
N CYS A 57 2.85 0.65 6.38
CA CYS A 57 1.87 -0.10 7.14
C CYS A 57 0.54 0.65 7.10
N VAL A 58 0.60 1.91 7.50
CA VAL A 58 -0.58 2.75 7.51
C VAL A 58 -1.25 2.71 6.13
N ILE A 59 -0.41 2.56 5.11
CA ILE A 59 -0.90 2.51 3.75
C ILE A 59 -1.48 1.13 3.47
N ALA A 60 -0.60 0.14 3.41
CA ALA A 60 -1.01 -1.23 3.15
C ALA A 60 -2.30 -1.52 3.93
N LEU A 61 -2.28 -1.14 5.20
CA LEU A 61 -3.44 -1.35 6.05
C LEU A 61 -4.71 -0.90 5.32
N HIS A 62 -4.78 0.40 5.08
CA HIS A 62 -5.93 0.97 4.41
C HIS A 62 -6.01 0.41 2.98
N ASP A 63 -4.90 0.50 2.27
CA ASP A 63 -4.83 0.00 0.91
C ASP A 63 -5.59 -1.32 0.82
N CYS A 64 -5.32 -2.18 1.80
CA CYS A 64 -5.96 -3.49 1.84
C CYS A 64 -7.43 -3.28 2.21
N ASN A 65 -7.65 -2.91 3.46
CA ASN A 65 -9.00 -2.68 3.95
C ASN A 65 -8.95 -2.34 5.43
N GLY A 66 -7.94 -1.56 5.80
CA GLY A 66 -7.76 -1.16 7.19
C GLY A 66 -7.61 -2.37 8.10
N ASP A 67 -7.36 -3.51 7.47
CA ASP A 67 -7.19 -4.75 8.21
C ASP A 67 -5.71 -5.05 8.38
N VAL A 68 -5.36 -5.55 9.55
CA VAL A 68 -3.97 -5.88 9.86
C VAL A 68 -3.59 -7.16 9.10
N ASN A 69 -4.47 -8.14 9.17
CA ASN A 69 -4.23 -9.41 8.50
C ASN A 69 -4.11 -9.17 7.00
N ARG A 70 -5.19 -8.67 6.43
CA ARG A 70 -5.23 -8.40 5.00
C ARG A 70 -3.95 -7.68 4.57
N ALA A 71 -3.50 -6.78 5.43
CA ALA A 71 -2.30 -6.01 5.16
C ALA A 71 -1.10 -6.94 5.14
N ILE A 72 -0.93 -7.68 6.23
CA ILE A 72 0.18 -8.61 6.35
C ILE A 72 0.28 -9.44 5.06
N ASN A 73 -0.88 -9.73 4.49
CA ASN A 73 -0.93 -10.51 3.27
C ASN A 73 -0.17 -9.76 2.16
N VAL A 74 -0.37 -8.45 2.13
CA VAL A 74 0.30 -7.62 1.14
C VAL A 74 1.71 -7.27 1.63
N LEU A 75 1.76 -6.77 2.85
CA LEU A 75 3.03 -6.40 3.45
C LEU A 75 4.07 -7.49 3.18
N LEU A 76 3.70 -8.71 3.55
CA LEU A 76 4.58 -9.85 3.36
C LEU A 76 4.76 -10.09 1.86
N GLU A 77 3.64 -10.38 1.20
CA GLU A 77 3.66 -10.64 -0.23
C GLU A 77 4.87 -11.51 -0.59
N GLY A 78 5.23 -12.39 0.33
CA GLY A 78 6.35 -13.28 0.12
C GLY A 78 5.88 -14.70 -0.18
N ASN A 79 5.26 -14.85 -1.35
CA ASN A 79 4.76 -16.14 -1.77
C ASN A 79 5.76 -16.80 -2.73
N PRO A 80 5.85 -18.15 -2.62
CA PRO A 80 6.77 -18.89 -3.47
C PRO A 80 6.22 -19.00 -4.90
N ASP A 81 5.03 -19.57 -5.00
CA ASP A 81 4.39 -19.74 -6.30
C ASP A 81 2.89 -20.00 -6.09
N THR A 82 2.18 -18.93 -5.81
CA THR A 82 0.74 -19.02 -5.59
C THR A 82 0.06 -19.66 -6.80
N HIS A 83 -0.97 -20.44 -6.52
CA HIS A 83 -1.71 -21.11 -7.57
C HIS A 83 -2.36 -20.07 -8.49
N SER A 84 -3.35 -19.37 -7.92
CA SER A 84 -4.05 -18.35 -8.67
C SER A 84 -4.11 -17.05 -7.86
N TRP A 85 -4.50 -15.98 -8.54
CA TRP A 85 -4.61 -14.68 -7.90
C TRP A 85 -6.02 -14.14 -8.16
N GLU A 86 -6.41 -13.20 -7.32
CA GLU A 86 -7.72 -12.59 -7.44
C GLU A 86 -7.70 -11.47 -8.48
N MET A 87 -8.89 -10.98 -8.80
CA MET A 87 -9.01 -9.90 -9.77
C MET A 87 -9.11 -8.54 -9.08
N VAL A 88 -8.18 -8.31 -8.16
CA VAL A 88 -8.16 -7.07 -7.42
C VAL A 88 -8.30 -5.90 -8.39
N GLY A 89 -7.44 -5.90 -9.40
CA GLY A 89 -7.45 -4.86 -10.40
C GLY A 89 -6.50 -5.19 -11.56
N LYS A 90 -7.02 -5.95 -12.50
CA LYS A 90 -6.23 -6.34 -13.66
C LYS A 90 -6.96 -5.92 -14.94
N LYS A 91 -6.17 -5.45 -15.90
CA LYS A 91 -6.74 -5.01 -17.17
C LYS A 91 -5.67 -5.12 -18.26
N LYS A 92 -6.09 -4.84 -19.48
CA LYS A 92 -5.18 -4.91 -20.61
C LYS A 92 -4.44 -3.58 -20.75
N GLY A 93 -5.17 -2.57 -21.17
CA GLY A 93 -4.59 -1.24 -21.34
C GLY A 93 -4.89 -0.69 -22.74
N VAL A 94 -5.37 0.54 -22.76
CA VAL A 94 -5.70 1.19 -24.02
C VAL A 94 -6.02 2.66 -23.76
N SER A 95 -5.61 3.50 -24.71
CA SER A 95 -5.85 4.93 -24.59
C SER A 95 -7.35 5.21 -24.61
N GLY A 96 -7.73 6.28 -23.92
CA GLY A 96 -9.13 6.66 -23.86
C GLY A 96 -9.88 5.83 -22.81
N GLN A 97 -10.13 6.47 -21.67
CA GLN A 97 -10.83 5.80 -20.59
C GLN A 97 -12.12 5.15 -21.10
N LYS A 98 -12.52 4.09 -20.43
CA LYS A 98 -13.73 3.37 -20.81
C LYS A 98 -14.04 2.32 -19.75
N SER A 99 -14.75 2.75 -18.73
CA SER A 99 -15.13 1.85 -17.64
C SER A 99 -15.86 0.63 -18.21
N GLY A 100 -17.03 0.90 -18.77
CA GLY A 100 -17.84 -0.17 -19.34
C GLY A 100 -17.75 -0.16 -20.87
N PRO A 101 -18.05 -1.35 -21.46
CA PRO A 101 -17.99 -1.48 -22.91
C PRO A 101 -19.20 -0.82 -23.57
N SER A 102 -20.38 -1.29 -23.20
CA SER A 102 -21.61 -0.75 -23.75
C SER A 102 -22.29 0.13 -22.71
N SER A 103 -22.91 1.20 -23.20
CA SER A 103 -23.60 2.14 -22.33
C SER A 103 -24.73 2.83 -23.09
N GLY A 104 -25.65 3.40 -22.32
CA GLY A 104 -26.78 4.09 -22.92
C GLY A 104 -26.40 5.52 -23.29
N GLY A 1 -20.59 4.24 -18.65
CA GLY A 1 -21.36 4.98 -19.64
C GLY A 1 -21.04 4.49 -21.05
N SER A 2 -21.06 5.43 -21.99
CA SER A 2 -20.77 5.10 -23.38
C SER A 2 -19.70 6.04 -23.92
N SER A 3 -18.48 5.50 -24.03
CA SER A 3 -17.36 6.26 -24.53
C SER A 3 -16.55 5.42 -25.51
N GLY A 4 -16.10 6.08 -26.58
CA GLY A 4 -15.32 5.41 -27.59
C GLY A 4 -14.25 6.35 -28.17
N SER A 5 -13.66 5.91 -29.28
CA SER A 5 -12.63 6.69 -29.93
C SER A 5 -12.12 5.95 -31.17
N SER A 6 -11.61 4.75 -30.93
CA SER A 6 -11.09 3.93 -32.00
C SER A 6 -11.64 2.51 -31.90
N GLY A 7 -12.15 2.01 -33.02
CA GLY A 7 -12.71 0.67 -33.07
C GLY A 7 -13.78 0.49 -31.98
N ASN A 8 -13.36 -0.12 -30.88
CA ASN A 8 -14.27 -0.35 -29.77
C ASN A 8 -13.47 -0.88 -28.58
N GLN A 9 -14.11 -0.82 -27.41
CA GLN A 9 -13.48 -1.28 -26.19
C GLN A 9 -12.17 -0.52 -25.95
N ASN A 10 -12.31 0.71 -25.50
CA ASN A 10 -11.15 1.54 -25.23
C ASN A 10 -10.74 1.38 -23.77
N GLN A 11 -11.70 1.62 -22.88
CA GLN A 11 -11.45 1.49 -21.45
C GLN A 11 -10.14 2.20 -21.09
N THR A 12 -10.21 3.52 -21.05
CA THR A 12 -9.05 4.32 -20.72
C THR A 12 -8.47 3.89 -19.37
N GLN A 13 -7.19 3.54 -19.39
CA GLN A 13 -6.51 3.10 -18.19
C GLN A 13 -7.14 1.82 -17.65
N HIS A 14 -6.30 0.80 -17.50
CA HIS A 14 -6.76 -0.48 -17.00
C HIS A 14 -7.54 -0.28 -15.69
N LYS A 15 -6.82 0.21 -14.69
CA LYS A 15 -7.43 0.45 -13.39
C LYS A 15 -6.48 1.31 -12.54
N GLN A 16 -5.33 0.74 -12.23
CA GLN A 16 -4.34 1.43 -11.44
C GLN A 16 -4.92 1.83 -10.07
N ARG A 17 -4.71 0.97 -9.10
CA ARG A 17 -5.21 1.22 -7.76
C ARG A 17 -4.90 2.65 -7.34
N PRO A 18 -5.87 3.26 -6.61
CA PRO A 18 -5.72 4.62 -6.13
C PRO A 18 -4.75 4.68 -4.95
N GLN A 19 -4.57 5.89 -4.43
CA GLN A 19 -3.69 6.09 -3.29
C GLN A 19 -2.44 5.23 -3.44
N ALA A 20 -1.58 5.62 -4.38
CA ALA A 20 -0.35 4.90 -4.62
C ALA A 20 0.74 5.88 -5.05
N THR A 21 0.38 6.75 -5.99
CA THR A 21 1.32 7.74 -6.49
C THR A 21 1.49 8.86 -5.47
N ALA A 22 2.05 9.97 -5.95
CA ALA A 22 2.28 11.12 -5.08
C ALA A 22 1.07 11.32 -4.17
N GLU A 23 -0.09 10.97 -4.70
CA GLU A 23 -1.32 11.11 -3.95
C GLU A 23 -1.20 10.41 -2.59
N GLN A 24 -0.83 9.14 -2.64
CA GLN A 24 -0.67 8.35 -1.44
C GLN A 24 0.03 9.18 -0.36
N ILE A 25 1.24 9.62 -0.68
CA ILE A 25 2.02 10.42 0.25
C ILE A 25 1.09 11.43 0.95
N ARG A 26 0.47 12.27 0.14
CA ARG A 26 -0.44 13.28 0.66
C ARG A 26 -1.59 12.61 1.41
N LEU A 27 -2.13 11.57 0.80
CA LEU A 27 -3.24 10.85 1.39
C LEU A 27 -2.87 10.42 2.81
N ALA A 28 -1.85 9.59 2.89
CA ALA A 28 -1.37 9.11 4.18
C ALA A 28 -1.21 10.29 5.14
N GLN A 29 -0.80 11.41 4.58
CA GLN A 29 -0.60 12.62 5.36
C GLN A 29 -1.94 13.21 5.78
N MET A 30 -2.93 13.03 4.91
CA MET A 30 -4.26 13.54 5.17
C MET A 30 -5.05 12.58 6.08
N ILE A 31 -4.87 11.30 5.82
CA ILE A 31 -5.55 10.28 6.60
C ILE A 31 -5.12 10.41 8.07
N SER A 32 -3.84 10.66 8.27
CA SER A 32 -3.30 10.80 9.61
C SER A 32 -4.11 11.85 10.38
N ASP A 33 -4.25 13.01 9.78
CA ASP A 33 -4.99 14.09 10.40
C ASP A 33 -6.32 13.56 10.93
N HIS A 34 -6.96 12.73 10.11
CA HIS A 34 -8.23 12.14 10.48
C HIS A 34 -8.06 10.64 10.71
N ASN A 35 -7.43 10.31 11.83
CA ASN A 35 -7.19 8.93 12.18
C ASN A 35 -7.95 8.59 13.47
N ASP A 36 -8.07 7.29 13.72
CA ASP A 36 -8.77 6.83 14.91
C ASP A 36 -7.92 5.77 15.62
N ALA A 37 -8.19 5.61 16.91
CA ALA A 37 -7.46 4.64 17.71
C ALA A 37 -7.59 3.27 17.06
N ASP A 38 -8.75 3.03 16.46
CA ASP A 38 -9.01 1.76 15.80
C ASP A 38 -7.86 1.45 14.83
N PHE A 39 -7.83 2.19 13.74
CA PHE A 39 -6.80 2.01 12.73
C PHE A 39 -5.41 2.11 13.35
N GLU A 40 -5.21 3.17 14.13
CA GLU A 40 -3.94 3.39 14.78
C GLU A 40 -3.40 2.09 15.36
N GLU A 41 -4.16 1.53 16.29
CA GLU A 41 -3.77 0.29 16.93
C GLU A 41 -3.35 -0.74 15.88
N LYS A 42 -4.18 -0.86 14.85
CA LYS A 42 -3.90 -1.80 13.77
C LYS A 42 -2.51 -1.53 13.21
N VAL A 43 -2.29 -0.27 12.84
CA VAL A 43 -1.00 0.12 12.29
C VAL A 43 0.11 -0.44 13.16
N LYS A 44 0.07 -0.08 14.44
CA LYS A 44 1.08 -0.54 15.38
C LYS A 44 1.19 -2.06 15.31
N GLN A 45 0.02 -2.71 15.34
CA GLN A 45 -0.02 -4.16 15.28
C GLN A 45 0.80 -4.66 14.09
N LEU A 46 0.72 -3.93 12.99
CA LEU A 46 1.45 -4.29 11.79
C LEU A 46 2.95 -4.16 12.05
N ILE A 47 3.32 -3.03 12.64
CA ILE A 47 4.71 -2.77 12.95
C ILE A 47 5.21 -3.81 13.95
N ASP A 48 4.42 -4.00 15.00
CA ASP A 48 4.76 -4.95 16.04
C ASP A 48 4.80 -6.36 15.44
N ILE A 49 3.84 -6.62 14.56
CA ILE A 49 3.75 -7.92 13.92
C ILE A 49 4.91 -8.07 12.92
N THR A 50 4.82 -7.29 11.85
CA THR A 50 5.85 -7.33 10.82
C THR A 50 6.99 -6.39 11.17
N GLY A 51 6.71 -5.09 11.11
CA GLY A 51 7.70 -4.08 11.42
C GLY A 51 8.16 -3.36 10.15
N LYS A 52 7.28 -3.35 9.17
CA LYS A 52 7.59 -2.69 7.91
C LYS A 52 7.44 -1.18 8.08
N ASN A 53 7.83 -0.46 7.03
CA ASN A 53 7.75 1.00 7.05
C ASN A 53 6.38 1.41 7.58
N GLN A 54 6.39 2.08 8.73
CA GLN A 54 5.16 2.54 9.35
C GLN A 54 4.19 3.04 8.28
N ASP A 55 4.64 4.02 7.51
CA ASP A 55 3.82 4.59 6.46
C ASP A 55 3.20 3.46 5.63
N GLU A 56 4.06 2.66 5.04
CA GLU A 56 3.60 1.54 4.23
C GLU A 56 2.48 0.78 4.94
N CYS A 57 2.71 0.54 6.23
CA CYS A 57 1.74 -0.18 7.04
C CYS A 57 0.40 0.59 6.97
N VAL A 58 0.47 1.85 7.33
CA VAL A 58 -0.71 2.70 7.31
C VAL A 58 -1.40 2.59 5.95
N ILE A 59 -0.59 2.67 4.91
CA ILE A 59 -1.10 2.58 3.55
C ILE A 59 -1.67 1.18 3.32
N ALA A 60 -0.77 0.21 3.24
CA ALA A 60 -1.17 -1.17 3.02
C ALA A 60 -2.41 -1.47 3.85
N LEU A 61 -2.34 -1.09 5.12
CA LEU A 61 -3.45 -1.31 6.03
C LEU A 61 -4.75 -0.88 5.36
N HIS A 62 -4.85 0.41 5.10
CA HIS A 62 -6.03 0.97 4.46
C HIS A 62 -6.19 0.37 3.07
N ASP A 63 -5.12 0.48 2.29
CA ASP A 63 -5.12 -0.05 0.93
C ASP A 63 -5.86 -1.39 0.91
N CYS A 64 -5.43 -2.27 1.80
CA CYS A 64 -6.04 -3.60 1.90
C CYS A 64 -7.51 -3.42 2.30
N ASN A 65 -7.70 -2.99 3.54
CA ASN A 65 -9.04 -2.78 4.05
C ASN A 65 -8.97 -2.51 5.56
N GLY A 66 -7.98 -1.71 5.93
CA GLY A 66 -7.78 -1.36 7.33
C GLY A 66 -7.64 -2.61 8.19
N ASP A 67 -7.35 -3.73 7.53
CA ASP A 67 -7.19 -4.99 8.21
C ASP A 67 -5.69 -5.29 8.38
N VAL A 68 -5.30 -5.50 9.62
CA VAL A 68 -3.91 -5.80 9.92
C VAL A 68 -3.50 -7.10 9.22
N ASN A 69 -4.44 -8.03 9.18
CA ASN A 69 -4.19 -9.32 8.55
C ASN A 69 -4.07 -9.11 7.03
N ARG A 70 -5.16 -8.69 6.43
CA ARG A 70 -5.18 -8.46 5.00
C ARG A 70 -3.93 -7.70 4.57
N ALA A 71 -3.53 -6.76 5.42
CA ALA A 71 -2.36 -5.94 5.13
C ALA A 71 -1.12 -6.86 5.06
N ILE A 72 -0.94 -7.62 6.13
CA ILE A 72 0.20 -8.53 6.20
C ILE A 72 0.40 -9.21 4.85
N ASN A 73 -0.71 -9.70 4.30
CA ASN A 73 -0.68 -10.37 3.02
C ASN A 73 0.09 -9.51 2.02
N VAL A 74 -0.26 -8.23 2.01
CA VAL A 74 0.39 -7.29 1.10
C VAL A 74 1.77 -6.93 1.65
N LEU A 75 1.78 -6.50 2.91
CA LEU A 75 3.03 -6.13 3.56
C LEU A 75 4.08 -7.21 3.30
N LEU A 76 3.82 -8.39 3.83
CA LEU A 76 4.72 -9.51 3.67
C LEU A 76 5.19 -9.58 2.21
N GLU A 77 4.24 -9.86 1.33
CA GLU A 77 4.54 -9.95 -0.08
C GLU A 77 5.70 -10.92 -0.32
N GLY A 78 5.41 -12.20 -0.18
CA GLY A 78 6.42 -13.22 -0.37
C GLY A 78 5.82 -14.63 -0.19
N ASN A 79 6.54 -15.61 -0.70
CA ASN A 79 6.10 -16.99 -0.60
C ASN A 79 4.77 -17.15 -1.37
N PRO A 80 4.67 -18.29 -2.11
CA PRO A 80 3.48 -18.57 -2.89
C PRO A 80 2.33 -19.01 -1.98
N ASP A 81 2.66 -19.92 -1.06
CA ASP A 81 1.67 -20.43 -0.13
C ASP A 81 2.36 -21.37 0.86
N THR A 82 2.91 -20.75 1.91
CA THR A 82 3.60 -21.52 2.94
C THR A 82 2.82 -21.44 4.25
N HIS A 83 2.48 -20.23 4.64
CA HIS A 83 1.74 -20.01 5.86
C HIS A 83 0.58 -19.06 5.60
N SER A 84 -0.26 -18.89 6.62
CA SER A 84 -1.41 -18.02 6.51
C SER A 84 -2.17 -17.98 7.84
N TRP A 85 -3.12 -17.05 7.92
CA TRP A 85 -3.91 -16.90 9.13
C TRP A 85 -5.34 -16.54 8.71
N GLU A 86 -6.29 -17.02 9.50
CA GLU A 86 -7.69 -16.75 9.23
C GLU A 86 -8.02 -15.28 9.50
N MET A 87 -8.60 -14.64 8.49
CA MET A 87 -8.97 -13.24 8.62
C MET A 87 -9.69 -12.97 9.94
N VAL A 88 -10.50 -13.95 10.35
CA VAL A 88 -11.24 -13.84 11.59
C VAL A 88 -11.64 -15.23 12.07
N GLY A 89 -12.49 -15.88 11.30
CA GLY A 89 -12.96 -17.21 11.63
C GLY A 89 -14.46 -17.35 11.42
N LYS A 90 -15.18 -17.46 12.52
CA LYS A 90 -16.63 -17.60 12.47
C LYS A 90 -17.27 -16.27 12.88
N LYS A 91 -17.04 -15.90 14.13
CA LYS A 91 -17.59 -14.66 14.66
C LYS A 91 -16.92 -14.34 16.00
N LYS A 92 -17.34 -13.22 16.57
CA LYS A 92 -16.79 -12.78 17.84
C LYS A 92 -17.91 -12.19 18.70
N GLY A 93 -17.56 -11.89 19.94
CA GLY A 93 -18.53 -11.31 20.87
C GLY A 93 -18.72 -9.81 20.60
N VAL A 94 -19.65 -9.24 21.34
CA VAL A 94 -19.94 -7.82 21.20
C VAL A 94 -20.14 -7.21 22.58
N SER A 95 -21.10 -7.76 23.31
CA SER A 95 -21.40 -7.27 24.64
C SER A 95 -22.44 -8.18 25.31
N GLY A 96 -22.63 -7.96 26.60
CA GLY A 96 -23.60 -8.74 27.36
C GLY A 96 -24.57 -7.84 28.11
N GLN A 97 -25.13 -8.38 29.17
CA GLN A 97 -26.08 -7.64 29.98
C GLN A 97 -25.74 -7.76 31.47
N LYS A 98 -26.11 -6.75 32.22
CA LYS A 98 -25.84 -6.73 33.65
C LYS A 98 -27.17 -6.87 34.41
N SER A 99 -27.09 -7.57 35.54
CA SER A 99 -28.26 -7.78 36.37
C SER A 99 -27.85 -8.37 37.72
N GLY A 100 -28.67 -8.09 38.73
CA GLY A 100 -28.40 -8.59 40.06
C GLY A 100 -29.66 -8.54 40.93
N PRO A 101 -30.37 -9.69 40.99
CA PRO A 101 -31.58 -9.79 41.78
C PRO A 101 -31.26 -9.85 43.28
N SER A 102 -32.33 -9.95 44.07
CA SER A 102 -32.18 -10.02 45.51
C SER A 102 -32.21 -11.48 45.97
N SER A 103 -33.36 -12.10 45.79
CA SER A 103 -33.54 -13.48 46.18
C SER A 103 -34.20 -14.27 45.05
N GLY A 104 -33.97 -15.56 45.05
CA GLY A 104 -34.54 -16.43 44.02
C GLY A 104 -36.01 -16.12 43.80
N GLY A 1 -11.04 14.12 -18.70
CA GLY A 1 -10.96 15.57 -18.77
C GLY A 1 -10.53 16.02 -20.17
N SER A 2 -11.53 16.20 -21.04
CA SER A 2 -11.26 16.63 -22.39
C SER A 2 -10.35 17.85 -22.41
N SER A 3 -10.75 18.86 -21.65
CA SER A 3 -9.99 20.08 -21.55
C SER A 3 -9.92 20.55 -20.10
N GLY A 4 -11.09 20.80 -19.54
CA GLY A 4 -11.18 21.25 -18.16
C GLY A 4 -11.48 22.75 -18.09
N SER A 5 -10.53 23.54 -18.57
CA SER A 5 -10.67 24.98 -18.57
C SER A 5 -10.82 25.49 -17.14
N SER A 6 -9.69 25.86 -16.55
CA SER A 6 -9.69 26.36 -15.19
C SER A 6 -10.09 25.24 -14.21
N GLY A 7 -9.82 25.49 -12.94
CA GLY A 7 -10.16 24.52 -11.91
C GLY A 7 -9.61 24.96 -10.55
N ASN A 8 -9.18 23.98 -9.77
CA ASN A 8 -8.62 24.25 -8.45
C ASN A 8 -7.11 24.44 -8.57
N GLN A 9 -6.58 25.26 -7.67
CA GLN A 9 -5.15 25.54 -7.65
C GLN A 9 -4.75 26.27 -8.93
N ASN A 10 -3.94 27.31 -8.74
CA ASN A 10 -3.46 28.10 -9.86
C ASN A 10 -2.25 28.92 -9.42
N GLN A 11 -1.62 29.54 -10.40
CA GLN A 11 -0.44 30.36 -10.14
C GLN A 11 0.76 29.47 -9.80
N THR A 12 0.58 28.66 -8.76
CA THR A 12 1.64 27.77 -8.32
C THR A 12 1.85 26.65 -9.35
N GLN A 13 0.80 25.87 -9.55
CA GLN A 13 0.85 24.77 -10.50
C GLN A 13 -0.25 24.92 -11.54
N HIS A 14 -0.16 24.09 -12.57
CA HIS A 14 -1.14 24.11 -13.65
C HIS A 14 -2.05 22.88 -13.55
N LYS A 15 -1.41 21.73 -13.38
CA LYS A 15 -2.14 20.48 -13.27
C LYS A 15 -1.14 19.34 -13.04
N GLN A 16 -0.07 19.36 -13.84
CA GLN A 16 0.95 18.34 -13.72
C GLN A 16 1.29 18.08 -12.26
N ARG A 17 0.77 16.96 -11.76
CA ARG A 17 1.01 16.59 -10.37
C ARG A 17 1.39 15.10 -10.28
N PRO A 18 2.09 14.76 -9.17
CA PRO A 18 2.52 13.38 -8.95
C PRO A 18 1.33 12.51 -8.52
N GLN A 19 0.97 12.65 -7.25
CA GLN A 19 -0.13 11.88 -6.71
C GLN A 19 0.23 10.39 -6.66
N ALA A 20 -0.27 9.73 -5.61
CA ALA A 20 0.00 8.31 -5.44
C ALA A 20 1.35 8.13 -4.74
N THR A 21 2.36 8.78 -5.32
CA THR A 21 3.70 8.70 -4.77
C THR A 21 3.75 9.34 -3.37
N ALA A 22 4.27 10.55 -3.33
CA ALA A 22 4.38 11.28 -2.08
C ALA A 22 2.98 11.61 -1.56
N GLU A 23 2.18 12.17 -2.46
CA GLU A 23 0.82 12.55 -2.11
C GLU A 23 0.19 11.48 -1.20
N GLN A 24 0.14 10.27 -1.72
CA GLN A 24 -0.43 9.15 -0.98
C GLN A 24 0.24 9.03 0.40
N ILE A 25 1.56 8.99 0.37
CA ILE A 25 2.33 8.87 1.59
C ILE A 25 1.77 9.84 2.64
N ARG A 26 1.66 11.10 2.23
CA ARG A 26 1.13 12.12 3.11
C ARG A 26 -0.33 11.85 3.44
N LEU A 27 -1.07 11.47 2.41
CA LEU A 27 -2.49 11.18 2.57
C LEU A 27 -2.65 10.09 3.63
N ALA A 28 -1.91 9.01 3.45
CA ALA A 28 -1.97 7.89 4.38
C ALA A 28 -1.48 8.36 5.76
N GLN A 29 -0.48 9.22 5.73
CA GLN A 29 0.09 9.74 6.97
C GLN A 29 -0.93 10.66 7.66
N MET A 30 -1.70 11.35 6.84
CA MET A 30 -2.71 12.27 7.37
C MET A 30 -3.99 11.52 7.74
N ILE A 31 -4.38 10.60 6.85
CA ILE A 31 -5.58 9.82 7.07
C ILE A 31 -5.53 9.19 8.46
N SER A 32 -4.41 8.52 8.74
CA SER A 32 -4.23 7.88 10.03
C SER A 32 -4.64 8.82 11.16
N ASP A 33 -4.08 10.02 11.11
CA ASP A 33 -4.38 11.03 12.11
C ASP A 33 -5.89 11.25 12.18
N HIS A 34 -6.50 11.31 11.00
CA HIS A 34 -7.94 11.51 10.91
C HIS A 34 -8.61 10.23 10.42
N ASN A 35 -8.95 9.38 11.38
CA ASN A 35 -9.59 8.12 11.07
C ASN A 35 -10.25 7.56 12.33
N ASP A 36 -9.40 7.13 13.25
CA ASP A 36 -9.87 6.57 14.51
C ASP A 36 -8.70 5.93 15.25
N ALA A 37 -9.01 5.43 16.44
CA ALA A 37 -7.99 4.78 17.26
C ALA A 37 -7.80 3.34 16.79
N ASP A 38 -8.91 2.73 16.39
CA ASP A 38 -8.88 1.35 15.92
C ASP A 38 -7.75 1.19 14.89
N PHE A 39 -7.87 1.96 13.81
CA PHE A 39 -6.88 1.91 12.75
C PHE A 39 -5.47 2.12 13.31
N GLU A 40 -5.37 3.06 14.24
CA GLU A 40 -4.10 3.37 14.86
C GLU A 40 -3.49 2.11 15.48
N GLU A 41 -4.25 1.50 16.38
CA GLU A 41 -3.81 0.30 17.05
C GLU A 41 -3.36 -0.76 16.02
N LYS A 42 -4.13 -0.84 14.94
CA LYS A 42 -3.83 -1.78 13.89
C LYS A 42 -2.43 -1.48 13.31
N VAL A 43 -2.27 -0.24 12.89
CA VAL A 43 -1.01 0.20 12.32
C VAL A 43 0.14 -0.32 13.19
N LYS A 44 0.06 0.00 14.47
CA LYS A 44 1.09 -0.43 15.41
C LYS A 44 1.25 -1.95 15.32
N GLN A 45 0.11 -2.64 15.34
CA GLN A 45 0.11 -4.09 15.26
C GLN A 45 0.94 -4.55 14.06
N LEU A 46 0.80 -3.82 12.96
CA LEU A 46 1.53 -4.15 11.75
C LEU A 46 3.03 -3.99 11.99
N ILE A 47 3.38 -2.89 12.65
CA ILE A 47 4.78 -2.61 12.95
C ILE A 47 5.30 -3.68 13.92
N ASP A 48 4.46 -4.00 14.89
CA ASP A 48 4.83 -5.00 15.88
C ASP A 48 4.86 -6.38 15.24
N ILE A 49 3.93 -6.59 14.30
CA ILE A 49 3.84 -7.85 13.60
C ILE A 49 4.97 -7.94 12.57
N THR A 50 4.85 -7.13 11.53
CA THR A 50 5.84 -7.10 10.48
C THR A 50 7.05 -6.27 10.90
N GLY A 51 6.85 -4.95 10.91
CA GLY A 51 7.91 -4.04 11.29
C GLY A 51 8.38 -3.22 10.09
N LYS A 52 7.47 -3.04 9.14
CA LYS A 52 7.79 -2.28 7.94
C LYS A 52 7.59 -0.79 8.23
N ASN A 53 7.94 0.02 7.24
CA ASN A 53 7.81 1.46 7.36
C ASN A 53 6.38 1.81 7.77
N GLN A 54 6.26 2.44 8.92
CA GLN A 54 4.96 2.83 9.44
C GLN A 54 4.07 3.32 8.29
N ASP A 55 4.53 4.37 7.63
CA ASP A 55 3.78 4.94 6.52
C ASP A 55 3.27 3.82 5.62
N GLU A 56 4.19 2.94 5.25
CA GLU A 56 3.86 1.82 4.39
C GLU A 56 2.79 0.95 5.05
N CYS A 57 3.00 0.67 6.33
CA CYS A 57 2.08 -0.14 7.09
C CYS A 57 0.69 0.49 6.99
N VAL A 58 0.64 1.78 7.32
CA VAL A 58 -0.60 2.52 7.28
C VAL A 58 -1.19 2.45 5.86
N ILE A 59 -0.29 2.45 4.89
CA ILE A 59 -0.69 2.38 3.49
C ILE A 59 -1.34 1.03 3.22
N ALA A 60 -0.58 -0.02 3.46
CA ALA A 60 -1.07 -1.37 3.24
C ALA A 60 -2.37 -1.58 4.02
N LEU A 61 -2.33 -1.19 5.28
CA LEU A 61 -3.50 -1.32 6.13
C LEU A 61 -4.72 -0.74 5.42
N HIS A 62 -4.64 0.55 5.12
CA HIS A 62 -5.73 1.23 4.44
C HIS A 62 -5.97 0.57 3.08
N ASP A 63 -4.90 0.50 2.29
CA ASP A 63 -4.99 -0.10 0.98
C ASP A 63 -5.86 -1.35 1.04
N CYS A 64 -5.52 -2.23 1.98
CA CYS A 64 -6.27 -3.46 2.15
C CYS A 64 -7.68 -3.11 2.61
N ASN A 65 -7.76 -2.62 3.84
CA ASN A 65 -9.03 -2.24 4.42
C ASN A 65 -8.95 -2.31 5.94
N GLY A 66 -8.19 -1.38 6.50
CA GLY A 66 -8.01 -1.31 7.94
C GLY A 66 -7.93 -2.72 8.54
N ASP A 67 -7.40 -3.63 7.75
CA ASP A 67 -7.26 -5.02 8.19
C ASP A 67 -5.77 -5.34 8.36
N VAL A 68 -5.38 -5.52 9.61
CA VAL A 68 -4.00 -5.84 9.93
C VAL A 68 -3.61 -7.14 9.23
N ASN A 69 -4.55 -8.07 9.23
CA ASN A 69 -4.31 -9.37 8.59
C ASN A 69 -4.14 -9.18 7.09
N ARG A 70 -5.19 -8.66 6.47
CA ARG A 70 -5.17 -8.42 5.04
C ARG A 70 -3.89 -7.67 4.65
N ALA A 71 -3.54 -6.70 5.48
CA ALA A 71 -2.35 -5.90 5.22
C ALA A 71 -1.14 -6.82 5.16
N ILE A 72 -1.00 -7.65 6.19
CA ILE A 72 0.11 -8.58 6.27
C ILE A 72 0.20 -9.37 4.96
N ASN A 73 -0.96 -9.70 4.43
CA ASN A 73 -1.03 -10.45 3.19
C ASN A 73 -0.40 -9.62 2.06
N VAL A 74 -0.41 -8.31 2.25
CA VAL A 74 0.16 -7.41 1.27
C VAL A 74 1.61 -7.08 1.65
N LEU A 75 1.78 -6.68 2.90
CA LEU A 75 3.09 -6.33 3.40
C LEU A 75 4.08 -7.45 3.05
N LEU A 76 3.68 -8.67 3.38
CA LEU A 76 4.51 -9.83 3.10
C LEU A 76 4.75 -9.93 1.59
N GLU A 77 3.66 -10.17 0.87
CA GLU A 77 3.73 -10.29 -0.58
C GLU A 77 4.96 -11.11 -0.97
N GLY A 78 5.18 -12.18 -0.24
CA GLY A 78 6.32 -13.05 -0.50
C GLY A 78 7.30 -13.05 0.67
N ASN A 79 8.51 -12.60 0.38
CA ASN A 79 9.56 -12.53 1.39
C ASN A 79 10.14 -11.12 1.41
N PRO A 80 10.57 -10.70 2.64
CA PRO A 80 11.15 -9.38 2.81
C PRO A 80 12.58 -9.33 2.26
N ASP A 81 13.42 -10.20 2.79
CA ASP A 81 14.80 -10.27 2.35
C ASP A 81 15.28 -11.72 2.39
N THR A 82 14.31 -12.63 2.33
CA THR A 82 14.61 -14.04 2.35
C THR A 82 15.27 -14.43 3.68
N HIS A 83 14.42 -14.62 4.69
CA HIS A 83 14.91 -14.98 6.01
C HIS A 83 15.54 -16.38 5.95
N SER A 84 16.87 -16.40 6.04
CA SER A 84 17.60 -17.64 6.00
C SER A 84 16.97 -18.59 4.97
N TRP A 85 17.28 -18.33 3.72
CA TRP A 85 16.76 -19.15 2.63
C TRP A 85 15.24 -19.03 2.64
N GLU A 86 14.63 -19.33 1.50
CA GLU A 86 13.19 -19.26 1.36
C GLU A 86 12.55 -20.58 1.81
N MET A 87 11.58 -20.47 2.70
CA MET A 87 10.90 -21.64 3.21
C MET A 87 9.47 -21.29 3.64
N VAL A 88 8.54 -22.17 3.28
CA VAL A 88 7.15 -21.96 3.61
C VAL A 88 6.84 -22.64 4.95
N GLY A 89 6.03 -21.98 5.75
CA GLY A 89 5.66 -22.50 7.05
C GLY A 89 4.66 -23.66 6.91
N LYS A 90 4.26 -24.19 8.05
CA LYS A 90 3.31 -25.30 8.07
C LYS A 90 2.41 -25.16 9.30
N LYS A 91 3.04 -25.28 10.47
CA LYS A 91 2.31 -25.18 11.72
C LYS A 91 1.97 -23.72 11.99
N LYS A 92 1.07 -23.18 11.17
CA LYS A 92 0.66 -21.79 11.31
C LYS A 92 -0.87 -21.73 11.23
N GLY A 93 -1.45 -21.15 12.28
CA GLY A 93 -2.90 -21.01 12.34
C GLY A 93 -3.40 -21.19 13.76
N VAL A 94 -4.70 -20.99 13.93
CA VAL A 94 -5.32 -21.13 15.24
C VAL A 94 -5.39 -22.61 15.61
N SER A 95 -5.33 -22.87 16.91
CA SER A 95 -5.38 -24.24 17.41
C SER A 95 -6.83 -24.71 17.46
N GLY A 96 -7.64 -23.99 18.21
CA GLY A 96 -9.04 -24.33 18.36
C GLY A 96 -9.56 -23.96 19.75
N GLN A 97 -10.64 -24.61 20.14
CA GLN A 97 -11.24 -24.37 21.44
C GLN A 97 -12.47 -25.27 21.63
N LYS A 98 -12.78 -25.52 22.90
CA LYS A 98 -13.91 -26.36 23.24
C LYS A 98 -13.65 -27.79 22.75
N SER A 99 -14.05 -28.74 23.58
CA SER A 99 -13.87 -30.14 23.25
C SER A 99 -14.50 -31.03 24.33
N GLY A 100 -14.95 -32.19 23.91
CA GLY A 100 -15.57 -33.13 24.82
C GLY A 100 -15.44 -34.57 24.31
N PRO A 101 -14.19 -35.10 24.38
CA PRO A 101 -13.93 -36.44 23.93
C PRO A 101 -14.45 -37.47 24.94
N SER A 102 -14.01 -37.32 26.18
CA SER A 102 -14.43 -38.22 27.24
C SER A 102 -15.92 -38.55 27.09
N SER A 103 -16.23 -39.83 27.19
CA SER A 103 -17.61 -40.27 27.07
C SER A 103 -17.98 -41.17 28.27
N GLY A 104 -18.82 -40.62 29.13
CA GLY A 104 -19.25 -41.35 30.31
C GLY A 104 -20.27 -42.44 29.94
N GLY A 1 18.08 -13.72 2.72
CA GLY A 1 17.71 -12.65 1.82
C GLY A 1 16.51 -13.05 0.96
N SER A 2 16.72 -14.08 0.16
CA SER A 2 15.66 -14.57 -0.72
C SER A 2 15.30 -13.49 -1.75
N SER A 3 15.74 -13.71 -2.98
CA SER A 3 15.46 -12.77 -4.05
C SER A 3 15.72 -13.44 -5.41
N GLY A 4 14.74 -13.30 -6.29
CA GLY A 4 14.86 -13.87 -7.62
C GLY A 4 13.76 -13.35 -8.54
N SER A 5 13.88 -12.08 -8.89
CA SER A 5 12.90 -11.45 -9.76
C SER A 5 12.71 -12.28 -11.03
N SER A 6 11.47 -12.37 -11.45
CA SER A 6 11.14 -13.14 -12.65
C SER A 6 11.20 -12.23 -13.88
N GLY A 7 12.39 -12.13 -14.45
CA GLY A 7 12.60 -11.31 -15.62
C GLY A 7 13.81 -10.39 -15.45
N ASN A 8 13.69 -9.19 -15.97
CA ASN A 8 14.76 -8.21 -15.87
C ASN A 8 14.22 -6.91 -15.28
N GLN A 9 14.32 -6.83 -13.95
CA GLN A 9 13.85 -5.65 -13.24
C GLN A 9 12.42 -5.31 -13.69
N ASN A 10 11.47 -5.72 -12.87
CA ASN A 10 10.06 -5.46 -13.15
C ASN A 10 9.73 -4.03 -12.76
N GLN A 11 9.74 -3.16 -13.77
CA GLN A 11 9.44 -1.75 -13.55
C GLN A 11 9.34 -1.02 -14.88
N THR A 12 8.17 -1.13 -15.50
CA THR A 12 7.94 -0.48 -16.77
C THR A 12 7.23 0.86 -16.57
N GLN A 13 7.96 1.93 -16.85
CA GLN A 13 7.42 3.27 -16.70
C GLN A 13 6.91 3.79 -18.04
N HIS A 14 5.66 4.22 -18.05
CA HIS A 14 5.05 4.74 -19.25
C HIS A 14 4.35 6.06 -18.94
N LYS A 15 5.11 7.15 -19.10
CA LYS A 15 4.57 8.48 -18.84
C LYS A 15 4.31 8.64 -17.34
N GLN A 16 5.40 8.85 -16.61
CA GLN A 16 5.30 9.02 -15.16
C GLN A 16 4.08 9.87 -14.80
N ARG A 17 3.34 9.39 -13.82
CA ARG A 17 2.15 10.09 -13.37
C ARG A 17 2.38 10.73 -12.01
N PRO A 18 1.60 11.81 -11.73
CA PRO A 18 1.71 12.52 -10.47
C PRO A 18 1.09 11.72 -9.32
N GLN A 19 0.93 12.40 -8.19
CA GLN A 19 0.34 11.76 -7.03
C GLN A 19 1.05 10.44 -6.73
N ALA A 20 2.08 10.53 -5.89
CA ALA A 20 2.85 9.36 -5.53
C ALA A 20 4.16 9.79 -4.87
N THR A 21 4.67 10.91 -5.34
CA THR A 21 5.93 11.45 -4.82
C THR A 21 5.67 12.21 -3.51
N ALA A 22 5.55 13.52 -3.65
CA ALA A 22 5.30 14.37 -2.50
C ALA A 22 3.88 14.12 -1.97
N GLU A 23 2.98 13.86 -2.91
CA GLU A 23 1.59 13.60 -2.56
C GLU A 23 1.51 12.50 -1.51
N GLN A 24 2.08 11.36 -1.86
CA GLN A 24 2.07 10.21 -0.96
C GLN A 24 2.41 10.67 0.46
N ILE A 25 3.56 11.30 0.61
CA ILE A 25 4.00 11.78 1.90
C ILE A 25 2.83 12.43 2.62
N ARG A 26 2.23 13.41 1.95
CA ARG A 26 1.10 14.13 2.52
C ARG A 26 -0.08 13.17 2.73
N LEU A 27 -0.28 12.31 1.75
CA LEU A 27 -1.37 11.34 1.81
C LEU A 27 -1.27 10.56 3.12
N ALA A 28 -0.17 9.84 3.27
CA ALA A 28 0.06 9.05 4.46
C ALA A 28 -0.11 9.94 5.70
N GLN A 29 0.17 11.22 5.50
CA GLN A 29 0.05 12.18 6.58
C GLN A 29 -1.42 12.55 6.83
N MET A 30 -2.17 12.55 5.74
CA MET A 30 -3.59 12.89 5.82
C MET A 30 -4.41 11.65 6.20
N ILE A 31 -4.03 10.52 5.62
CA ILE A 31 -4.72 9.28 5.90
C ILE A 31 -4.73 9.02 7.41
N SER A 32 -3.54 8.91 7.97
CA SER A 32 -3.40 8.67 9.39
C SER A 32 -4.42 9.50 10.17
N ASP A 33 -4.33 10.82 9.98
CA ASP A 33 -5.24 11.73 10.65
C ASP A 33 -6.68 11.25 10.45
N HIS A 34 -7.07 11.16 9.19
CA HIS A 34 -8.41 10.72 8.85
C HIS A 34 -8.77 9.49 9.68
N ASN A 35 -7.95 8.46 9.54
CA ASN A 35 -8.17 7.22 10.27
C ASN A 35 -8.46 7.55 11.74
N ASP A 36 -8.91 6.52 12.46
CA ASP A 36 -9.23 6.69 13.86
C ASP A 36 -8.24 5.87 14.70
N ALA A 37 -8.46 5.90 16.01
CA ALA A 37 -7.60 5.17 16.93
C ALA A 37 -7.58 3.69 16.54
N ASP A 38 -8.76 3.18 16.26
CA ASP A 38 -8.90 1.78 15.87
C ASP A 38 -7.78 1.41 14.89
N PHE A 39 -7.75 2.14 13.78
CA PHE A 39 -6.75 1.90 12.75
C PHE A 39 -5.34 2.07 13.33
N GLU A 40 -5.18 3.12 14.13
CA GLU A 40 -3.89 3.40 14.73
C GLU A 40 -3.36 2.15 15.45
N GLU A 41 -4.15 1.68 16.40
CA GLU A 41 -3.76 0.50 17.16
C GLU A 41 -3.42 -0.66 16.21
N LYS A 42 -4.08 -0.66 15.06
CA LYS A 42 -3.86 -1.69 14.07
C LYS A 42 -2.50 -1.45 13.39
N VAL A 43 -2.31 -0.23 12.93
CA VAL A 43 -1.07 0.13 12.27
C VAL A 43 0.11 -0.37 13.10
N LYS A 44 0.10 -0.01 14.37
CA LYS A 44 1.16 -0.41 15.27
C LYS A 44 1.28 -1.93 15.27
N GLN A 45 0.12 -2.58 15.27
CA GLN A 45 0.07 -4.04 15.27
C GLN A 45 0.83 -4.58 14.06
N LEU A 46 0.70 -3.87 12.94
CA LEU A 46 1.36 -4.28 11.71
C LEU A 46 2.88 -4.21 11.91
N ILE A 47 3.31 -3.15 12.54
CA ILE A 47 4.72 -2.95 12.80
C ILE A 47 5.24 -4.07 13.70
N ASP A 48 4.63 -4.15 14.88
CA ASP A 48 5.02 -5.17 15.85
C ASP A 48 4.96 -6.55 15.18
N ILE A 49 3.92 -6.74 14.39
CA ILE A 49 3.73 -8.00 13.68
C ILE A 49 4.87 -8.19 12.68
N THR A 50 4.85 -7.36 11.64
CA THR A 50 5.86 -7.43 10.61
C THR A 50 7.08 -6.59 11.00
N GLY A 51 6.87 -5.28 11.00
CA GLY A 51 7.94 -4.36 11.35
C GLY A 51 8.38 -3.54 10.14
N LYS A 52 7.46 -3.41 9.18
CA LYS A 52 7.74 -2.67 7.97
C LYS A 52 7.61 -1.17 8.26
N ASN A 53 7.81 -0.37 7.22
CA ASN A 53 7.72 1.07 7.34
C ASN A 53 6.29 1.45 7.78
N GLN A 54 6.22 2.09 8.94
CA GLN A 54 4.94 2.51 9.47
C GLN A 54 4.04 3.04 8.35
N ASP A 55 4.54 4.06 7.66
CA ASP A 55 3.80 4.65 6.57
C ASP A 55 3.25 3.56 5.66
N GLU A 56 4.16 2.71 5.20
CA GLU A 56 3.78 1.60 4.34
C GLU A 56 2.65 0.78 4.97
N CYS A 57 2.81 0.53 6.26
CA CYS A 57 1.82 -0.23 6.99
C CYS A 57 0.47 0.47 6.86
N VAL A 58 0.47 1.75 7.20
CA VAL A 58 -0.75 2.54 7.12
C VAL A 58 -1.37 2.38 5.73
N ILE A 59 -0.52 2.46 4.72
CA ILE A 59 -0.98 2.32 3.35
C ILE A 59 -1.70 0.97 3.19
N ALA A 60 -0.94 -0.09 3.39
CA ALA A 60 -1.49 -1.43 3.27
C ALA A 60 -2.79 -1.52 4.06
N LEU A 61 -2.67 -1.35 5.37
CA LEU A 61 -3.83 -1.40 6.25
C LEU A 61 -4.97 -0.57 5.63
N HIS A 62 -4.69 0.71 5.45
CA HIS A 62 -5.68 1.61 4.88
C HIS A 62 -6.26 0.99 3.60
N ASP A 63 -5.35 0.59 2.71
CA ASP A 63 -5.76 -0.02 1.46
C ASP A 63 -6.66 -1.23 1.74
N CYS A 64 -6.18 -2.09 2.63
CA CYS A 64 -6.93 -3.27 2.99
C CYS A 64 -8.23 -2.83 3.66
N ASN A 65 -8.24 -1.60 4.13
CA ASN A 65 -9.40 -1.04 4.80
C ASN A 65 -9.43 -1.52 6.25
N GLY A 66 -8.38 -1.17 6.97
CA GLY A 66 -8.27 -1.54 8.37
C GLY A 66 -8.16 -3.06 8.52
N ASP A 67 -7.42 -3.67 7.61
CA ASP A 67 -7.23 -5.10 7.64
C ASP A 67 -5.78 -5.41 8.01
N VAL A 68 -5.60 -5.81 9.27
CA VAL A 68 -4.28 -6.14 9.77
C VAL A 68 -3.79 -7.42 9.10
N ASN A 69 -4.73 -8.29 8.78
CA ASN A 69 -4.43 -9.55 8.14
C ASN A 69 -4.07 -9.29 6.67
N ARG A 70 -5.07 -8.86 5.92
CA ARG A 70 -4.87 -8.58 4.51
C ARG A 70 -3.62 -7.72 4.31
N ALA A 71 -3.41 -6.80 5.24
CA ALA A 71 -2.25 -5.92 5.18
C ALA A 71 -0.97 -6.75 5.26
N ILE A 72 -0.97 -7.67 6.21
CA ILE A 72 0.18 -8.54 6.41
C ILE A 72 0.51 -9.25 5.09
N ASN A 73 -0.53 -9.70 4.42
CA ASN A 73 -0.38 -10.39 3.15
C ASN A 73 0.32 -9.47 2.15
N VAL A 74 -0.07 -8.21 2.20
CA VAL A 74 0.50 -7.21 1.31
C VAL A 74 1.91 -6.86 1.78
N LEU A 75 1.98 -6.43 3.03
CA LEU A 75 3.26 -6.05 3.63
C LEU A 75 4.27 -7.17 3.37
N LEU A 76 3.93 -8.36 3.84
CA LEU A 76 4.80 -9.51 3.68
C LEU A 76 5.34 -9.54 2.26
N GLU A 77 4.43 -9.44 1.30
CA GLU A 77 4.80 -9.45 -0.10
C GLU A 77 5.90 -8.43 -0.37
N GLY A 78 5.57 -7.17 -0.08
CA GLY A 78 6.52 -6.09 -0.29
C GLY A 78 6.86 -5.92 -1.77
N ASN A 79 8.05 -6.37 -2.13
CA ASN A 79 8.50 -6.28 -3.50
C ASN A 79 7.45 -6.88 -4.42
N PRO A 80 7.13 -6.13 -5.51
CA PRO A 80 6.13 -6.57 -6.47
C PRO A 80 6.70 -7.68 -7.37
N ASP A 81 7.29 -8.67 -6.72
CA ASP A 81 7.88 -9.79 -7.45
C ASP A 81 8.68 -10.66 -6.48
N THR A 82 8.12 -10.82 -5.29
CA THR A 82 8.77 -11.63 -4.27
C THR A 82 8.53 -13.13 -4.52
N HIS A 83 9.11 -13.61 -5.61
CA HIS A 83 8.96 -15.01 -5.98
C HIS A 83 10.12 -15.81 -5.37
N SER A 84 9.96 -17.13 -5.40
CA SER A 84 10.97 -18.02 -4.86
C SER A 84 11.53 -18.90 -5.99
N TRP A 85 12.58 -19.64 -5.64
CA TRP A 85 13.21 -20.52 -6.61
C TRP A 85 14.32 -21.29 -5.88
N GLU A 86 14.83 -22.31 -6.55
CA GLU A 86 15.88 -23.14 -5.99
C GLU A 86 17.24 -22.76 -6.60
N MET A 87 18.28 -23.00 -5.83
CA MET A 87 19.63 -22.69 -6.28
C MET A 87 19.93 -21.20 -6.15
N VAL A 88 20.89 -20.88 -5.29
CA VAL A 88 21.27 -19.50 -5.05
C VAL A 88 22.80 -19.40 -5.06
N GLY A 89 23.43 -20.29 -4.32
CA GLY A 89 24.87 -20.31 -4.23
C GLY A 89 25.36 -19.53 -3.01
N LYS A 90 26.28 -20.15 -2.28
CA LYS A 90 26.83 -19.53 -1.08
C LYS A 90 28.36 -19.54 -1.18
N LYS A 91 28.96 -18.53 -0.55
CA LYS A 91 30.41 -18.40 -0.55
C LYS A 91 30.81 -17.24 0.35
N LYS A 92 32.12 -17.08 0.51
CA LYS A 92 32.65 -16.03 1.35
C LYS A 92 32.31 -16.30 2.81
N GLY A 93 32.98 -15.59 3.70
CA GLY A 93 32.76 -15.76 5.12
C GLY A 93 33.94 -15.21 5.93
N VAL A 94 34.23 -13.94 5.70
CA VAL A 94 35.33 -13.29 6.40
C VAL A 94 34.84 -11.96 6.99
N SER A 95 34.44 -11.07 6.10
CA SER A 95 33.94 -9.77 6.52
C SER A 95 35.09 -8.93 7.10
N GLY A 96 35.48 -7.92 6.34
CA GLY A 96 36.56 -7.04 6.76
C GLY A 96 36.93 -6.04 5.66
N GLN A 97 38.12 -5.48 5.79
CA GLN A 97 38.60 -4.52 4.81
C GLN A 97 40.12 -4.66 4.63
N LYS A 98 40.83 -4.40 5.72
CA LYS A 98 42.29 -4.49 5.68
C LYS A 98 42.81 -3.80 4.43
N SER A 99 43.14 -2.53 4.58
CA SER A 99 43.66 -1.75 3.47
C SER A 99 43.92 -0.30 3.92
N GLY A 100 42.87 0.33 4.41
CA GLY A 100 42.98 1.70 4.88
C GLY A 100 43.22 2.66 3.71
N PRO A 101 42.85 3.95 3.94
CA PRO A 101 43.02 4.97 2.92
C PRO A 101 44.49 5.37 2.78
N SER A 102 45.25 4.48 2.15
CA SER A 102 46.67 4.73 1.95
C SER A 102 47.24 3.71 0.96
N SER A 103 47.41 4.16 -0.28
CA SER A 103 47.94 3.29 -1.32
C SER A 103 49.46 3.46 -1.41
N GLY A 104 50.16 2.51 -0.81
CA GLY A 104 51.62 2.54 -0.81
C GLY A 104 52.19 1.30 -0.12
N GLY A 1 -18.81 -7.04 -27.08
CA GLY A 1 -17.56 -6.85 -26.36
C GLY A 1 -16.36 -7.14 -27.27
N SER A 2 -15.94 -6.10 -27.97
CA SER A 2 -14.81 -6.22 -28.88
C SER A 2 -13.51 -5.92 -28.13
N SER A 3 -12.46 -6.62 -28.53
CA SER A 3 -11.15 -6.43 -27.92
C SER A 3 -10.12 -6.04 -28.97
N GLY A 4 -9.97 -6.91 -29.96
CA GLY A 4 -9.03 -6.66 -31.03
C GLY A 4 -7.60 -7.05 -30.61
N SER A 5 -7.07 -8.06 -31.28
CA SER A 5 -5.73 -8.52 -30.99
C SER A 5 -5.03 -8.97 -32.28
N SER A 6 -4.34 -8.01 -32.89
CA SER A 6 -3.62 -8.29 -34.12
C SER A 6 -2.88 -7.04 -34.59
N GLY A 7 -1.68 -6.87 -34.05
CA GLY A 7 -0.86 -5.72 -34.40
C GLY A 7 0.15 -5.42 -33.30
N ASN A 8 0.52 -4.14 -33.20
CA ASN A 8 1.47 -3.71 -32.20
C ASN A 8 1.41 -2.19 -32.07
N GLN A 9 1.13 -1.74 -30.86
CA GLN A 9 1.05 -0.31 -30.59
C GLN A 9 1.62 0.01 -29.20
N ASN A 10 1.03 -0.62 -28.20
CA ASN A 10 1.47 -0.41 -26.83
C ASN A 10 3.00 -0.50 -26.77
N GLN A 11 3.58 0.27 -25.86
CA GLN A 11 5.02 0.28 -25.69
C GLN A 11 5.41 1.22 -24.56
N THR A 12 4.98 2.46 -24.68
CA THR A 12 5.28 3.47 -23.66
C THR A 12 4.48 3.19 -22.39
N GLN A 13 3.16 3.27 -22.52
CA GLN A 13 2.29 3.03 -21.40
C GLN A 13 2.52 4.08 -20.30
N HIS A 14 1.50 4.28 -19.49
CA HIS A 14 1.59 5.25 -18.41
C HIS A 14 1.66 6.66 -18.99
N LYS A 15 0.52 7.33 -18.99
CA LYS A 15 0.45 8.69 -19.51
C LYS A 15 1.06 9.65 -18.49
N GLN A 16 1.78 10.63 -19.01
CA GLN A 16 2.42 11.62 -18.17
C GLN A 16 1.44 12.13 -17.12
N ARG A 17 1.55 11.58 -15.92
CA ARG A 17 0.68 11.96 -14.82
C ARG A 17 1.39 11.73 -13.48
N PRO A 18 1.06 12.64 -12.51
CA PRO A 18 1.66 12.54 -11.19
C PRO A 18 1.04 11.40 -10.39
N GLN A 19 1.90 10.66 -9.70
CA GLN A 19 1.46 9.54 -8.90
C GLN A 19 2.61 9.02 -8.03
N ALA A 20 2.24 8.59 -6.83
CA ALA A 20 3.23 8.07 -5.89
C ALA A 20 4.34 9.10 -5.71
N THR A 21 5.35 8.71 -4.95
CA THR A 21 6.48 9.58 -4.69
C THR A 21 6.02 10.85 -3.96
N ALA A 22 5.56 11.80 -4.73
CA ALA A 22 5.08 13.06 -4.17
C ALA A 22 3.67 12.86 -3.62
N GLU A 23 2.81 12.34 -4.46
CA GLU A 23 1.43 12.10 -4.07
C GLU A 23 1.37 11.42 -2.70
N GLN A 24 2.09 10.32 -2.59
CA GLN A 24 2.13 9.57 -1.35
C GLN A 24 2.28 10.53 -0.16
N ILE A 25 3.37 11.28 -0.18
CA ILE A 25 3.64 12.24 0.88
C ILE A 25 2.35 13.01 1.20
N ARG A 26 1.70 13.48 0.14
CA ARG A 26 0.48 14.23 0.30
C ARG A 26 -0.65 13.33 0.80
N LEU A 27 -0.60 12.07 0.35
CA LEU A 27 -1.60 11.10 0.74
C LEU A 27 -1.52 10.86 2.24
N ALA A 28 -0.38 10.31 2.66
CA ALA A 28 -0.15 10.04 4.06
C ALA A 28 -0.50 11.27 4.89
N GLN A 29 -0.28 12.43 4.29
CA GLN A 29 -0.55 13.69 4.95
C GLN A 29 -2.06 13.88 5.13
N MET A 30 -2.80 13.37 4.16
CA MET A 30 -4.26 13.46 4.20
C MET A 30 -4.86 12.34 5.04
N ILE A 31 -4.30 11.15 4.87
CA ILE A 31 -4.77 10.00 5.62
C ILE A 31 -4.64 10.26 7.11
N SER A 32 -3.41 10.58 7.52
CA SER A 32 -3.14 10.85 8.92
C SER A 32 -4.23 11.76 9.49
N ASP A 33 -4.47 12.86 8.80
CA ASP A 33 -5.48 13.82 9.22
C ASP A 33 -6.74 13.06 9.65
N HIS A 34 -7.21 12.20 8.76
CA HIS A 34 -8.39 11.42 9.03
C HIS A 34 -7.99 10.04 9.58
N ASN A 35 -7.34 10.07 10.74
CA ASN A 35 -6.90 8.85 11.37
C ASN A 35 -7.85 8.50 12.52
N ASP A 36 -7.72 7.26 13.00
CA ASP A 36 -8.56 6.80 14.10
C ASP A 36 -7.72 5.95 15.05
N ALA A 37 -8.27 5.72 16.24
CA ALA A 37 -7.59 4.93 17.24
C ALA A 37 -7.58 3.46 16.79
N ASP A 38 -8.73 3.01 16.32
CA ASP A 38 -8.87 1.64 15.87
C ASP A 38 -7.76 1.32 14.87
N PHE A 39 -7.81 1.98 13.73
CA PHE A 39 -6.81 1.78 12.69
C PHE A 39 -5.41 2.02 13.24
N GLU A 40 -5.30 3.04 14.08
CA GLU A 40 -4.02 3.39 14.67
C GLU A 40 -3.42 2.17 15.38
N GLU A 41 -4.17 1.66 16.33
CA GLU A 41 -3.73 0.49 17.10
C GLU A 41 -3.34 -0.64 16.15
N LYS A 42 -4.01 -0.66 15.01
CA LYS A 42 -3.74 -1.69 14.01
C LYS A 42 -2.39 -1.42 13.34
N VAL A 43 -2.25 -0.20 12.86
CA VAL A 43 -1.02 0.21 12.19
C VAL A 43 0.18 -0.30 13.01
N LYS A 44 0.12 -0.04 14.29
CA LYS A 44 1.20 -0.44 15.19
C LYS A 44 1.32 -1.97 15.15
N GLN A 45 0.19 -2.64 15.32
CA GLN A 45 0.17 -4.09 15.31
C GLN A 45 0.89 -4.62 14.07
N LEU A 46 0.68 -3.92 12.96
CA LEU A 46 1.31 -4.30 11.71
C LEU A 46 2.83 -4.25 11.86
N ILE A 47 3.28 -3.18 12.52
CA ILE A 47 4.71 -2.99 12.74
C ILE A 47 5.24 -4.12 13.63
N ASP A 48 4.68 -4.20 14.82
CA ASP A 48 5.08 -5.22 15.77
C ASP A 48 4.98 -6.60 15.12
N ILE A 49 3.93 -6.76 14.33
CA ILE A 49 3.70 -8.02 13.63
C ILE A 49 4.80 -8.23 12.59
N THR A 50 4.75 -7.40 11.55
CA THR A 50 5.73 -7.48 10.48
C THR A 50 6.98 -6.69 10.85
N GLY A 51 6.83 -5.38 10.88
CA GLY A 51 7.93 -4.50 11.21
C GLY A 51 8.37 -3.67 10.01
N LYS A 52 7.43 -3.51 9.08
CA LYS A 52 7.70 -2.73 7.88
C LYS A 52 7.59 -1.24 8.19
N ASN A 53 7.82 -0.44 7.16
CA ASN A 53 7.75 1.01 7.33
C ASN A 53 6.34 1.41 7.74
N GLN A 54 6.26 2.05 8.90
CA GLN A 54 4.97 2.49 9.42
C GLN A 54 4.09 3.00 8.28
N ASP A 55 4.58 4.04 7.61
CA ASP A 55 3.85 4.63 6.50
C ASP A 55 3.27 3.52 5.63
N GLU A 56 4.15 2.67 5.13
CA GLU A 56 3.73 1.57 4.29
C GLU A 56 2.56 0.81 4.93
N CYS A 57 2.71 0.56 6.22
CA CYS A 57 1.68 -0.16 6.96
C CYS A 57 0.36 0.62 6.81
N VAL A 58 0.43 1.90 7.12
CA VAL A 58 -0.74 2.76 7.03
C VAL A 58 -1.35 2.62 5.64
N ILE A 59 -0.49 2.61 4.63
CA ILE A 59 -0.93 2.48 3.26
C ILE A 59 -1.61 1.12 3.07
N ALA A 60 -0.89 0.07 3.42
CA ALA A 60 -1.41 -1.28 3.30
C ALA A 60 -2.74 -1.37 4.04
N LEU A 61 -2.67 -1.25 5.36
CA LEU A 61 -3.85 -1.31 6.18
C LEU A 61 -4.97 -0.49 5.54
N HIS A 62 -4.69 0.79 5.36
CA HIS A 62 -5.65 1.70 4.76
C HIS A 62 -6.20 1.08 3.46
N ASP A 63 -5.27 0.61 2.64
CA ASP A 63 -5.63 0.00 1.37
C ASP A 63 -6.52 -1.22 1.64
N CYS A 64 -6.06 -2.06 2.55
CA CYS A 64 -6.80 -3.25 2.91
C CYS A 64 -8.06 -2.84 3.66
N ASN A 65 -8.12 -1.55 3.99
CA ASN A 65 -9.26 -1.02 4.72
C ASN A 65 -9.30 -1.61 6.12
N GLY A 66 -8.42 -1.09 6.97
CA GLY A 66 -8.34 -1.57 8.34
C GLY A 66 -8.29 -3.09 8.40
N ASP A 67 -7.42 -3.66 7.57
CA ASP A 67 -7.27 -5.10 7.51
C ASP A 67 -5.83 -5.46 7.89
N VAL A 68 -5.64 -5.75 9.16
CA VAL A 68 -4.32 -6.12 9.66
C VAL A 68 -3.88 -7.43 9.00
N ASN A 69 -4.84 -8.32 8.81
CA ASN A 69 -4.57 -9.60 8.19
C ASN A 69 -4.18 -9.38 6.73
N ARG A 70 -5.14 -8.92 5.96
CA ARG A 70 -4.91 -8.66 4.54
C ARG A 70 -3.65 -7.83 4.36
N ALA A 71 -3.49 -6.84 5.22
CA ALA A 71 -2.33 -5.96 5.17
C ALA A 71 -1.06 -6.79 5.33
N ILE A 72 -1.09 -7.66 6.31
CA ILE A 72 0.05 -8.52 6.59
C ILE A 72 0.46 -9.25 5.29
N ASN A 73 -0.56 -9.70 4.58
CA ASN A 73 -0.33 -10.42 3.34
C ASN A 73 0.38 -9.48 2.34
N VAL A 74 -0.05 -8.23 2.35
CA VAL A 74 0.53 -7.23 1.47
C VAL A 74 1.92 -6.86 1.97
N LEU A 75 1.97 -6.41 3.22
CA LEU A 75 3.22 -6.01 3.82
C LEU A 75 4.26 -7.12 3.62
N LEU A 76 3.89 -8.31 4.04
CA LEU A 76 4.77 -9.47 3.91
C LEU A 76 5.47 -9.41 2.55
N GLU A 77 4.66 -9.51 1.50
CA GLU A 77 5.19 -9.47 0.15
C GLU A 77 5.20 -8.03 -0.38
N GLY A 78 5.43 -7.10 0.53
CA GLY A 78 5.46 -5.69 0.17
C GLY A 78 4.33 -5.35 -0.80
N ASN A 79 4.71 -5.21 -2.07
CA ASN A 79 3.74 -4.87 -3.10
C ASN A 79 3.76 -5.97 -4.17
N PRO A 80 2.56 -6.22 -4.75
CA PRO A 80 2.42 -7.24 -5.78
C PRO A 80 2.99 -6.73 -7.12
N ASP A 81 2.73 -5.47 -7.39
CA ASP A 81 3.21 -4.85 -8.62
C ASP A 81 2.91 -3.35 -8.59
N THR A 82 3.80 -2.63 -7.91
CA THR A 82 3.66 -1.19 -7.79
C THR A 82 3.49 -0.55 -9.17
N HIS A 83 4.36 -0.98 -10.08
CA HIS A 83 4.33 -0.46 -11.44
C HIS A 83 2.88 -0.34 -11.91
N SER A 84 2.58 0.79 -12.53
CA SER A 84 1.24 1.05 -13.02
C SER A 84 0.72 -0.18 -13.77
N TRP A 85 -0.59 -0.21 -13.97
CA TRP A 85 -1.21 -1.32 -14.67
C TRP A 85 -1.25 -0.99 -16.16
N GLU A 86 -1.44 -2.02 -16.97
CA GLU A 86 -1.49 -1.85 -18.41
C GLU A 86 -2.93 -1.71 -18.87
N MET A 87 -3.44 -0.49 -18.76
CA MET A 87 -4.81 -0.21 -19.16
C MET A 87 -4.91 1.15 -19.84
N VAL A 88 -5.08 1.13 -21.15
CA VAL A 88 -5.19 2.35 -21.92
C VAL A 88 -6.67 2.60 -22.26
N GLY A 89 -7.31 3.40 -21.42
CA GLY A 89 -8.70 3.73 -21.62
C GLY A 89 -9.61 2.82 -20.78
N LYS A 90 -10.90 3.05 -20.92
CA LYS A 90 -11.88 2.25 -20.17
C LYS A 90 -11.78 2.59 -18.69
N LYS A 91 -12.91 2.96 -18.11
CA LYS A 91 -12.96 3.31 -16.71
C LYS A 91 -14.42 3.34 -16.24
N LYS A 92 -15.17 4.28 -16.80
CA LYS A 92 -16.57 4.43 -16.45
C LYS A 92 -16.69 4.91 -15.00
N GLY A 93 -17.19 6.12 -14.85
CA GLY A 93 -17.37 6.71 -13.53
C GLY A 93 -18.73 6.34 -12.94
N VAL A 94 -19.33 7.31 -12.27
CA VAL A 94 -20.63 7.09 -11.65
C VAL A 94 -21.37 8.43 -11.56
N SER A 95 -22.56 8.44 -12.15
CA SER A 95 -23.38 9.64 -12.14
C SER A 95 -24.77 9.32 -11.59
N GLY A 96 -25.36 10.32 -10.94
CA GLY A 96 -26.68 10.15 -10.37
C GLY A 96 -27.72 9.92 -11.46
N GLN A 97 -28.33 8.74 -11.40
CA GLN A 97 -29.35 8.37 -12.38
C GLN A 97 -30.22 7.25 -11.83
N LYS A 98 -31.41 7.64 -11.37
CA LYS A 98 -32.35 6.68 -10.82
C LYS A 98 -33.57 6.58 -11.74
N SER A 99 -33.81 5.38 -12.24
CA SER A 99 -34.94 5.15 -13.12
C SER A 99 -35.43 3.71 -12.97
N GLY A 100 -36.70 3.51 -13.31
CA GLY A 100 -37.30 2.19 -13.22
C GLY A 100 -38.78 2.23 -13.60
N PRO A 101 -39.05 1.91 -14.90
CA PRO A 101 -40.41 1.91 -15.40
C PRO A 101 -41.19 0.68 -14.89
N SER A 102 -41.81 0.86 -13.74
CA SER A 102 -42.59 -0.22 -13.14
C SER A 102 -41.66 -1.38 -12.77
N SER A 103 -42.17 -2.25 -11.91
CA SER A 103 -41.40 -3.41 -11.46
C SER A 103 -42.33 -4.42 -10.80
N GLY A 104 -42.68 -5.45 -11.57
CA GLY A 104 -43.56 -6.49 -11.08
C GLY A 104 -45.03 -6.03 -11.08
N GLY A 1 -16.04 4.66 -30.16
CA GLY A 1 -17.05 4.25 -29.19
C GLY A 1 -16.50 3.19 -28.24
N SER A 2 -17.41 2.56 -27.52
CA SER A 2 -17.03 1.52 -26.57
C SER A 2 -17.75 0.22 -26.91
N SER A 3 -17.24 -0.86 -26.34
CA SER A 3 -17.84 -2.17 -26.57
C SER A 3 -17.79 -3.00 -25.28
N GLY A 4 -18.74 -3.91 -25.17
CA GLY A 4 -18.82 -4.76 -23.99
C GLY A 4 -17.81 -5.92 -24.09
N SER A 5 -16.68 -5.74 -23.41
CA SER A 5 -15.63 -6.74 -23.41
C SER A 5 -14.87 -6.69 -22.10
N SER A 6 -14.33 -7.86 -21.72
CA SER A 6 -13.57 -7.95 -20.49
C SER A 6 -12.96 -9.36 -20.36
N GLY A 7 -11.69 -9.39 -20.00
CA GLY A 7 -10.99 -10.64 -19.84
C GLY A 7 -10.35 -10.75 -18.45
N ASN A 8 -10.05 -11.99 -18.07
CA ASN A 8 -9.45 -12.24 -16.77
C ASN A 8 -8.17 -13.05 -16.95
N GLN A 9 -7.04 -12.39 -16.75
CA GLN A 9 -5.75 -13.04 -16.89
C GLN A 9 -4.62 -12.08 -16.51
N ASN A 10 -4.33 -12.03 -15.23
CA ASN A 10 -3.29 -11.16 -14.73
C ASN A 10 -2.03 -11.34 -15.57
N GLN A 11 -1.83 -10.40 -16.50
CA GLN A 11 -0.69 -10.45 -17.38
C GLN A 11 -0.03 -9.07 -17.47
N THR A 12 1.17 -9.05 -18.03
CA THR A 12 1.90 -7.80 -18.18
C THR A 12 1.03 -6.75 -18.85
N GLN A 13 0.52 -5.84 -18.03
CA GLN A 13 -0.33 -4.78 -18.53
C GLN A 13 0.45 -3.47 -18.63
N HIS A 14 0.53 -2.95 -19.85
CA HIS A 14 1.25 -1.71 -20.11
C HIS A 14 0.61 -0.58 -19.29
N LYS A 15 1.36 -0.08 -18.33
CA LYS A 15 0.89 1.01 -17.49
C LYS A 15 1.68 2.27 -17.80
N GLN A 16 1.07 3.40 -17.48
CA GLN A 16 1.71 4.69 -17.72
C GLN A 16 1.49 5.62 -16.52
N ARG A 17 0.22 5.89 -16.24
CA ARG A 17 -0.13 6.75 -15.13
C ARG A 17 0.37 6.16 -13.81
N PRO A 18 0.95 7.04 -12.97
CA PRO A 18 1.48 6.63 -11.67
C PRO A 18 0.33 6.36 -10.68
N GLN A 19 0.63 5.52 -9.70
CA GLN A 19 -0.35 5.18 -8.68
C GLN A 19 0.31 5.12 -7.30
N ALA A 20 1.22 4.16 -7.16
CA ALA A 20 1.92 3.98 -5.91
C ALA A 20 3.20 4.81 -5.92
N THR A 21 3.04 6.08 -6.27
CA THR A 21 4.17 7.00 -6.33
C THR A 21 3.83 8.31 -5.63
N ALA A 22 3.08 9.15 -6.32
CA ALA A 22 2.68 10.44 -5.78
C ALA A 22 1.40 10.26 -4.96
N GLU A 23 0.52 9.41 -5.47
CA GLU A 23 -0.73 9.15 -4.81
C GLU A 23 -0.50 8.84 -3.32
N GLN A 24 0.38 7.89 -3.08
CA GLN A 24 0.71 7.49 -1.72
C GLN A 24 0.94 8.73 -0.85
N ILE A 25 1.83 9.60 -1.33
CA ILE A 25 2.15 10.81 -0.61
C ILE A 25 0.85 11.53 -0.24
N ARG A 26 -0.05 11.58 -1.20
CA ARG A 26 -1.33 12.24 -0.99
C ARG A 26 -2.23 11.38 -0.11
N LEU A 27 -1.94 10.09 -0.10
CA LEU A 27 -2.71 9.15 0.70
C LEU A 27 -2.28 9.26 2.16
N ALA A 28 -0.96 9.35 2.35
CA ALA A 28 -0.42 9.45 3.69
C ALA A 28 -0.83 10.79 4.31
N GLN A 29 -0.75 11.83 3.50
CA GLN A 29 -1.12 13.16 3.95
C GLN A 29 -2.63 13.24 4.21
N MET A 30 -3.33 12.27 3.65
CA MET A 30 -4.78 12.22 3.80
C MET A 30 -5.17 11.33 4.97
N ILE A 31 -4.52 10.18 5.05
CA ILE A 31 -4.79 9.23 6.12
C ILE A 31 -4.44 9.87 7.46
N SER A 32 -3.21 10.34 7.55
CA SER A 32 -2.74 10.97 8.77
C SER A 32 -3.75 12.02 9.24
N ASP A 33 -4.19 12.83 8.30
CA ASP A 33 -5.16 13.88 8.61
C ASP A 33 -6.25 13.31 9.51
N HIS A 34 -6.84 12.23 9.06
CA HIS A 34 -7.90 11.57 9.82
C HIS A 34 -7.32 10.98 11.10
N ASN A 35 -6.50 9.95 10.92
CA ASN A 35 -5.88 9.28 12.05
C ASN A 35 -6.97 8.79 13.02
N ASP A 36 -7.22 7.49 12.94
CA ASP A 36 -8.23 6.87 13.80
C ASP A 36 -7.53 5.97 14.81
N ALA A 37 -8.21 5.77 15.94
CA ALA A 37 -7.68 4.93 16.99
C ALA A 37 -7.62 3.48 16.51
N ASP A 38 -8.79 2.96 16.16
CA ASP A 38 -8.88 1.59 15.68
C ASP A 38 -7.72 1.31 14.72
N PHE A 39 -7.69 2.07 13.63
CA PHE A 39 -6.64 1.92 12.64
C PHE A 39 -5.26 2.08 13.28
N GLU A 40 -5.13 3.10 14.09
CA GLU A 40 -3.87 3.38 14.76
C GLU A 40 -3.35 2.11 15.45
N GLU A 41 -4.17 1.58 16.34
CA GLU A 41 -3.81 0.39 17.07
C GLU A 41 -3.41 -0.74 16.09
N LYS A 42 -4.09 -0.74 14.96
CA LYS A 42 -3.83 -1.74 13.94
C LYS A 42 -2.45 -1.48 13.32
N VAL A 43 -2.24 -0.22 12.93
CA VAL A 43 -0.98 0.17 12.33
C VAL A 43 0.17 -0.39 13.14
N LYS A 44 0.11 -0.15 14.45
CA LYS A 44 1.15 -0.62 15.35
C LYS A 44 1.24 -2.14 15.25
N GLN A 45 0.09 -2.78 15.39
CA GLN A 45 0.03 -4.24 15.31
C GLN A 45 0.79 -4.74 14.08
N LEU A 46 0.67 -3.97 13.01
CA LEU A 46 1.34 -4.33 11.77
C LEU A 46 2.85 -4.24 11.96
N ILE A 47 3.28 -3.15 12.58
CA ILE A 47 4.69 -2.93 12.83
C ILE A 47 5.20 -4.00 13.80
N ASP A 48 4.38 -4.30 14.79
CA ASP A 48 4.73 -5.29 15.79
C ASP A 48 4.69 -6.68 15.15
N ILE A 49 3.73 -6.86 14.26
CA ILE A 49 3.57 -8.14 13.58
C ILE A 49 4.67 -8.27 12.51
N THR A 50 4.55 -7.46 11.47
CA THR A 50 5.52 -7.48 10.39
C THR A 50 6.77 -6.69 10.78
N GLY A 51 6.63 -5.38 10.76
CA GLY A 51 7.73 -4.50 11.11
C GLY A 51 8.21 -3.71 9.89
N LYS A 52 7.29 -3.50 8.97
CA LYS A 52 7.59 -2.75 7.75
C LYS A 52 7.50 -1.25 8.05
N ASN A 53 7.78 -0.47 7.02
CA ASN A 53 7.74 0.97 7.14
C ASN A 53 6.34 1.40 7.60
N GLN A 54 6.29 2.04 8.75
CA GLN A 54 5.03 2.51 9.30
C GLN A 54 4.13 3.04 8.20
N ASP A 55 4.66 4.02 7.47
CA ASP A 55 3.91 4.63 6.37
C ASP A 55 3.27 3.53 5.54
N GLU A 56 4.11 2.70 4.95
CA GLU A 56 3.64 1.61 4.11
C GLU A 56 2.55 0.83 4.84
N CYS A 57 2.78 0.59 6.12
CA CYS A 57 1.84 -0.14 6.93
C CYS A 57 0.50 0.61 6.93
N VAL A 58 0.60 1.92 7.09
CA VAL A 58 -0.57 2.77 7.10
C VAL A 58 -1.30 2.64 5.77
N ILE A 59 -0.55 2.86 4.70
CA ILE A 59 -1.10 2.78 3.35
C ILE A 59 -1.74 1.40 3.17
N ALA A 60 -0.95 0.37 3.39
CA ALA A 60 -1.42 -1.00 3.25
C ALA A 60 -2.73 -1.16 4.03
N LEU A 61 -2.59 -1.06 5.35
CA LEU A 61 -3.75 -1.20 6.23
C LEU A 61 -4.94 -0.46 5.61
N HIS A 62 -4.74 0.82 5.37
CA HIS A 62 -5.80 1.64 4.79
C HIS A 62 -6.29 0.99 3.50
N ASP A 63 -5.35 0.62 2.65
CA ASP A 63 -5.69 -0.01 1.39
C ASP A 63 -6.50 -1.27 1.65
N CYS A 64 -5.98 -2.11 2.54
CA CYS A 64 -6.64 -3.34 2.90
C CYS A 64 -7.96 -3.00 3.58
N ASN A 65 -8.06 -1.76 4.02
CA ASN A 65 -9.25 -1.28 4.70
C ASN A 65 -9.20 -1.71 6.16
N GLY A 66 -8.35 -1.02 6.91
CA GLY A 66 -8.20 -1.30 8.33
C GLY A 66 -8.10 -2.82 8.57
N ASP A 67 -7.36 -3.48 7.69
CA ASP A 67 -7.19 -4.92 7.81
C ASP A 67 -5.72 -5.24 8.07
N VAL A 68 -5.45 -5.66 9.30
CA VAL A 68 -4.10 -5.99 9.69
C VAL A 68 -3.70 -7.34 9.06
N ASN A 69 -4.66 -8.25 9.02
CA ASN A 69 -4.43 -9.56 8.45
C ASN A 69 -4.12 -9.41 6.96
N ARG A 70 -5.12 -8.97 6.21
CA ARG A 70 -4.97 -8.79 4.79
C ARG A 70 -3.71 -7.97 4.49
N ALA A 71 -3.42 -7.04 5.38
CA ALA A 71 -2.26 -6.19 5.23
C ALA A 71 -0.99 -7.04 5.32
N ILE A 72 -0.86 -7.72 6.45
CA ILE A 72 0.30 -8.57 6.68
C ILE A 72 0.63 -9.32 5.39
N ASN A 73 -0.42 -9.73 4.68
CA ASN A 73 -0.24 -10.45 3.43
C ASN A 73 0.45 -9.54 2.41
N VAL A 74 -0.12 -8.35 2.25
CA VAL A 74 0.42 -7.39 1.32
C VAL A 74 1.79 -6.92 1.81
N LEU A 75 1.80 -6.40 3.03
CA LEU A 75 3.03 -5.91 3.64
C LEU A 75 4.15 -6.94 3.42
N LEU A 76 3.89 -8.15 3.91
CA LEU A 76 4.86 -9.22 3.78
C LEU A 76 5.36 -9.28 2.33
N GLU A 77 4.42 -9.53 1.43
CA GLU A 77 4.76 -9.61 0.02
C GLU A 77 3.96 -8.57 -0.78
N GLY A 78 2.71 -8.92 -1.05
CA GLY A 78 1.84 -8.02 -1.80
C GLY A 78 0.52 -8.72 -2.15
N ASN A 79 -0.04 -8.32 -3.28
CA ASN A 79 -1.30 -8.89 -3.73
C ASN A 79 -1.01 -10.05 -4.69
N PRO A 80 -1.57 -11.24 -4.34
CA PRO A 80 -1.37 -12.42 -5.17
C PRO A 80 -2.24 -12.36 -6.42
N ASP A 81 -1.91 -11.41 -7.28
CA ASP A 81 -2.65 -11.23 -8.52
C ASP A 81 -4.15 -11.32 -8.23
N THR A 82 -4.71 -10.17 -7.85
CA THR A 82 -6.13 -10.10 -7.55
C THR A 82 -6.86 -9.27 -8.60
N HIS A 83 -6.49 -8.00 -8.67
CA HIS A 83 -7.09 -7.09 -9.62
C HIS A 83 -7.13 -7.73 -11.01
N SER A 84 -8.25 -7.55 -11.68
CA SER A 84 -8.42 -8.10 -13.02
C SER A 84 -7.92 -7.11 -14.07
N TRP A 85 -6.92 -7.55 -14.83
CA TRP A 85 -6.35 -6.72 -15.87
C TRP A 85 -5.73 -7.64 -16.92
N GLU A 86 -5.55 -7.08 -18.11
CA GLU A 86 -4.98 -7.83 -19.21
C GLU A 86 -5.88 -9.02 -19.57
N MET A 87 -5.60 -9.61 -20.72
CA MET A 87 -6.38 -10.75 -21.19
C MET A 87 -5.50 -11.72 -21.97
N VAL A 88 -6.15 -12.66 -22.65
CA VAL A 88 -5.45 -13.64 -23.44
C VAL A 88 -4.62 -12.94 -24.51
N GLY A 89 -3.31 -13.17 -24.45
CA GLY A 89 -2.40 -12.57 -25.41
C GLY A 89 -0.94 -12.83 -25.01
N LYS A 90 -0.53 -14.08 -25.16
CA LYS A 90 0.82 -14.47 -24.82
C LYS A 90 1.57 -14.87 -26.10
N LYS A 91 2.86 -15.14 -25.94
CA LYS A 91 3.69 -15.53 -27.06
C LYS A 91 3.79 -14.37 -28.04
N LYS A 92 4.69 -13.43 -27.71
CA LYS A 92 4.90 -12.27 -28.55
C LYS A 92 6.15 -11.54 -28.09
N GLY A 93 7.30 -12.17 -28.33
CA GLY A 93 8.57 -11.59 -27.94
C GLY A 93 9.68 -12.02 -28.90
N VAL A 94 10.63 -12.76 -28.35
CA VAL A 94 11.76 -13.26 -29.14
C VAL A 94 11.32 -14.49 -29.94
N SER A 95 11.02 -14.26 -31.21
CA SER A 95 10.59 -15.33 -32.08
C SER A 95 10.59 -14.86 -33.54
N GLY A 96 9.81 -13.81 -33.78
CA GLY A 96 9.71 -13.26 -35.11
C GLY A 96 8.47 -12.37 -35.25
N GLN A 97 8.41 -11.36 -34.38
CA GLN A 97 7.29 -10.44 -34.40
C GLN A 97 7.47 -9.38 -33.31
N LYS A 98 7.47 -8.13 -33.74
CA LYS A 98 7.63 -7.02 -32.83
C LYS A 98 6.81 -7.28 -31.56
N SER A 99 7.38 -6.90 -30.43
CA SER A 99 6.71 -7.10 -29.15
C SER A 99 5.53 -6.12 -29.03
N GLY A 100 4.33 -6.70 -29.00
CA GLY A 100 3.13 -5.90 -28.89
C GLY A 100 2.63 -5.46 -30.26
N PRO A 101 1.31 -5.14 -30.33
CA PRO A 101 0.70 -4.69 -31.57
C PRO A 101 1.10 -3.25 -31.88
N SER A 102 1.34 -3.00 -33.16
CA SER A 102 1.72 -1.67 -33.60
C SER A 102 0.49 -0.91 -34.10
N SER A 103 0.62 0.41 -34.15
CA SER A 103 -0.47 1.25 -34.60
C SER A 103 0.02 2.19 -35.71
N GLY A 104 0.97 3.05 -35.35
CA GLY A 104 1.53 3.98 -36.30
C GLY A 104 2.90 4.47 -35.85
N GLY A 1 -21.97 -9.35 -30.75
CA GLY A 1 -21.07 -10.49 -30.74
C GLY A 1 -21.40 -11.45 -29.60
N SER A 2 -20.35 -11.87 -28.92
CA SER A 2 -20.52 -12.80 -27.80
C SER A 2 -19.27 -12.77 -26.91
N SER A 3 -18.14 -13.09 -27.53
CA SER A 3 -16.88 -13.12 -26.81
C SER A 3 -15.73 -12.85 -27.78
N GLY A 4 -15.50 -11.58 -28.07
CA GLY A 4 -14.44 -11.19 -28.98
C GLY A 4 -13.70 -9.95 -28.45
N SER A 5 -13.01 -9.29 -29.36
CA SER A 5 -12.26 -8.10 -29.00
C SER A 5 -11.18 -8.45 -27.97
N SER A 6 -9.95 -8.56 -28.47
CA SER A 6 -8.83 -8.90 -27.60
C SER A 6 -8.17 -7.62 -27.10
N GLY A 7 -8.47 -7.27 -25.85
CA GLY A 7 -7.92 -6.08 -25.24
C GLY A 7 -9.00 -5.01 -25.04
N ASN A 8 -8.80 -4.21 -24.00
CA ASN A 8 -9.75 -3.15 -23.69
C ASN A 8 -9.06 -1.79 -23.87
N GLN A 9 -7.95 -1.64 -23.17
CA GLN A 9 -7.20 -0.40 -23.24
C GLN A 9 -5.84 -0.57 -22.55
N ASN A 10 -4.82 -0.02 -23.20
CA ASN A 10 -3.46 -0.10 -22.67
C ASN A 10 -3.25 1.03 -21.66
N GLN A 11 -2.50 0.72 -20.62
CA GLN A 11 -2.20 1.70 -19.58
C GLN A 11 -0.90 2.44 -19.90
N THR A 12 -0.79 3.64 -19.35
CA THR A 12 0.40 4.45 -19.56
C THR A 12 1.58 3.88 -18.80
N GLN A 13 2.74 4.50 -19.00
CA GLN A 13 3.95 4.06 -18.34
C GLN A 13 3.85 4.28 -16.82
N HIS A 14 3.68 5.55 -16.46
CA HIS A 14 3.56 5.90 -15.06
C HIS A 14 4.90 5.68 -14.36
N LYS A 15 5.30 6.67 -13.58
CA LYS A 15 6.55 6.59 -12.85
C LYS A 15 6.61 7.71 -11.81
N GLN A 16 6.40 8.93 -12.30
CA GLN A 16 6.43 10.10 -11.44
C GLN A 16 5.61 9.85 -10.17
N ARG A 17 4.29 9.81 -10.36
CA ARG A 17 3.39 9.57 -9.25
C ARG A 17 3.62 10.62 -8.15
N PRO A 18 2.62 11.54 -8.02
CA PRO A 18 2.70 12.60 -7.03
C PRO A 18 2.41 12.04 -5.62
N GLN A 19 1.83 10.86 -5.59
CA GLN A 19 1.49 10.22 -4.34
C GLN A 19 2.61 9.24 -3.93
N ALA A 20 3.83 9.76 -3.92
CA ALA A 20 4.98 8.96 -3.55
C ALA A 20 5.96 9.81 -2.75
N THR A 21 6.24 10.99 -3.28
CA THR A 21 7.16 11.91 -2.62
C THR A 21 6.63 12.29 -1.23
N ALA A 22 7.19 13.36 -0.69
CA ALA A 22 6.78 13.83 0.62
C ALA A 22 5.27 13.70 0.76
N GLU A 23 4.58 13.89 -0.37
CA GLU A 23 3.14 13.81 -0.39
C GLU A 23 2.67 12.52 0.28
N GLN A 24 3.23 11.41 -0.18
CA GLN A 24 2.87 10.11 0.37
C GLN A 24 2.96 10.13 1.89
N ILE A 25 4.16 10.39 2.38
CA ILE A 25 4.39 10.45 3.82
C ILE A 25 3.36 11.39 4.45
N ARG A 26 3.19 12.54 3.83
CA ARG A 26 2.24 13.52 4.32
C ARG A 26 0.81 12.99 4.21
N LEU A 27 0.64 12.02 3.34
CA LEU A 27 -0.67 11.41 3.13
C LEU A 27 -0.90 10.33 4.20
N ALA A 28 0.17 9.63 4.52
CA ALA A 28 0.10 8.58 5.53
C ALA A 28 -0.08 9.22 6.91
N GLN A 29 0.67 10.28 7.14
CA GLN A 29 0.61 10.99 8.42
C GLN A 29 -0.76 11.63 8.60
N MET A 30 -1.45 11.82 7.48
CA MET A 30 -2.78 12.41 7.51
C MET A 30 -3.86 11.35 7.60
N ILE A 31 -3.71 10.32 6.78
CA ILE A 31 -4.67 9.23 6.76
C ILE A 31 -4.74 8.59 8.15
N SER A 32 -3.58 8.10 8.58
CA SER A 32 -3.49 7.45 9.88
C SER A 32 -4.27 8.26 10.92
N ASP A 33 -3.87 9.50 11.09
CA ASP A 33 -4.52 10.38 12.04
C ASP A 33 -6.02 10.45 11.72
N HIS A 34 -6.31 10.88 10.50
CA HIS A 34 -7.69 10.99 10.06
C HIS A 34 -8.23 9.62 9.68
N ASN A 35 -8.78 8.94 10.68
CA ASN A 35 -9.33 7.62 10.45
C ASN A 35 -10.03 7.14 11.73
N ASP A 36 -9.23 6.92 12.76
CA ASP A 36 -9.74 6.47 14.04
C ASP A 36 -8.63 5.78 14.83
N ALA A 37 -8.93 5.50 16.09
CA ALA A 37 -7.96 4.85 16.96
C ALA A 37 -7.83 3.38 16.57
N ASP A 38 -8.94 2.80 16.13
CA ASP A 38 -8.96 1.41 15.72
C ASP A 38 -7.80 1.15 14.76
N PHE A 39 -7.89 1.77 13.59
CA PHE A 39 -6.86 1.61 12.58
C PHE A 39 -5.47 1.88 13.17
N GLU A 40 -5.39 2.91 13.99
CA GLU A 40 -4.14 3.27 14.62
C GLU A 40 -3.52 2.06 15.32
N GLU A 41 -4.28 1.51 16.25
CA GLU A 41 -3.82 0.34 16.99
C GLU A 41 -3.37 -0.76 16.03
N LYS A 42 -4.07 -0.85 14.91
CA LYS A 42 -3.75 -1.85 13.91
C LYS A 42 -2.39 -1.54 13.30
N VAL A 43 -2.24 -0.31 12.85
CA VAL A 43 -1.00 0.13 12.25
C VAL A 43 0.18 -0.36 13.10
N LYS A 44 0.09 -0.07 14.39
CA LYS A 44 1.13 -0.48 15.32
C LYS A 44 1.29 -2.00 15.27
N GLN A 45 0.15 -2.68 15.27
CA GLN A 45 0.15 -4.13 15.22
C GLN A 45 0.93 -4.62 14.00
N LEU A 46 0.74 -3.91 12.90
CA LEU A 46 1.41 -4.25 11.65
C LEU A 46 2.92 -4.18 11.86
N ILE A 47 3.35 -3.09 12.49
CA ILE A 47 4.76 -2.88 12.74
C ILE A 47 5.28 -3.99 13.64
N ASP A 48 4.66 -4.12 14.81
CA ASP A 48 5.06 -5.14 15.76
C ASP A 48 5.09 -6.50 15.06
N ILE A 49 4.06 -6.75 14.26
CA ILE A 49 3.95 -7.99 13.53
C ILE A 49 5.06 -8.06 12.48
N THR A 50 4.93 -7.22 11.47
CA THR A 50 5.91 -7.17 10.40
C THR A 50 7.10 -6.30 10.80
N GLY A 51 6.84 -5.01 10.87
CA GLY A 51 7.88 -4.06 11.25
C GLY A 51 8.29 -3.20 10.05
N LYS A 52 7.42 -3.16 9.06
CA LYS A 52 7.69 -2.39 7.86
C LYS A 52 7.48 -0.90 8.16
N ASN A 53 7.99 -0.07 7.26
CA ASN A 53 7.87 1.37 7.42
C ASN A 53 6.45 1.71 7.86
N GLN A 54 6.35 2.32 9.03
CA GLN A 54 5.06 2.70 9.58
C GLN A 54 4.16 3.22 8.47
N ASP A 55 4.66 4.21 7.75
CA ASP A 55 3.91 4.80 6.66
C ASP A 55 3.32 3.69 5.79
N GLU A 56 4.21 2.85 5.28
CA GLU A 56 3.80 1.75 4.43
C GLU A 56 2.66 0.97 5.09
N CYS A 57 2.88 0.60 6.35
CA CYS A 57 1.89 -0.14 7.09
C CYS A 57 0.54 0.57 6.95
N VAL A 58 0.58 1.88 7.19
CA VAL A 58 -0.63 2.68 7.10
C VAL A 58 -1.23 2.54 5.69
N ILE A 59 -0.40 2.82 4.70
CA ILE A 59 -0.84 2.74 3.32
C ILE A 59 -1.40 1.33 3.06
N ALA A 60 -0.64 0.33 3.49
CA ALA A 60 -1.06 -1.05 3.31
C ALA A 60 -2.41 -1.27 3.98
N LEU A 61 -2.43 -1.03 5.29
CA LEU A 61 -3.65 -1.19 6.07
C LEU A 61 -4.81 -0.53 5.33
N HIS A 62 -4.67 0.78 5.13
CA HIS A 62 -5.69 1.55 4.44
C HIS A 62 -5.99 0.90 3.09
N ASP A 63 -4.94 0.76 2.29
CA ASP A 63 -5.08 0.16 0.97
C ASP A 63 -6.02 -1.04 1.05
N CYS A 64 -5.70 -1.94 1.97
CA CYS A 64 -6.51 -3.14 2.16
C CYS A 64 -7.93 -2.70 2.53
N ASN A 65 -8.04 -2.13 3.72
CA ASN A 65 -9.34 -1.67 4.19
C ASN A 65 -9.23 -1.32 5.68
N GLY A 66 -8.43 -2.11 6.38
CA GLY A 66 -8.24 -1.89 7.81
C GLY A 66 -8.16 -3.23 8.56
N ASP A 67 -7.41 -4.15 7.99
CA ASP A 67 -7.26 -5.46 8.58
C ASP A 67 -5.78 -5.82 8.65
N VAL A 68 -5.24 -5.80 9.87
CA VAL A 68 -3.85 -6.11 10.08
C VAL A 68 -3.49 -7.40 9.32
N ASN A 69 -4.38 -8.37 9.43
CA ASN A 69 -4.17 -9.65 8.76
C ASN A 69 -4.05 -9.42 7.25
N ARG A 70 -5.10 -8.85 6.70
CA ARG A 70 -5.13 -8.56 5.27
C ARG A 70 -3.89 -7.75 4.87
N ALA A 71 -3.64 -6.70 5.63
CA ALA A 71 -2.50 -5.84 5.37
C ALA A 71 -1.23 -6.68 5.32
N ILE A 72 -1.07 -7.52 6.34
CA ILE A 72 0.09 -8.38 6.43
C ILE A 72 0.25 -9.14 5.11
N ASN A 73 -0.85 -9.72 4.66
CA ASN A 73 -0.84 -10.48 3.42
C ASN A 73 -0.21 -9.64 2.32
N VAL A 74 -0.50 -8.35 2.36
CA VAL A 74 0.03 -7.42 1.37
C VAL A 74 1.46 -7.05 1.75
N LEU A 75 1.63 -6.59 2.97
CA LEU A 75 2.93 -6.20 3.47
C LEU A 75 3.94 -7.31 3.17
N LEU A 76 3.64 -8.49 3.70
CA LEU A 76 4.51 -9.64 3.50
C LEU A 76 4.90 -9.72 2.02
N GLU A 77 3.89 -9.92 1.18
CA GLU A 77 4.12 -10.02 -0.25
C GLU A 77 5.35 -10.88 -0.54
N GLY A 78 5.14 -12.18 -0.51
CA GLY A 78 6.22 -13.12 -0.76
C GLY A 78 6.47 -13.29 -2.26
N ASN A 79 6.63 -12.15 -2.93
CA ASN A 79 6.87 -12.15 -4.35
C ASN A 79 8.29 -11.62 -4.63
N PRO A 80 9.00 -12.33 -5.55
CA PRO A 80 10.35 -11.95 -5.91
C PRO A 80 10.35 -10.71 -6.81
N ASP A 81 9.88 -9.61 -6.24
CA ASP A 81 9.82 -8.35 -6.98
C ASP A 81 9.30 -8.63 -8.39
N THR A 82 7.98 -8.78 -8.49
CA THR A 82 7.35 -9.04 -9.77
C THR A 82 6.32 -7.95 -10.09
N HIS A 83 5.69 -8.10 -11.24
CA HIS A 83 4.69 -7.15 -11.67
C HIS A 83 3.70 -6.88 -10.53
N SER A 84 3.01 -5.76 -10.64
CA SER A 84 2.04 -5.37 -9.62
C SER A 84 0.91 -4.57 -10.26
N TRP A 85 -0.04 -4.18 -9.42
CA TRP A 85 -1.18 -3.39 -9.88
C TRP A 85 -1.20 -2.09 -9.10
N GLU A 86 -1.69 -1.04 -9.76
CA GLU A 86 -1.76 0.27 -9.13
C GLU A 86 -2.50 1.24 -10.04
N MET A 87 -3.16 2.22 -9.42
CA MET A 87 -3.90 3.21 -10.16
C MET A 87 -4.28 4.39 -9.25
N VAL A 88 -3.79 5.56 -9.64
CA VAL A 88 -4.08 6.78 -8.88
C VAL A 88 -4.16 7.97 -9.84
N GLY A 89 -5.03 8.90 -9.49
CA GLY A 89 -5.21 10.09 -10.31
C GLY A 89 -3.90 10.87 -10.46
N LYS A 90 -4.04 12.18 -10.66
CA LYS A 90 -2.89 13.03 -10.81
C LYS A 90 -3.12 14.34 -10.05
N LYS A 91 -2.33 14.53 -9.00
CA LYS A 91 -2.45 15.73 -8.18
C LYS A 91 -1.16 16.54 -8.29
N LYS A 92 -1.31 17.85 -8.23
CA LYS A 92 -0.17 18.75 -8.32
C LYS A 92 0.32 19.09 -6.92
N GLY A 93 1.61 18.83 -6.70
CA GLY A 93 2.21 19.10 -5.41
C GLY A 93 3.62 19.67 -5.57
N VAL A 94 4.60 18.82 -5.31
CA VAL A 94 5.99 19.23 -5.42
C VAL A 94 6.26 20.38 -4.45
N SER A 95 7.10 20.09 -3.46
CA SER A 95 7.45 21.09 -2.46
C SER A 95 8.67 20.62 -1.67
N GLY A 96 9.24 21.56 -0.92
CA GLY A 96 10.41 21.27 -0.12
C GLY A 96 10.70 22.40 0.87
N GLN A 97 10.62 22.06 2.15
CA GLN A 97 10.88 23.05 3.20
C GLN A 97 12.37 23.12 3.51
N LYS A 98 12.90 22.00 3.96
CA LYS A 98 14.32 21.93 4.30
C LYS A 98 14.64 23.00 5.35
N SER A 99 14.71 22.55 6.60
CA SER A 99 15.01 23.45 7.69
C SER A 99 15.15 22.66 9.00
N GLY A 100 15.88 23.23 9.93
CA GLY A 100 16.08 22.60 11.23
C GLY A 100 17.25 23.24 11.97
N PRO A 101 17.30 22.98 13.30
CA PRO A 101 18.35 23.52 14.14
C PRO A 101 19.68 22.79 13.91
N SER A 102 20.74 23.35 14.46
CA SER A 102 22.07 22.77 14.33
C SER A 102 22.33 21.80 15.48
N SER A 103 23.27 20.90 15.24
CA SER A 103 23.63 19.91 16.26
C SER A 103 25.14 19.95 16.50
N GLY A 104 25.49 20.32 17.72
CA GLY A 104 26.90 20.40 18.11
C GLY A 104 27.54 21.66 17.54
N GLY A 1 -6.18 -11.03 -8.37
CA GLY A 1 -5.01 -10.89 -7.51
C GLY A 1 -5.20 -11.62 -6.18
N SER A 2 -4.68 -12.83 -6.14
CA SER A 2 -4.79 -13.65 -4.94
C SER A 2 -3.76 -14.78 -4.97
N SER A 3 -2.53 -14.42 -4.62
CA SER A 3 -1.45 -15.38 -4.60
C SER A 3 -0.37 -14.95 -3.61
N GLY A 4 0.48 -15.90 -3.24
CA GLY A 4 1.56 -15.62 -2.31
C GLY A 4 2.92 -16.01 -2.90
N SER A 5 3.92 -16.02 -2.03
CA SER A 5 5.26 -16.37 -2.45
C SER A 5 5.80 -15.30 -3.41
N SER A 6 6.74 -14.51 -2.90
CA SER A 6 7.35 -13.46 -3.70
C SER A 6 8.57 -12.89 -2.97
N GLY A 7 9.30 -12.05 -3.68
CA GLY A 7 10.49 -11.43 -3.11
C GLY A 7 10.72 -10.05 -3.72
N ASN A 8 11.68 -9.34 -3.14
CA ASN A 8 12.01 -8.00 -3.61
C ASN A 8 10.79 -7.09 -3.46
N GLN A 9 11.05 -5.79 -3.47
CA GLN A 9 9.97 -4.82 -3.34
C GLN A 9 10.54 -3.40 -3.42
N ASN A 10 11.06 -3.07 -4.59
CA ASN A 10 11.64 -1.75 -4.82
C ASN A 10 11.36 -1.31 -6.25
N GLN A 11 10.23 -0.63 -6.43
CA GLN A 11 9.84 -0.16 -7.74
C GLN A 11 8.55 0.67 -7.65
N THR A 12 8.36 1.52 -8.65
CA THR A 12 7.18 2.36 -8.69
C THR A 12 6.33 2.03 -9.92
N GLN A 13 5.20 1.39 -9.66
CA GLN A 13 4.29 1.02 -10.73
C GLN A 13 3.85 2.26 -11.52
N HIS A 14 3.95 2.15 -12.84
CA HIS A 14 3.58 3.25 -13.71
C HIS A 14 3.02 2.69 -15.02
N LYS A 15 1.71 2.80 -15.16
CA LYS A 15 1.05 2.31 -16.36
C LYS A 15 -0.32 2.98 -16.48
N GLN A 16 -1.21 2.62 -15.57
CA GLN A 16 -2.55 3.18 -15.56
C GLN A 16 -2.95 3.60 -14.15
N ARG A 17 -3.04 4.90 -13.95
CA ARG A 17 -3.41 5.45 -12.65
C ARG A 17 -2.38 5.02 -11.59
N PRO A 18 -1.60 6.03 -11.12
CA PRO A 18 -0.58 5.77 -10.11
C PRO A 18 -1.22 5.59 -8.74
N GLN A 19 -0.47 4.93 -7.86
CA GLN A 19 -0.95 4.67 -6.52
C GLN A 19 0.22 4.30 -5.60
N ALA A 20 1.09 5.28 -5.37
CA ALA A 20 2.25 5.07 -4.52
C ALA A 20 3.13 6.32 -4.55
N THR A 21 3.22 6.92 -5.73
CA THR A 21 4.01 8.13 -5.90
C THR A 21 3.31 9.32 -5.25
N ALA A 22 2.51 10.01 -6.05
CA ALA A 22 1.79 11.17 -5.57
C ALA A 22 0.64 10.72 -4.68
N GLU A 23 -0.18 9.82 -5.23
CA GLU A 23 -1.32 9.30 -4.50
C GLU A 23 -0.95 9.07 -3.03
N GLN A 24 0.09 8.28 -2.83
CA GLN A 24 0.55 7.98 -1.49
C GLN A 24 0.56 9.24 -0.63
N ILE A 25 1.37 10.20 -1.07
CA ILE A 25 1.47 11.46 -0.36
C ILE A 25 0.08 11.91 0.09
N ARG A 26 -0.84 11.90 -0.86
CA ARG A 26 -2.20 12.31 -0.57
C ARG A 26 -2.88 11.32 0.37
N LEU A 27 -2.57 10.05 0.16
CA LEU A 27 -3.13 8.99 0.98
C LEU A 27 -2.75 9.24 2.44
N ALA A 28 -1.45 9.20 2.69
CA ALA A 28 -0.93 9.41 4.02
C ALA A 28 -1.43 10.76 4.55
N GLN A 29 -1.75 11.63 3.62
CA GLN A 29 -2.24 12.96 3.97
C GLN A 29 -3.71 12.88 4.38
N MET A 30 -4.43 11.99 3.73
CA MET A 30 -5.84 11.80 4.01
C MET A 30 -6.05 10.89 5.22
N ILE A 31 -5.23 9.85 5.28
CA ILE A 31 -5.32 8.89 6.37
C ILE A 31 -5.12 9.63 7.70
N SER A 32 -4.14 10.51 7.70
CA SER A 32 -3.84 11.29 8.90
C SER A 32 -5.12 11.90 9.46
N ASP A 33 -5.77 12.70 8.62
CA ASP A 33 -7.01 13.36 9.02
C ASP A 33 -7.88 12.36 9.79
N HIS A 34 -8.03 11.18 9.21
CA HIS A 34 -8.84 10.14 9.83
C HIS A 34 -7.92 9.05 10.38
N ASN A 35 -7.04 9.47 11.27
CA ASN A 35 -6.10 8.54 11.89
C ASN A 35 -6.88 7.39 12.54
N ASP A 36 -7.92 7.77 13.28
CA ASP A 36 -8.75 6.79 13.95
C ASP A 36 -7.89 5.99 14.93
N ALA A 37 -8.54 5.48 15.96
CA ALA A 37 -7.86 4.71 16.98
C ALA A 37 -7.77 3.24 16.52
N ASP A 38 -8.91 2.73 16.07
CA ASP A 38 -8.97 1.36 15.62
C ASP A 38 -7.84 1.10 14.62
N PHE A 39 -7.80 1.93 13.59
CA PHE A 39 -6.78 1.81 12.57
C PHE A 39 -5.38 1.99 13.17
N GLU A 40 -5.26 3.00 14.02
CA GLU A 40 -3.99 3.28 14.67
C GLU A 40 -3.44 2.02 15.34
N GLU A 41 -4.25 1.47 16.25
CA GLU A 41 -3.86 0.28 16.96
C GLU A 41 -3.40 -0.81 15.99
N LYS A 42 -4.08 -0.85 14.84
CA LYS A 42 -3.76 -1.83 13.83
C LYS A 42 -2.36 -1.53 13.25
N VAL A 43 -2.22 -0.31 12.77
CA VAL A 43 -0.95 0.13 12.20
C VAL A 43 0.20 -0.40 13.06
N LYS A 44 0.11 -0.12 14.35
CA LYS A 44 1.13 -0.55 15.28
C LYS A 44 1.27 -2.07 15.20
N GLN A 45 0.13 -2.74 15.20
CA GLN A 45 0.12 -4.19 15.11
C GLN A 45 0.88 -4.67 13.89
N LEU A 46 0.74 -3.91 12.81
CA LEU A 46 1.42 -4.24 11.57
C LEU A 46 2.94 -4.16 11.78
N ILE A 47 3.35 -3.09 12.44
CA ILE A 47 4.77 -2.88 12.70
C ILE A 47 5.28 -4.03 13.58
N ASP A 48 4.65 -4.18 14.74
CA ASP A 48 5.03 -5.23 15.67
C ASP A 48 5.09 -6.57 14.93
N ILE A 49 4.07 -6.81 14.12
CA ILE A 49 3.99 -8.05 13.36
C ILE A 49 5.10 -8.06 12.32
N THR A 50 4.95 -7.20 11.32
CA THR A 50 5.93 -7.10 10.25
C THR A 50 7.11 -6.22 10.69
N GLY A 51 6.82 -4.93 10.79
CA GLY A 51 7.84 -3.97 11.20
C GLY A 51 8.23 -3.06 10.02
N LYS A 52 7.37 -3.05 9.02
CA LYS A 52 7.60 -2.22 7.84
C LYS A 52 7.39 -0.75 8.20
N ASN A 53 7.93 0.11 7.35
CA ASN A 53 7.81 1.54 7.57
C ASN A 53 6.37 1.87 8.00
N GLN A 54 6.26 2.44 9.19
CA GLN A 54 4.97 2.80 9.73
C GLN A 54 4.07 3.36 8.62
N ASP A 55 4.59 4.36 7.92
CA ASP A 55 3.85 4.99 6.85
C ASP A 55 3.32 3.90 5.90
N GLU A 56 4.22 3.02 5.48
CA GLU A 56 3.86 1.94 4.59
C GLU A 56 2.71 1.13 5.19
N CYS A 57 2.86 0.78 6.45
CA CYS A 57 1.84 0.00 7.15
C CYS A 57 0.50 0.71 6.97
N VAL A 58 0.51 2.01 7.26
CA VAL A 58 -0.70 2.81 7.15
C VAL A 58 -1.26 2.67 5.72
N ILE A 59 -0.38 2.86 4.76
CA ILE A 59 -0.78 2.76 3.36
C ILE A 59 -1.33 1.36 3.09
N ALA A 60 -0.55 0.37 3.48
CA ALA A 60 -0.94 -1.02 3.28
C ALA A 60 -2.31 -1.25 3.93
N LEU A 61 -2.35 -1.06 5.24
CA LEU A 61 -3.58 -1.25 5.99
C LEU A 61 -4.74 -0.61 5.21
N HIS A 62 -4.59 0.68 4.94
CA HIS A 62 -5.60 1.42 4.21
C HIS A 62 -5.87 0.74 2.86
N ASP A 63 -4.78 0.51 2.13
CA ASP A 63 -4.88 -0.13 0.82
C ASP A 63 -5.91 -1.25 0.89
N CYS A 64 -5.87 -1.99 1.98
CA CYS A 64 -6.80 -3.10 2.18
C CYS A 64 -8.13 -2.52 2.65
N ASN A 65 -8.08 -1.87 3.81
CA ASN A 65 -9.27 -1.27 4.38
C ASN A 65 -9.03 -0.99 5.87
N GLY A 66 -8.52 -2.00 6.55
CA GLY A 66 -8.23 -1.87 7.98
C GLY A 66 -8.18 -3.24 8.65
N ASP A 67 -7.52 -4.18 7.97
CA ASP A 67 -7.39 -5.52 8.49
C ASP A 67 -5.91 -5.88 8.61
N VAL A 68 -5.40 -5.73 9.84
CA VAL A 68 -4.01 -6.04 10.10
C VAL A 68 -3.62 -7.35 9.41
N ASN A 69 -4.49 -8.34 9.58
CA ASN A 69 -4.26 -9.64 8.98
C ASN A 69 -4.11 -9.48 7.47
N ARG A 70 -5.16 -8.97 6.84
CA ARG A 70 -5.16 -8.76 5.40
C ARG A 70 -3.94 -7.94 4.99
N ALA A 71 -3.75 -6.84 5.70
CA ALA A 71 -2.62 -5.95 5.42
C ALA A 71 -1.32 -6.77 5.41
N ILE A 72 -1.15 -7.55 6.45
CA ILE A 72 0.03 -8.39 6.58
C ILE A 72 0.26 -9.15 5.27
N ASN A 73 -0.81 -9.80 4.81
CA ASN A 73 -0.75 -10.56 3.59
C ASN A 73 -0.22 -9.67 2.46
N VAL A 74 -0.59 -8.40 2.53
CA VAL A 74 -0.16 -7.45 1.52
C VAL A 74 1.28 -7.03 1.81
N LEU A 75 1.49 -6.54 3.03
CA LEU A 75 2.82 -6.11 3.43
C LEU A 75 3.84 -7.18 3.06
N LEU A 76 3.63 -8.38 3.60
CA LEU A 76 4.52 -9.48 3.33
C LEU A 76 4.83 -9.53 1.84
N GLU A 77 3.80 -9.78 1.05
CA GLU A 77 3.95 -9.85 -0.39
C GLU A 77 4.78 -8.68 -0.89
N GLY A 78 4.20 -7.48 -0.78
CA GLY A 78 4.87 -6.28 -1.22
C GLY A 78 4.59 -6.00 -2.69
N ASN A 79 5.26 -6.76 -3.55
CA ASN A 79 5.09 -6.61 -4.99
C ASN A 79 4.65 -7.95 -5.59
N PRO A 80 3.83 -7.85 -6.66
CA PRO A 80 3.33 -9.03 -7.33
C PRO A 80 4.43 -9.69 -8.18
N ASP A 81 5.19 -8.84 -8.85
CA ASP A 81 6.27 -9.31 -9.70
C ASP A 81 7.22 -8.15 -10.01
N THR A 82 7.98 -7.76 -8.99
CA THR A 82 8.93 -6.67 -9.14
C THR A 82 10.19 -7.15 -9.86
N HIS A 83 10.31 -6.75 -11.11
CA HIS A 83 11.47 -7.13 -11.92
C HIS A 83 12.65 -6.23 -11.57
N SER A 84 13.06 -6.30 -10.31
CA SER A 84 14.18 -5.50 -9.84
C SER A 84 14.87 -6.19 -8.68
N TRP A 85 16.15 -5.89 -8.51
CA TRP A 85 16.93 -6.48 -7.44
C TRP A 85 17.55 -5.34 -6.62
N GLU A 86 17.52 -5.50 -5.31
CA GLU A 86 18.07 -4.49 -4.42
C GLU A 86 19.00 -5.15 -3.39
N MET A 87 19.66 -4.31 -2.62
CA MET A 87 20.58 -4.80 -1.60
C MET A 87 20.86 -3.71 -0.56
N VAL A 88 20.68 -4.09 0.70
CA VAL A 88 20.92 -3.16 1.80
C VAL A 88 21.67 -3.88 2.91
N GLY A 89 22.47 -3.12 3.64
CA GLY A 89 23.24 -3.67 4.74
C GLY A 89 24.27 -2.66 5.24
N LYS A 90 25.53 -3.09 5.26
CA LYS A 90 26.61 -2.23 5.71
C LYS A 90 26.38 -1.89 7.19
N LYS A 91 27.48 -1.57 7.86
CA LYS A 91 27.42 -1.21 9.26
C LYS A 91 27.08 -2.46 10.09
N LYS A 92 27.82 -2.63 11.16
CA LYS A 92 27.61 -3.78 12.04
C LYS A 92 27.61 -3.31 13.49
N GLY A 93 27.15 -4.18 14.37
CA GLY A 93 27.11 -3.87 15.80
C GLY A 93 28.52 -3.77 16.38
N VAL A 94 28.65 -4.24 17.61
CA VAL A 94 29.93 -4.20 18.29
C VAL A 94 30.16 -5.54 18.99
N SER A 95 31.42 -5.77 19.36
CA SER A 95 31.79 -7.00 20.03
C SER A 95 31.67 -6.83 21.54
N GLY A 96 31.80 -7.95 22.26
CA GLY A 96 31.72 -7.93 23.70
C GLY A 96 32.10 -9.28 24.30
N GLN A 97 32.89 -9.23 25.36
CA GLN A 97 33.33 -10.45 26.02
C GLN A 97 33.61 -10.17 27.49
N LYS A 98 33.82 -11.25 28.24
CA LYS A 98 34.09 -11.13 29.67
C LYS A 98 34.64 -12.46 30.18
N SER A 99 35.03 -12.46 31.44
CA SER A 99 35.58 -13.66 32.06
C SER A 99 34.60 -14.18 33.12
N GLY A 100 34.25 -15.45 32.97
CA GLY A 100 33.33 -16.09 33.90
C GLY A 100 31.94 -15.46 33.82
N PRO A 101 30.93 -16.24 34.26
CA PRO A 101 29.55 -15.78 34.23
C PRO A 101 29.29 -14.77 35.35
N SER A 102 28.13 -14.14 35.29
CA SER A 102 27.76 -13.15 36.29
C SER A 102 26.24 -13.04 36.36
N SER A 103 25.65 -12.64 35.24
CA SER A 103 24.21 -12.48 35.15
C SER A 103 23.54 -13.84 34.99
N GLY A 104 23.96 -14.55 33.95
CA GLY A 104 23.41 -15.86 33.67
C GLY A 104 24.18 -16.95 34.43
N GLY A 1 -14.50 -16.72 -19.95
CA GLY A 1 -14.27 -17.81 -19.01
C GLY A 1 -12.79 -18.20 -18.99
N SER A 2 -12.54 -19.44 -18.59
CA SER A 2 -11.19 -19.95 -18.51
C SER A 2 -10.39 -19.16 -17.49
N SER A 3 -9.32 -19.79 -17.00
CA SER A 3 -8.46 -19.15 -16.01
C SER A 3 -7.01 -19.22 -16.46
N GLY A 4 -6.55 -18.10 -17.03
CA GLY A 4 -5.18 -18.02 -17.51
C GLY A 4 -5.12 -17.29 -18.85
N SER A 5 -4.66 -18.03 -19.86
CA SER A 5 -4.55 -17.46 -21.19
C SER A 5 -3.82 -16.12 -21.15
N SER A 6 -2.52 -16.19 -21.35
CA SER A 6 -1.70 -14.99 -21.33
C SER A 6 -0.43 -15.20 -22.16
N GLY A 7 0.46 -16.02 -21.62
CA GLY A 7 1.71 -16.32 -22.29
C GLY A 7 2.89 -16.18 -21.34
N ASN A 8 4.09 -16.22 -21.91
CA ASN A 8 5.30 -16.11 -21.13
C ASN A 8 6.15 -14.95 -21.67
N GLN A 9 6.33 -13.94 -20.84
CA GLN A 9 7.11 -12.77 -21.22
C GLN A 9 7.83 -12.19 -20.00
N ASN A 10 7.05 -11.98 -18.95
CA ASN A 10 7.59 -11.42 -17.72
C ASN A 10 8.22 -10.06 -18.01
N GLN A 11 9.14 -9.66 -17.15
CA GLN A 11 9.82 -8.39 -17.30
C GLN A 11 8.89 -7.25 -16.91
N THR A 12 9.49 -6.22 -16.33
CA THR A 12 8.73 -5.05 -15.90
C THR A 12 8.21 -4.28 -17.11
N GLN A 13 7.12 -3.56 -16.90
CA GLN A 13 6.52 -2.77 -17.95
C GLN A 13 6.76 -1.28 -17.71
N HIS A 14 6.00 -0.74 -16.77
CA HIS A 14 6.13 0.67 -16.43
C HIS A 14 5.21 1.00 -15.26
N LYS A 15 5.62 1.99 -14.48
CA LYS A 15 4.85 2.40 -13.33
C LYS A 15 5.01 1.38 -12.21
N GLN A 16 5.41 1.88 -11.04
CA GLN A 16 5.61 1.02 -9.89
C GLN A 16 4.25 0.69 -9.24
N ARG A 17 3.44 -0.04 -9.99
CA ARG A 17 2.13 -0.43 -9.49
C ARG A 17 1.26 0.81 -9.26
N PRO A 18 -0.04 0.68 -9.63
CA PRO A 18 -0.98 1.78 -9.46
C PRO A 18 -1.39 1.93 -7.99
N GLN A 19 -1.98 3.07 -7.69
CA GLN A 19 -2.42 3.36 -6.33
C GLN A 19 -1.23 3.85 -5.48
N ALA A 20 -0.18 3.04 -5.47
CA ALA A 20 1.00 3.38 -4.70
C ALA A 20 1.79 4.47 -5.44
N THR A 21 1.11 5.59 -5.66
CA THR A 21 1.73 6.72 -6.36
C THR A 21 1.25 8.04 -5.76
N ALA A 22 1.05 9.00 -6.64
CA ALA A 22 0.59 10.32 -6.21
C ALA A 22 -0.69 10.17 -5.37
N GLU A 23 -1.43 9.11 -5.67
CA GLU A 23 -2.66 8.84 -4.96
C GLU A 23 -2.36 8.46 -3.50
N GLN A 24 -1.39 7.56 -3.35
CA GLN A 24 -1.00 7.10 -2.03
C GLN A 24 -0.51 8.28 -1.19
N ILE A 25 0.40 9.04 -1.78
CA ILE A 25 0.97 10.19 -1.10
C ILE A 25 -0.17 11.06 -0.55
N ARG A 26 -1.24 11.15 -1.33
CA ARG A 26 -2.39 11.94 -0.93
C ARG A 26 -3.26 11.16 0.06
N LEU A 27 -3.43 9.87 -0.24
CA LEU A 27 -4.23 9.01 0.61
C LEU A 27 -3.60 8.95 2.00
N ALA A 28 -2.32 8.61 2.02
CA ALA A 28 -1.59 8.50 3.28
C ALA A 28 -1.66 9.85 4.01
N GLN A 29 -1.79 10.91 3.22
CA GLN A 29 -1.87 12.24 3.78
C GLN A 29 -3.27 12.52 4.32
N MET A 30 -4.25 11.93 3.65
CA MET A 30 -5.63 12.10 4.05
C MET A 30 -5.99 11.16 5.20
N ILE A 31 -5.50 9.93 5.09
CA ILE A 31 -5.77 8.94 6.12
C ILE A 31 -5.20 9.42 7.45
N SER A 32 -3.95 9.84 7.41
CA SER A 32 -3.29 10.33 8.61
C SER A 32 -4.17 11.37 9.31
N ASP A 33 -4.45 12.44 8.58
CA ASP A 33 -5.27 13.51 9.12
C ASP A 33 -6.49 12.90 9.83
N HIS A 34 -7.13 11.98 9.14
CA HIS A 34 -8.31 11.32 9.69
C HIS A 34 -7.90 9.98 10.31
N ASN A 35 -7.02 10.06 11.29
CA ASN A 35 -6.54 8.87 11.97
C ASN A 35 -7.48 8.54 13.13
N ASP A 36 -7.72 7.24 13.30
CA ASP A 36 -8.60 6.78 14.37
C ASP A 36 -7.83 5.79 15.25
N ALA A 37 -8.34 5.61 16.46
CA ALA A 37 -7.72 4.71 17.41
C ALA A 37 -7.68 3.31 16.82
N ASP A 38 -8.85 2.81 16.46
CA ASP A 38 -8.96 1.49 15.88
C ASP A 38 -7.83 1.28 14.87
N PHE A 39 -7.89 2.07 13.80
CA PHE A 39 -6.88 1.98 12.75
C PHE A 39 -5.48 2.13 13.33
N GLU A 40 -5.35 3.08 14.25
CA GLU A 40 -4.07 3.33 14.89
C GLU A 40 -3.51 2.04 15.50
N GLU A 41 -4.31 1.46 16.39
CA GLU A 41 -3.91 0.22 17.05
C GLU A 41 -3.46 -0.81 16.01
N LYS A 42 -4.16 -0.83 14.89
CA LYS A 42 -3.84 -1.76 13.82
C LYS A 42 -2.43 -1.47 13.30
N VAL A 43 -2.23 -0.24 12.85
CA VAL A 43 -0.94 0.18 12.33
C VAL A 43 0.17 -0.40 13.21
N LYS A 44 0.08 -0.09 14.50
CA LYS A 44 1.06 -0.58 15.46
C LYS A 44 1.18 -2.10 15.34
N GLN A 45 0.02 -2.75 15.32
CA GLN A 45 -0.01 -4.19 15.21
C GLN A 45 0.81 -4.67 14.02
N LEU A 46 0.70 -3.92 12.92
CA LEU A 46 1.44 -4.24 11.72
C LEU A 46 2.94 -4.10 11.99
N ILE A 47 3.31 -2.94 12.51
CA ILE A 47 4.70 -2.67 12.82
C ILE A 47 5.22 -3.73 13.81
N ASP A 48 4.34 -4.14 14.70
CA ASP A 48 4.69 -5.13 15.70
C ASP A 48 4.83 -6.49 15.01
N ILE A 49 3.86 -6.82 14.20
CA ILE A 49 3.88 -8.09 13.48
C ILE A 49 4.99 -8.07 12.43
N THR A 50 4.78 -7.26 11.40
CA THR A 50 5.75 -7.13 10.33
C THR A 50 6.95 -6.31 10.80
N GLY A 51 6.77 -4.99 10.77
CA GLY A 51 7.82 -4.08 11.18
C GLY A 51 8.32 -3.24 10.00
N LYS A 52 7.40 -3.00 9.07
CA LYS A 52 7.73 -2.21 7.89
C LYS A 52 7.52 -0.73 8.20
N ASN A 53 7.86 0.09 7.23
CA ASN A 53 7.72 1.54 7.38
C ASN A 53 6.27 1.87 7.73
N GLN A 54 6.10 2.48 8.90
CA GLN A 54 4.77 2.85 9.37
C GLN A 54 3.93 3.36 8.20
N ASP A 55 4.46 4.37 7.51
CA ASP A 55 3.77 4.95 6.37
C ASP A 55 3.22 3.83 5.48
N GLU A 56 4.12 2.90 5.14
CA GLU A 56 3.74 1.78 4.30
C GLU A 56 2.67 0.93 4.99
N CYS A 57 2.98 0.53 6.21
CA CYS A 57 2.06 -0.28 6.99
C CYS A 57 0.69 0.40 6.99
N VAL A 58 0.71 1.68 7.31
CA VAL A 58 -0.52 2.47 7.34
C VAL A 58 -1.17 2.44 5.97
N ILE A 59 -0.35 2.69 4.96
CA ILE A 59 -0.84 2.70 3.58
C ILE A 59 -1.46 1.33 3.25
N ALA A 60 -0.64 0.30 3.41
CA ALA A 60 -1.08 -1.06 3.14
C ALA A 60 -2.36 -1.34 3.93
N LEU A 61 -2.28 -1.10 5.23
CA LEU A 61 -3.42 -1.32 6.10
C LEU A 61 -4.70 -0.82 5.41
N HIS A 62 -4.68 0.45 5.04
CA HIS A 62 -5.82 1.05 4.37
C HIS A 62 -5.98 0.43 2.97
N ASP A 63 -4.89 0.46 2.23
CA ASP A 63 -4.90 -0.10 0.88
C ASP A 63 -5.68 -1.40 0.87
N CYS A 64 -5.30 -2.29 1.79
CA CYS A 64 -5.97 -3.58 1.89
C CYS A 64 -7.42 -3.34 2.30
N ASN A 65 -7.60 -2.93 3.55
CA ASN A 65 -8.93 -2.67 4.07
C ASN A 65 -8.85 -2.48 5.59
N GLY A 66 -8.09 -1.48 5.99
CA GLY A 66 -7.92 -1.18 7.41
C GLY A 66 -7.84 -2.48 8.23
N ASP A 67 -7.32 -3.51 7.59
CA ASP A 67 -7.19 -4.80 8.24
C ASP A 67 -5.71 -5.14 8.41
N VAL A 68 -5.33 -5.41 9.65
CA VAL A 68 -3.94 -5.76 9.95
C VAL A 68 -3.58 -7.06 9.24
N ASN A 69 -4.49 -8.02 9.32
CA ASN A 69 -4.27 -9.31 8.71
C ASN A 69 -4.14 -9.13 7.19
N ARG A 70 -5.22 -8.65 6.59
CA ARG A 70 -5.24 -8.43 5.15
C ARG A 70 -3.98 -7.69 4.71
N ALA A 71 -3.55 -6.75 5.55
CA ALA A 71 -2.36 -5.98 5.26
C ALA A 71 -1.14 -6.92 5.21
N ILE A 72 -0.92 -7.59 6.33
CA ILE A 72 0.20 -8.52 6.42
C ILE A 72 0.34 -9.29 5.11
N ASN A 73 -0.79 -9.72 4.59
CA ASN A 73 -0.81 -10.46 3.33
C ASN A 73 -0.03 -9.67 2.27
N VAL A 74 -0.39 -8.40 2.13
CA VAL A 74 0.26 -7.55 1.17
C VAL A 74 1.64 -7.15 1.69
N LEU A 75 1.66 -6.64 2.90
CA LEU A 75 2.90 -6.22 3.53
C LEU A 75 3.98 -7.27 3.25
N LEU A 76 3.66 -8.51 3.62
CA LEU A 76 4.60 -9.61 3.43
C LEU A 76 5.16 -9.54 2.01
N GLU A 77 4.27 -9.70 1.04
CA GLU A 77 4.68 -9.67 -0.36
C GLU A 77 3.98 -8.51 -1.08
N GLY A 78 2.85 -8.84 -1.71
CA GLY A 78 2.09 -7.85 -2.44
C GLY A 78 1.07 -8.51 -3.36
N ASN A 79 1.23 -8.26 -4.65
CA ASN A 79 0.33 -8.82 -5.64
C ASN A 79 1.14 -9.29 -6.85
N PRO A 80 0.86 -10.56 -7.28
CA PRO A 80 1.55 -11.13 -8.42
C PRO A 80 1.05 -10.53 -9.74
N ASP A 81 1.26 -9.23 -9.87
CA ASP A 81 0.84 -8.52 -11.06
C ASP A 81 -0.65 -8.18 -10.94
N THR A 82 -1.45 -9.20 -10.67
CA THR A 82 -2.88 -9.02 -10.52
C THR A 82 -3.40 -8.02 -11.56
N HIS A 83 -2.88 -8.16 -12.78
CA HIS A 83 -3.28 -7.29 -13.86
C HIS A 83 -3.59 -8.12 -15.11
N SER A 84 -4.07 -7.44 -16.13
CA SER A 84 -4.41 -8.10 -17.38
C SER A 84 -3.59 -7.51 -18.54
N TRP A 85 -4.18 -7.57 -19.72
CA TRP A 85 -3.51 -7.04 -20.90
C TRP A 85 -4.36 -5.88 -21.43
N GLU A 86 -3.68 -4.90 -22.02
CA GLU A 86 -4.35 -3.74 -22.58
C GLU A 86 -4.57 -3.93 -24.07
N MET A 87 -3.66 -3.36 -24.85
CA MET A 87 -3.73 -3.45 -26.30
C MET A 87 -2.37 -3.75 -26.91
N VAL A 88 -1.92 -4.98 -26.71
CA VAL A 88 -0.63 -5.41 -27.24
C VAL A 88 -0.85 -6.44 -28.35
N GLY A 89 0.10 -6.46 -29.27
CA GLY A 89 0.02 -7.39 -30.39
C GLY A 89 0.28 -8.82 -29.94
N LYS A 90 -0.68 -9.35 -29.19
CA LYS A 90 -0.57 -10.70 -28.68
C LYS A 90 -0.11 -11.64 -29.81
N LYS A 91 0.75 -12.57 -29.46
CA LYS A 91 1.25 -13.53 -30.43
C LYS A 91 1.39 -14.90 -29.78
N LYS A 92 0.25 -15.47 -29.42
CA LYS A 92 0.24 -16.78 -28.78
C LYS A 92 0.39 -17.86 -29.84
N GLY A 93 0.55 -19.09 -29.38
CA GLY A 93 0.71 -20.22 -30.27
C GLY A 93 0.09 -21.49 -29.68
N VAL A 94 0.96 -22.39 -29.23
CA VAL A 94 0.51 -23.64 -28.64
C VAL A 94 1.43 -24.00 -27.48
N SER A 95 0.93 -23.75 -26.27
CA SER A 95 1.70 -24.05 -25.08
C SER A 95 0.75 -24.21 -23.88
N GLY A 96 1.12 -25.11 -22.99
CA GLY A 96 0.32 -25.36 -21.80
C GLY A 96 1.22 -25.63 -20.59
N GLN A 97 0.66 -26.38 -19.64
CA GLN A 97 1.38 -26.73 -18.43
C GLN A 97 1.07 -28.17 -18.02
N LYS A 98 2.13 -28.97 -17.96
CA LYS A 98 1.98 -30.37 -17.59
C LYS A 98 1.91 -30.47 -16.07
N SER A 99 0.72 -30.82 -15.59
CA SER A 99 0.50 -30.96 -14.16
C SER A 99 -0.53 -32.07 -13.89
N GLY A 100 -0.55 -32.52 -12.65
CA GLY A 100 -1.47 -33.57 -12.25
C GLY A 100 -0.72 -34.85 -11.90
N PRO A 101 -0.45 -35.01 -10.57
CA PRO A 101 0.26 -36.18 -10.09
C PRO A 101 -0.65 -37.41 -10.08
N SER A 102 -1.15 -37.73 -11.27
CA SER A 102 -2.04 -38.88 -11.42
C SER A 102 -3.15 -38.83 -10.37
N SER A 103 -4.20 -38.08 -10.71
CA SER A 103 -5.33 -37.94 -9.81
C SER A 103 -6.24 -39.17 -9.92
N GLY A 104 -6.64 -39.68 -8.76
CA GLY A 104 -7.52 -40.84 -8.72
C GLY A 104 -6.70 -42.12 -8.48
N GLY A 1 17.16 -23.95 -18.82
CA GLY A 1 17.10 -22.57 -19.28
C GLY A 1 15.93 -21.83 -18.65
N SER A 2 15.38 -20.89 -19.42
CA SER A 2 14.25 -20.10 -18.94
C SER A 2 12.94 -20.71 -19.43
N SER A 3 12.23 -21.33 -18.50
CA SER A 3 10.97 -21.96 -18.82
C SER A 3 9.99 -20.92 -19.39
N GLY A 4 9.75 -19.89 -18.61
CA GLY A 4 8.85 -18.83 -19.03
C GLY A 4 9.51 -17.46 -18.88
N SER A 5 9.28 -16.61 -19.87
CA SER A 5 9.85 -15.28 -19.87
C SER A 5 9.70 -14.66 -18.48
N SER A 6 10.56 -13.69 -18.21
CA SER A 6 10.55 -13.01 -16.92
C SER A 6 10.88 -11.53 -17.11
N GLY A 7 10.42 -10.72 -16.18
CA GLY A 7 10.67 -9.29 -16.23
C GLY A 7 9.80 -8.62 -17.30
N ASN A 8 9.07 -7.60 -16.86
CA ASN A 8 8.20 -6.88 -17.77
C ASN A 8 7.95 -5.47 -17.22
N GLN A 9 7.41 -4.62 -18.08
CA GLN A 9 7.12 -3.25 -17.69
C GLN A 9 5.61 -3.02 -17.64
N ASN A 10 5.06 -3.12 -16.44
CA ASN A 10 3.63 -2.93 -16.25
C ASN A 10 2.86 -3.91 -17.14
N GLN A 11 1.59 -4.09 -16.81
CA GLN A 11 0.74 -4.99 -17.56
C GLN A 11 0.86 -4.71 -19.07
N THR A 12 0.55 -3.48 -19.43
CA THR A 12 0.62 -3.08 -20.82
C THR A 12 1.60 -1.91 -20.99
N GLN A 13 1.28 -0.81 -20.32
CA GLN A 13 2.11 0.38 -20.38
C GLN A 13 1.93 1.22 -19.12
N HIS A 14 0.69 1.65 -18.90
CA HIS A 14 0.37 2.45 -17.74
C HIS A 14 -0.29 1.58 -16.67
N LYS A 15 -0.40 2.14 -15.48
CA LYS A 15 -1.01 1.43 -14.37
C LYS A 15 -2.49 1.81 -14.28
N GLN A 16 -3.33 0.78 -14.32
CA GLN A 16 -4.76 0.98 -14.25
C GLN A 16 -5.15 1.53 -12.86
N ARG A 17 -4.78 0.78 -11.84
CA ARG A 17 -5.08 1.18 -10.48
C ARG A 17 -4.82 2.66 -10.28
N PRO A 18 -5.92 3.43 -10.09
CA PRO A 18 -5.82 4.86 -9.90
C PRO A 18 -5.31 5.19 -8.49
N GLN A 19 -5.12 6.47 -8.25
CA GLN A 19 -4.65 6.93 -6.95
C GLN A 19 -3.30 6.28 -6.62
N ALA A 20 -2.26 7.09 -6.67
CA ALA A 20 -0.91 6.61 -6.39
C ALA A 20 0.08 7.75 -6.56
N THR A 21 1.36 7.38 -6.62
CA THR A 21 2.41 8.37 -6.78
C THR A 21 2.13 9.60 -5.91
N ALA A 22 2.36 10.76 -6.49
CA ALA A 22 2.14 12.01 -5.79
C ALA A 22 0.86 11.90 -4.95
N GLU A 23 -0.13 11.25 -5.53
CA GLU A 23 -1.40 11.07 -4.86
C GLU A 23 -1.20 10.32 -3.54
N GLN A 24 -0.48 9.21 -3.62
CA GLN A 24 -0.21 8.40 -2.45
C GLN A 24 0.46 9.25 -1.36
N ILE A 25 1.59 9.84 -1.72
CA ILE A 25 2.32 10.68 -0.80
C ILE A 25 1.36 11.60 -0.07
N ARG A 26 0.45 12.20 -0.84
CA ARG A 26 -0.53 13.10 -0.29
C ARG A 26 -1.59 12.32 0.52
N LEU A 27 -2.02 11.22 -0.07
CA LEU A 27 -3.02 10.38 0.58
C LEU A 27 -2.56 10.05 2.00
N ALA A 28 -1.39 9.42 2.09
CA ALA A 28 -0.82 9.06 3.37
C ALA A 28 -0.74 10.29 4.27
N GLN A 29 -0.54 11.43 3.62
CA GLN A 29 -0.44 12.68 4.35
C GLN A 29 -1.83 13.15 4.80
N MET A 30 -2.82 12.83 3.98
CA MET A 30 -4.19 13.21 4.27
C MET A 30 -4.83 12.22 5.26
N ILE A 31 -4.53 10.94 5.04
CA ILE A 31 -5.07 9.90 5.89
C ILE A 31 -4.59 10.12 7.32
N SER A 32 -3.27 10.11 7.48
CA SER A 32 -2.68 10.31 8.80
C SER A 32 -3.44 11.40 9.56
N ASP A 33 -3.52 12.56 8.94
CA ASP A 33 -4.21 13.68 9.54
C ASP A 33 -5.54 13.19 10.15
N HIS A 34 -6.26 12.43 9.36
CA HIS A 34 -7.55 11.90 9.80
C HIS A 34 -7.39 10.41 10.12
N ASN A 35 -6.83 10.16 11.30
CA ASN A 35 -6.63 8.79 11.74
C ASN A 35 -7.51 8.51 12.96
N ASP A 36 -7.59 7.24 13.32
CA ASP A 36 -8.39 6.82 14.46
C ASP A 36 -7.57 5.88 15.34
N ALA A 37 -8.01 5.76 16.59
CA ALA A 37 -7.33 4.91 17.54
C ALA A 37 -7.34 3.46 17.02
N ASP A 38 -8.52 3.02 16.63
CA ASP A 38 -8.68 1.67 16.12
C ASP A 38 -7.61 1.40 15.07
N PHE A 39 -7.70 2.13 13.98
CA PHE A 39 -6.74 1.98 12.89
C PHE A 39 -5.31 2.17 13.40
N GLU A 40 -5.14 3.18 14.23
CA GLU A 40 -3.84 3.49 14.79
C GLU A 40 -3.26 2.26 15.51
N GLU A 41 -4.04 1.76 16.47
CA GLU A 41 -3.62 0.60 17.23
C GLU A 41 -3.30 -0.56 16.30
N LYS A 42 -3.98 -0.57 15.16
CA LYS A 42 -3.78 -1.62 14.17
C LYS A 42 -2.49 -1.36 13.41
N VAL A 43 -2.44 -0.20 12.77
CA VAL A 43 -1.26 0.18 12.00
C VAL A 43 -0.01 -0.12 12.81
N LYS A 44 -0.08 0.17 14.10
CA LYS A 44 1.04 -0.07 14.99
C LYS A 44 1.21 -1.58 15.19
N GLN A 45 0.09 -2.27 15.28
CA GLN A 45 0.11 -3.71 15.46
C GLN A 45 0.82 -4.38 14.29
N LEU A 46 0.69 -3.76 13.12
CA LEU A 46 1.31 -4.30 11.92
C LEU A 46 2.83 -4.21 12.06
N ILE A 47 3.27 -3.16 12.74
CA ILE A 47 4.70 -2.93 12.95
C ILE A 47 5.25 -4.08 13.80
N ASP A 48 4.71 -4.21 15.00
CA ASP A 48 5.14 -5.25 15.91
C ASP A 48 5.01 -6.61 15.23
N ILE A 49 3.97 -6.73 14.42
CA ILE A 49 3.72 -7.96 13.70
C ILE A 49 4.77 -8.14 12.59
N THR A 50 4.67 -7.29 11.58
CA THR A 50 5.60 -7.34 10.47
C THR A 50 6.93 -6.68 10.86
N GLY A 51 6.87 -5.36 10.99
CA GLY A 51 8.05 -4.60 11.36
C GLY A 51 8.48 -3.67 10.21
N LYS A 52 7.55 -3.45 9.30
CA LYS A 52 7.81 -2.59 8.15
C LYS A 52 7.60 -1.12 8.55
N ASN A 53 7.79 -0.25 7.58
CA ASN A 53 7.61 1.18 7.81
C ASN A 53 6.15 1.46 8.11
N GLN A 54 5.90 1.90 9.34
CA GLN A 54 4.54 2.22 9.77
C GLN A 54 3.77 2.88 8.64
N ASP A 55 4.31 4.01 8.17
CA ASP A 55 3.68 4.74 7.09
C ASP A 55 3.16 3.76 6.05
N GLU A 56 4.04 2.86 5.64
CA GLU A 56 3.67 1.86 4.65
C GLU A 56 2.52 1.00 5.15
N CYS A 57 2.61 0.64 6.43
CA CYS A 57 1.58 -0.18 7.04
C CYS A 57 0.24 0.53 6.90
N VAL A 58 0.29 1.85 7.06
CA VAL A 58 -0.92 2.67 6.95
C VAL A 58 -1.48 2.56 5.53
N ILE A 59 -0.56 2.40 4.58
CA ILE A 59 -0.95 2.28 3.18
C ILE A 59 -1.51 0.88 2.93
N ALA A 60 -0.69 -0.12 3.22
CA ALA A 60 -1.08 -1.50 3.03
C ALA A 60 -2.41 -1.74 3.76
N LEU A 61 -2.44 -1.35 5.03
CA LEU A 61 -3.63 -1.52 5.83
C LEU A 61 -4.82 -0.88 5.12
N HIS A 62 -4.77 0.43 4.99
CA HIS A 62 -5.83 1.17 4.34
C HIS A 62 -6.15 0.52 2.99
N ASP A 63 -5.14 0.51 2.13
CA ASP A 63 -5.30 -0.08 0.81
C ASP A 63 -6.11 -1.37 0.92
N CYS A 64 -5.64 -2.26 1.79
CA CYS A 64 -6.30 -3.53 2.00
C CYS A 64 -7.76 -3.25 2.36
N ASN A 65 -7.97 -2.70 3.54
CA ASN A 65 -9.31 -2.38 4.01
C ASN A 65 -9.31 -2.30 5.53
N GLY A 66 -8.31 -1.62 6.06
CA GLY A 66 -8.18 -1.48 7.50
C GLY A 66 -8.00 -2.84 8.18
N ASP A 67 -7.66 -3.83 7.37
CA ASP A 67 -7.46 -5.17 7.88
C ASP A 67 -5.97 -5.40 8.13
N VAL A 68 -5.66 -5.73 9.38
CA VAL A 68 -4.27 -5.97 9.76
C VAL A 68 -3.78 -7.25 9.09
N ASN A 69 -4.68 -8.22 8.99
CA ASN A 69 -4.35 -9.49 8.37
C ASN A 69 -4.10 -9.28 6.88
N ARG A 70 -5.15 -8.83 6.20
CA ARG A 70 -5.06 -8.59 4.77
C ARG A 70 -3.82 -7.78 4.44
N ALA A 71 -3.48 -6.86 5.35
CA ALA A 71 -2.31 -6.03 5.17
C ALA A 71 -1.07 -6.89 5.11
N ILE A 72 -0.91 -7.73 6.13
CA ILE A 72 0.23 -8.63 6.20
C ILE A 72 0.45 -9.27 4.82
N ASN A 73 -0.63 -9.75 4.25
CA ASN A 73 -0.57 -10.39 2.94
C ASN A 73 0.16 -9.47 1.96
N VAL A 74 -0.13 -8.19 2.09
CA VAL A 74 0.50 -7.20 1.22
C VAL A 74 1.89 -6.86 1.76
N LEU A 75 1.92 -6.50 3.03
CA LEU A 75 3.18 -6.16 3.68
C LEU A 75 4.22 -7.23 3.37
N LEU A 76 3.85 -8.47 3.67
CA LEU A 76 4.74 -9.60 3.43
C LEU A 76 5.14 -9.63 1.96
N GLU A 77 4.15 -9.82 1.11
CA GLU A 77 4.38 -9.87 -0.32
C GLU A 77 5.71 -10.57 -0.62
N GLY A 78 5.94 -11.67 0.11
CA GLY A 78 7.16 -12.43 -0.08
C GLY A 78 7.05 -13.79 0.61
N ASN A 79 6.33 -14.70 -0.05
CA ASN A 79 6.14 -16.03 0.48
C ASN A 79 6.17 -17.05 -0.67
N PRO A 80 6.74 -18.24 -0.37
CA PRO A 80 6.84 -19.29 -1.37
C PRO A 80 5.48 -19.96 -1.60
N ASP A 81 4.72 -20.08 -0.52
CA ASP A 81 3.40 -20.69 -0.59
C ASP A 81 2.54 -20.16 0.56
N THR A 82 3.06 -20.30 1.77
CA THR A 82 2.35 -19.83 2.95
C THR A 82 1.01 -20.56 3.08
N HIS A 83 0.58 -20.72 4.32
CA HIS A 83 -0.67 -21.39 4.59
C HIS A 83 -1.84 -20.52 4.13
N SER A 84 -3.02 -21.12 4.08
CA SER A 84 -4.21 -20.41 3.66
C SER A 84 -5.13 -20.16 4.86
N TRP A 85 -5.53 -18.91 5.01
CA TRP A 85 -6.41 -18.53 6.11
C TRP A 85 -5.65 -18.73 7.41
N GLU A 86 -5.80 -17.76 8.31
CA GLU A 86 -5.13 -17.82 9.60
C GLU A 86 -5.73 -16.79 10.55
N MET A 87 -6.36 -17.28 11.60
CA MET A 87 -6.97 -16.41 12.59
C MET A 87 -8.06 -15.53 11.95
N VAL A 88 -9.27 -15.69 12.47
CA VAL A 88 -10.40 -14.91 11.96
C VAL A 88 -10.92 -14.01 13.07
N GLY A 89 -11.57 -12.92 12.64
CA GLY A 89 -12.12 -11.96 13.59
C GLY A 89 -13.65 -11.90 13.47
N LYS A 90 -14.26 -11.23 14.44
CA LYS A 90 -15.71 -11.09 14.45
C LYS A 90 -16.10 -10.04 15.48
N LYS A 91 -16.91 -9.09 15.05
CA LYS A 91 -17.37 -8.03 15.92
C LYS A 91 -18.68 -7.44 15.37
N LYS A 92 -18.57 -6.84 14.19
CA LYS A 92 -19.72 -6.25 13.55
C LYS A 92 -19.76 -6.69 12.08
N GLY A 93 -20.98 -6.95 11.61
CA GLY A 93 -21.17 -7.37 10.24
C GLY A 93 -20.72 -6.30 9.26
N VAL A 94 -20.57 -6.70 8.01
CA VAL A 94 -20.14 -5.78 6.97
C VAL A 94 -20.47 -6.37 5.60
N SER A 95 -20.64 -5.49 4.63
CA SER A 95 -20.94 -5.91 3.27
C SER A 95 -20.22 -5.01 2.27
N GLY A 96 -19.56 -5.67 1.32
CA GLY A 96 -18.82 -4.94 0.29
C GLY A 96 -19.42 -5.21 -1.09
N GLN A 97 -18.85 -4.53 -2.09
CA GLN A 97 -19.31 -4.68 -3.45
C GLN A 97 -18.24 -4.17 -4.43
N LYS A 98 -17.30 -5.05 -4.73
CA LYS A 98 -16.22 -4.71 -5.64
C LYS A 98 -15.51 -5.99 -6.08
N SER A 99 -15.21 -6.06 -7.37
CA SER A 99 -14.53 -7.22 -7.93
C SER A 99 -13.39 -6.77 -8.83
N GLY A 100 -12.50 -7.69 -9.12
CA GLY A 100 -11.36 -7.41 -9.97
C GLY A 100 -11.07 -8.58 -10.92
N PRO A 101 -11.76 -8.53 -12.09
CA PRO A 101 -11.59 -9.57 -13.09
C PRO A 101 -10.26 -9.43 -13.83
N SER A 102 -9.98 -10.39 -14.69
CA SER A 102 -8.74 -10.37 -15.46
C SER A 102 -8.85 -11.33 -16.64
N SER A 103 -7.82 -11.31 -17.47
CA SER A 103 -7.78 -12.18 -18.64
C SER A 103 -6.34 -12.48 -19.03
N GLY A 104 -6.14 -13.66 -19.61
CA GLY A 104 -4.81 -14.07 -20.03
C GLY A 104 -4.68 -14.02 -21.55
N GLY A 1 3.93 36.30 -31.03
CA GLY A 1 3.24 35.14 -31.56
C GLY A 1 2.19 34.62 -30.59
N SER A 2 1.54 33.53 -30.97
CA SER A 2 0.52 32.93 -30.14
C SER A 2 -0.63 33.92 -29.91
N SER A 3 -1.67 33.77 -30.72
CA SER A 3 -2.82 34.64 -30.62
C SER A 3 -4.04 33.97 -31.27
N GLY A 4 -5.18 34.12 -30.61
CA GLY A 4 -6.42 33.54 -31.10
C GLY A 4 -7.50 33.55 -30.03
N SER A 5 -8.26 32.47 -29.99
CA SER A 5 -9.33 32.34 -29.02
C SER A 5 -9.92 30.93 -29.07
N SER A 6 -10.11 30.35 -27.89
CA SER A 6 -10.67 29.01 -27.80
C SER A 6 -9.83 28.04 -28.62
N GLY A 7 -8.86 27.42 -27.95
CA GLY A 7 -7.98 26.48 -28.61
C GLY A 7 -6.55 27.00 -28.68
N ASN A 8 -5.80 26.71 -27.63
CA ASN A 8 -4.41 27.14 -27.56
C ASN A 8 -3.80 26.69 -26.23
N GLN A 9 -2.81 25.81 -26.34
CA GLN A 9 -2.15 25.29 -25.16
C GLN A 9 -0.63 25.44 -25.31
N ASN A 10 -0.03 26.03 -24.29
CA ASN A 10 1.41 26.23 -24.29
C ASN A 10 2.08 25.11 -23.49
N GLN A 11 3.31 24.79 -23.88
CA GLN A 11 4.06 23.75 -23.21
C GLN A 11 3.23 22.46 -23.12
N THR A 12 3.54 21.54 -24.03
CA THR A 12 2.84 20.28 -24.06
C THR A 12 3.58 19.22 -23.23
N GLN A 13 4.11 19.68 -22.11
CA GLN A 13 4.85 18.80 -21.22
C GLN A 13 4.16 18.72 -19.85
N HIS A 14 4.56 17.72 -19.07
CA HIS A 14 4.00 17.53 -17.75
C HIS A 14 2.59 16.94 -17.87
N LYS A 15 1.70 17.74 -18.43
CA LYS A 15 0.31 17.30 -18.60
C LYS A 15 -0.40 17.34 -17.25
N GLN A 16 0.06 16.47 -16.36
CA GLN A 16 -0.53 16.39 -15.03
C GLN A 16 0.55 16.13 -13.98
N ARG A 17 0.19 16.37 -12.73
CA ARG A 17 1.12 16.17 -11.63
C ARG A 17 1.33 14.67 -11.37
N PRO A 18 2.57 14.33 -10.94
CA PRO A 18 2.90 12.94 -10.65
C PRO A 18 2.28 12.50 -9.33
N GLN A 19 2.52 11.23 -8.99
CA GLN A 19 2.00 10.67 -7.75
C GLN A 19 3.14 10.19 -6.86
N ALA A 20 2.79 9.89 -5.62
CA ALA A 20 3.78 9.41 -4.66
C ALA A 20 4.81 10.51 -4.40
N THR A 21 5.73 10.22 -3.50
CA THR A 21 6.77 11.17 -3.14
C THR A 21 6.16 12.41 -2.49
N ALA A 22 5.62 13.28 -3.33
CA ALA A 22 5.01 14.50 -2.84
C ALA A 22 3.60 14.20 -2.32
N GLU A 23 2.79 13.62 -3.21
CA GLU A 23 1.43 13.27 -2.85
C GLU A 23 1.41 12.44 -1.57
N GLN A 24 2.15 11.33 -1.62
CA GLN A 24 2.22 10.44 -0.47
C GLN A 24 2.33 11.24 0.82
N ILE A 25 3.36 12.06 0.89
CA ILE A 25 3.60 12.89 2.07
C ILE A 25 2.26 13.52 2.49
N ARG A 26 1.62 14.18 1.55
CA ARG A 26 0.35 14.84 1.82
C ARG A 26 -0.71 13.80 2.17
N LEU A 27 -0.58 12.63 1.55
CA LEU A 27 -1.52 11.54 1.79
C LEU A 27 -1.35 11.03 3.23
N ALA A 28 -0.21 10.43 3.48
CA ALA A 28 0.08 9.90 4.81
C ALA A 28 -0.14 10.99 5.85
N GLN A 29 -0.07 12.22 5.38
CA GLN A 29 -0.25 13.37 6.26
C GLN A 29 -1.74 13.54 6.60
N MET A 30 -2.58 13.24 5.62
CA MET A 30 -4.01 13.35 5.80
C MET A 30 -4.61 12.03 6.30
N ILE A 31 -4.12 10.94 5.72
CA ILE A 31 -4.59 9.62 6.10
C ILE A 31 -4.46 9.45 7.61
N SER A 32 -3.39 10.00 8.15
CA SER A 32 -3.13 9.92 9.58
C SER A 32 -4.31 10.51 10.35
N ASP A 33 -4.49 11.81 10.19
CA ASP A 33 -5.58 12.49 10.87
C ASP A 33 -6.87 11.68 10.73
N HIS A 34 -7.03 11.09 9.56
CA HIS A 34 -8.21 10.28 9.29
C HIS A 34 -8.16 9.01 10.14
N ASN A 35 -9.11 8.13 9.88
CA ASN A 35 -9.19 6.87 10.60
C ASN A 35 -9.47 7.16 12.08
N ASP A 36 -9.43 6.11 12.88
CA ASP A 36 -9.68 6.23 14.31
C ASP A 36 -8.54 5.57 15.08
N ALA A 37 -8.78 5.37 16.37
CA ALA A 37 -7.78 4.75 17.22
C ALA A 37 -7.55 3.30 16.76
N ASP A 38 -8.65 2.59 16.58
CA ASP A 38 -8.59 1.21 16.15
C ASP A 38 -7.51 1.07 15.07
N PHE A 39 -7.70 1.81 13.98
CA PHE A 39 -6.77 1.77 12.88
C PHE A 39 -5.35 2.14 13.35
N GLU A 40 -5.29 3.12 14.23
CA GLU A 40 -4.02 3.57 14.76
C GLU A 40 -3.30 2.41 15.46
N GLU A 41 -4.00 1.82 16.41
CA GLU A 41 -3.44 0.70 17.16
C GLU A 41 -3.08 -0.45 16.23
N LYS A 42 -3.88 -0.57 15.17
CA LYS A 42 -3.66 -1.62 14.19
C LYS A 42 -2.38 -1.32 13.40
N VAL A 43 -2.32 -0.11 12.88
CA VAL A 43 -1.16 0.32 12.10
C VAL A 43 0.12 -0.09 12.84
N LYS A 44 0.18 0.31 14.10
CA LYS A 44 1.34 -0.01 14.92
C LYS A 44 1.46 -1.52 15.07
N GLN A 45 0.33 -2.15 15.34
CA GLN A 45 0.30 -3.59 15.51
C GLN A 45 0.93 -4.28 14.29
N LEU A 46 0.73 -3.66 13.13
CA LEU A 46 1.27 -4.20 11.90
C LEU A 46 2.79 -4.16 11.95
N ILE A 47 3.31 -3.13 12.62
CA ILE A 47 4.75 -2.97 12.75
C ILE A 47 5.32 -4.13 13.57
N ASP A 48 4.82 -4.26 14.78
CA ASP A 48 5.27 -5.32 15.68
C ASP A 48 5.04 -6.67 14.99
N ILE A 49 3.97 -6.73 14.22
CA ILE A 49 3.62 -7.95 13.50
C ILE A 49 4.61 -8.17 12.36
N THR A 50 4.49 -7.32 11.35
CA THR A 50 5.36 -7.40 10.19
C THR A 50 6.76 -6.90 10.54
N GLY A 51 6.86 -5.60 10.76
CA GLY A 51 8.13 -4.98 11.09
C GLY A 51 8.58 -4.01 10.01
N LYS A 52 7.63 -3.66 9.15
CA LYS A 52 7.91 -2.73 8.06
C LYS A 52 7.89 -1.30 8.61
N ASN A 53 7.53 -0.37 7.72
CA ASN A 53 7.47 1.03 8.10
C ASN A 53 6.01 1.41 8.38
N GLN A 54 5.79 1.97 9.55
CA GLN A 54 4.45 2.38 9.95
C GLN A 54 3.70 2.97 8.76
N ASP A 55 4.23 4.08 8.26
CA ASP A 55 3.61 4.75 7.12
C ASP A 55 3.14 3.70 6.11
N GLU A 56 4.11 2.93 5.62
CA GLU A 56 3.81 1.89 4.64
C GLU A 56 2.68 0.99 5.17
N CYS A 57 2.79 0.64 6.44
CA CYS A 57 1.80 -0.22 7.06
C CYS A 57 0.44 0.46 6.95
N VAL A 58 0.44 1.77 7.18
CA VAL A 58 -0.79 2.54 7.12
C VAL A 58 -1.36 2.45 5.70
N ILE A 59 -0.51 2.72 4.72
CA ILE A 59 -0.93 2.67 3.34
C ILE A 59 -1.49 1.28 3.03
N ALA A 60 -0.65 0.28 3.24
CA ALA A 60 -1.06 -1.10 3.00
C ALA A 60 -2.36 -1.39 3.72
N LEU A 61 -2.32 -1.20 5.04
CA LEU A 61 -3.48 -1.44 5.87
C LEU A 61 -4.73 -0.90 5.16
N HIS A 62 -4.67 0.39 4.84
CA HIS A 62 -5.78 1.03 4.15
C HIS A 62 -5.99 0.38 2.78
N ASP A 63 -4.93 0.38 1.99
CA ASP A 63 -4.99 -0.20 0.67
C ASP A 63 -5.80 -1.49 0.72
N CYS A 64 -5.39 -2.38 1.61
CA CYS A 64 -6.08 -3.65 1.77
C CYS A 64 -7.54 -3.38 2.10
N ASN A 65 -7.76 -2.88 3.30
CA ASN A 65 -9.10 -2.57 3.75
C ASN A 65 -9.08 -2.31 5.27
N GLY A 66 -8.05 -1.58 5.70
CA GLY A 66 -7.91 -1.26 7.11
C GLY A 66 -7.78 -2.53 7.95
N ASP A 67 -7.55 -3.64 7.26
CA ASP A 67 -7.41 -4.92 7.94
C ASP A 67 -5.94 -5.23 8.14
N VAL A 68 -5.60 -5.60 9.38
CA VAL A 68 -4.22 -5.93 9.70
C VAL A 68 -3.82 -7.23 9.01
N ASN A 69 -4.73 -8.20 9.09
CA ASN A 69 -4.49 -9.49 8.47
C ASN A 69 -4.27 -9.30 6.97
N ARG A 70 -5.28 -8.75 6.32
CA ARG A 70 -5.21 -8.51 4.88
C ARG A 70 -3.93 -7.75 4.53
N ALA A 71 -3.55 -6.85 5.44
CA ALA A 71 -2.36 -6.06 5.23
C ALA A 71 -1.13 -6.97 5.21
N ILE A 72 -1.00 -7.75 6.28
CA ILE A 72 0.12 -8.67 6.39
C ILE A 72 0.26 -9.46 5.08
N ASN A 73 -0.87 -9.66 4.43
CA ASN A 73 -0.89 -10.39 3.17
C ASN A 73 -0.13 -9.60 2.11
N VAL A 74 -0.34 -8.28 2.14
CA VAL A 74 0.31 -7.40 1.19
C VAL A 74 1.70 -7.04 1.71
N LEU A 75 1.74 -6.59 2.96
CA LEU A 75 2.98 -6.20 3.59
C LEU A 75 4.04 -7.28 3.34
N LEU A 76 3.73 -8.48 3.84
CA LEU A 76 4.64 -9.61 3.67
C LEU A 76 5.22 -9.58 2.25
N GLU A 77 4.33 -9.64 1.28
CA GLU A 77 4.74 -9.63 -0.12
C GLU A 77 4.36 -8.31 -0.78
N GLY A 78 4.93 -7.23 -0.24
CA GLY A 78 4.66 -5.90 -0.76
C GLY A 78 5.94 -5.24 -1.26
N ASN A 79 5.76 -4.23 -2.09
CA ASN A 79 6.89 -3.51 -2.65
C ASN A 79 7.73 -4.46 -3.51
N PRO A 80 8.08 -3.97 -4.73
CA PRO A 80 8.87 -4.77 -5.65
C PRO A 80 10.33 -4.83 -5.21
N ASP A 81 10.53 -5.27 -3.98
CA ASP A 81 11.87 -5.37 -3.43
C ASP A 81 12.63 -4.08 -3.70
N THR A 82 12.39 -3.09 -2.86
CA THR A 82 13.05 -1.80 -3.00
C THR A 82 14.43 -1.84 -2.33
N HIS A 83 15.23 -0.82 -2.66
CA HIS A 83 16.57 -0.73 -2.11
C HIS A 83 17.28 -2.08 -2.23
N SER A 84 17.51 -2.47 -3.47
CA SER A 84 18.18 -3.74 -3.74
C SER A 84 19.50 -3.49 -4.46
N TRP A 85 20.27 -4.55 -4.61
CA TRP A 85 21.56 -4.46 -5.28
C TRP A 85 22.08 -5.89 -5.48
N GLU A 86 21.71 -6.47 -6.60
CA GLU A 86 22.14 -7.82 -6.92
C GLU A 86 22.26 -7.99 -8.44
N MET A 87 23.41 -8.50 -8.85
CA MET A 87 23.67 -8.72 -10.27
C MET A 87 23.16 -7.54 -11.10
N VAL A 88 24.02 -6.54 -11.25
CA VAL A 88 23.67 -5.36 -12.02
C VAL A 88 22.24 -4.95 -11.70
N GLY A 89 22.00 -4.69 -10.42
CA GLY A 89 20.68 -4.28 -9.96
C GLY A 89 20.40 -2.82 -10.33
N LYS A 90 20.64 -1.95 -9.36
CA LYS A 90 20.41 -0.53 -9.57
C LYS A 90 18.91 -0.28 -9.73
N LYS A 91 18.56 1.00 -9.69
CA LYS A 91 17.16 1.40 -9.84
C LYS A 91 17.03 2.35 -11.03
N LYS A 92 17.64 3.52 -10.89
CA LYS A 92 17.60 4.51 -11.94
C LYS A 92 16.22 5.17 -11.96
N GLY A 93 15.22 4.36 -12.30
CA GLY A 93 13.85 4.83 -12.36
C GLY A 93 12.98 3.89 -13.20
N VAL A 94 11.93 3.40 -12.56
CA VAL A 94 11.00 2.49 -13.22
C VAL A 94 10.12 3.29 -14.19
N SER A 95 9.58 2.58 -15.18
CA SER A 95 8.72 3.21 -16.16
C SER A 95 7.69 2.20 -16.67
N GLY A 96 6.59 2.73 -17.18
CA GLY A 96 5.52 1.89 -17.70
C GLY A 96 4.68 2.65 -18.72
N GLN A 97 3.45 2.18 -18.89
CA GLN A 97 2.53 2.81 -19.83
C GLN A 97 1.23 3.20 -19.13
N LYS A 98 0.77 4.39 -19.45
CA LYS A 98 -0.47 4.90 -18.86
C LYS A 98 -0.23 5.18 -17.38
N SER A 99 -0.99 6.13 -16.86
CA SER A 99 -0.89 6.51 -15.46
C SER A 99 -2.23 7.04 -14.95
N GLY A 100 -2.41 6.92 -13.64
CA GLY A 100 -3.64 7.38 -13.03
C GLY A 100 -3.80 8.90 -13.18
N PRO A 101 -5.07 9.36 -13.08
CA PRO A 101 -5.37 10.78 -13.21
C PRO A 101 -4.96 11.54 -11.95
N SER A 102 -4.91 12.86 -12.07
CA SER A 102 -4.53 13.71 -10.96
C SER A 102 -4.78 15.17 -11.31
N SER A 103 -6.05 15.57 -11.21
CA SER A 103 -6.43 16.94 -11.51
C SER A 103 -7.89 17.17 -11.12
N GLY A 104 -8.22 18.44 -10.92
CA GLY A 104 -9.57 18.80 -10.55
C GLY A 104 -10.60 18.21 -11.51
N GLY A 1 -24.40 2.69 -26.61
CA GLY A 1 -23.69 1.49 -27.02
C GLY A 1 -23.54 1.43 -28.54
N SER A 2 -22.58 0.63 -28.98
CA SER A 2 -22.32 0.47 -30.40
C SER A 2 -21.56 -0.83 -30.66
N SER A 3 -21.65 -1.30 -31.89
CA SER A 3 -20.98 -2.53 -32.28
C SER A 3 -21.53 -3.71 -31.46
N GLY A 4 -21.61 -4.86 -32.12
CA GLY A 4 -22.11 -6.06 -31.48
C GLY A 4 -20.96 -6.97 -31.05
N SER A 5 -20.73 -7.02 -29.75
CA SER A 5 -19.67 -7.85 -29.21
C SER A 5 -19.60 -7.69 -27.68
N SER A 6 -19.34 -8.80 -27.01
CA SER A 6 -19.24 -8.79 -25.56
C SER A 6 -17.77 -8.70 -25.14
N GLY A 7 -17.00 -9.68 -25.59
CA GLY A 7 -15.58 -9.73 -25.26
C GLY A 7 -15.38 -9.89 -23.75
N ASN A 8 -15.11 -8.77 -23.09
CA ASN A 8 -14.90 -8.77 -21.66
C ASN A 8 -13.73 -9.71 -21.33
N GLN A 9 -12.56 -9.09 -21.17
CA GLN A 9 -11.36 -9.85 -20.85
C GLN A 9 -10.34 -8.96 -20.15
N ASN A 10 -10.56 -8.75 -18.86
CA ASN A 10 -9.68 -7.93 -18.06
C ASN A 10 -8.22 -8.29 -18.39
N GLN A 11 -7.48 -7.27 -18.80
CA GLN A 11 -6.07 -7.46 -19.16
C GLN A 11 -5.26 -6.24 -18.76
N THR A 12 -4.44 -6.41 -17.74
CA THR A 12 -3.60 -5.33 -17.25
C THR A 12 -2.12 -5.65 -17.49
N GLN A 13 -1.37 -4.61 -17.85
CA GLN A 13 0.04 -4.77 -18.12
C GLN A 13 0.86 -4.04 -17.06
N HIS A 14 0.39 -2.84 -16.71
CA HIS A 14 1.07 -2.04 -15.71
C HIS A 14 0.12 -0.99 -15.16
N LYS A 15 -0.01 -0.97 -13.84
CA LYS A 15 -0.89 -0.03 -13.18
C LYS A 15 -0.59 1.39 -13.68
N GLN A 16 -1.63 2.07 -14.10
CA GLN A 16 -1.49 3.43 -14.61
C GLN A 16 -2.12 4.43 -13.64
N ARG A 17 -1.28 4.93 -12.74
CA ARG A 17 -1.75 5.90 -11.75
C ARG A 17 -0.58 6.38 -10.88
N PRO A 18 -0.68 7.65 -10.43
CA PRO A 18 0.35 8.24 -9.61
C PRO A 18 0.29 7.70 -8.18
N GLN A 19 1.47 7.53 -7.59
CA GLN A 19 1.56 7.03 -6.23
C GLN A 19 3.02 6.94 -5.79
N ALA A 20 3.21 6.58 -4.52
CA ALA A 20 4.55 6.46 -3.98
C ALA A 20 5.27 7.81 -4.10
N THR A 21 6.59 7.74 -4.08
CA THR A 21 7.40 8.94 -4.19
C THR A 21 6.77 10.09 -3.39
N ALA A 22 6.85 11.28 -3.97
CA ALA A 22 6.28 12.45 -3.33
C ALA A 22 4.81 12.21 -3.02
N GLU A 23 4.19 11.38 -3.85
CA GLU A 23 2.78 11.06 -3.68
C GLU A 23 2.54 10.51 -2.27
N GLN A 24 3.40 9.59 -1.86
CA GLN A 24 3.28 8.98 -0.55
C GLN A 24 3.21 10.07 0.53
N ILE A 25 4.12 11.03 0.42
CA ILE A 25 4.16 12.13 1.38
C ILE A 25 2.76 12.74 1.51
N ARG A 26 2.13 12.97 0.37
CA ARG A 26 0.80 13.54 0.34
C ARG A 26 -0.23 12.51 0.82
N LEU A 27 0.04 11.25 0.47
CA LEU A 27 -0.86 10.17 0.86
C LEU A 27 -0.88 10.06 2.38
N ALA A 28 0.29 9.78 2.94
CA ALA A 28 0.42 9.64 4.38
C ALA A 28 -0.07 10.92 5.06
N GLN A 29 -0.14 11.98 4.28
CA GLN A 29 -0.58 13.27 4.79
C GLN A 29 -2.12 13.35 4.76
N MET A 30 -2.68 12.68 3.76
CA MET A 30 -4.13 12.68 3.59
C MET A 30 -4.76 11.58 4.44
N ILE A 31 -4.09 10.44 4.48
CA ILE A 31 -4.58 9.30 5.24
C ILE A 31 -4.65 9.69 6.72
N SER A 32 -3.53 10.17 7.23
CA SER A 32 -3.45 10.57 8.63
C SER A 32 -4.63 11.48 8.97
N ASP A 33 -4.84 12.48 8.12
CA ASP A 33 -5.92 13.42 8.33
C ASP A 33 -7.20 12.65 8.65
N HIS A 34 -7.34 11.49 8.01
CA HIS A 34 -8.50 10.65 8.22
C HIS A 34 -8.08 9.32 8.83
N ASN A 35 -7.83 9.35 10.13
CA ASN A 35 -7.42 8.15 10.85
C ASN A 35 -8.38 7.91 12.02
N ASP A 36 -8.16 6.79 12.69
CA ASP A 36 -8.98 6.42 13.83
C ASP A 36 -8.20 5.51 14.77
N ALA A 37 -8.52 5.61 16.05
CA ALA A 37 -7.84 4.80 17.05
C ALA A 37 -7.82 3.35 16.59
N ASP A 38 -8.94 2.91 16.03
CA ASP A 38 -9.06 1.54 15.56
C ASP A 38 -7.88 1.23 14.63
N PHE A 39 -7.86 1.93 13.49
CA PHE A 39 -6.80 1.73 12.51
C PHE A 39 -5.43 1.98 13.14
N GLU A 40 -5.35 3.03 13.94
CA GLU A 40 -4.10 3.39 14.60
C GLU A 40 -3.53 2.17 15.33
N GLU A 41 -4.32 1.64 16.25
CA GLU A 41 -3.91 0.48 17.02
C GLU A 41 -3.43 -0.64 16.08
N LYS A 42 -4.14 -0.78 14.97
CA LYS A 42 -3.82 -1.79 13.99
C LYS A 42 -2.44 -1.48 13.38
N VAL A 43 -2.29 -0.24 12.97
CA VAL A 43 -1.05 0.21 12.37
C VAL A 43 0.13 -0.26 13.23
N LYS A 44 0.03 0.05 14.51
CA LYS A 44 1.08 -0.33 15.45
C LYS A 44 1.26 -1.85 15.41
N GLN A 45 0.15 -2.55 15.59
CA GLN A 45 0.17 -4.00 15.57
C GLN A 45 0.97 -4.52 14.37
N LEU A 46 0.77 -3.85 13.25
CA LEU A 46 1.46 -4.22 12.02
C LEU A 46 2.97 -4.04 12.22
N ILE A 47 3.36 -2.82 12.50
CA ILE A 47 4.76 -2.50 12.72
C ILE A 47 5.37 -3.52 13.69
N ASP A 48 4.50 -4.06 14.53
CA ASP A 48 4.94 -5.05 15.51
C ASP A 48 4.91 -6.44 14.87
N ILE A 49 3.94 -6.63 13.99
CA ILE A 49 3.81 -7.91 13.30
C ILE A 49 4.76 -7.95 12.11
N THR A 50 4.41 -7.17 11.10
CA THR A 50 5.24 -7.12 9.90
C THR A 50 6.67 -6.70 10.25
N GLY A 51 6.86 -5.39 10.37
CA GLY A 51 8.16 -4.85 10.70
C GLY A 51 8.52 -3.67 9.80
N LYS A 52 7.69 -3.48 8.78
CA LYS A 52 7.89 -2.39 7.84
C LYS A 52 7.72 -1.05 8.56
N ASN A 53 7.84 0.03 7.79
CA ASN A 53 7.69 1.35 8.35
C ASN A 53 6.21 1.68 8.51
N GLN A 54 5.93 2.60 9.42
CA GLN A 54 4.56 3.01 9.68
C GLN A 54 3.88 3.46 8.39
N ASP A 55 4.42 4.52 7.81
CA ASP A 55 3.88 5.06 6.57
C ASP A 55 3.48 3.90 5.65
N GLU A 56 4.35 2.90 5.59
CA GLU A 56 4.10 1.73 4.76
C GLU A 56 2.97 0.90 5.35
N CYS A 57 3.07 0.64 6.64
CA CYS A 57 2.06 -0.15 7.33
C CYS A 57 0.71 0.52 7.14
N VAL A 58 0.71 1.84 7.31
CA VAL A 58 -0.52 2.61 7.16
C VAL A 58 -1.06 2.42 5.73
N ILE A 59 -0.16 2.54 4.77
CA ILE A 59 -0.55 2.39 3.37
C ILE A 59 -1.11 0.99 3.16
N ALA A 60 -0.39 0.00 3.68
CA ALA A 60 -0.81 -1.38 3.56
C ALA A 60 -2.21 -1.55 4.16
N LEU A 61 -2.26 -1.39 5.48
CA LEU A 61 -3.53 -1.51 6.19
C LEU A 61 -4.62 -0.80 5.40
N HIS A 62 -4.41 0.48 5.16
CA HIS A 62 -5.37 1.28 4.42
C HIS A 62 -5.69 0.59 3.09
N ASP A 63 -4.63 0.15 2.42
CA ASP A 63 -4.78 -0.52 1.15
C ASP A 63 -5.97 -1.47 1.21
N CYS A 64 -5.97 -2.31 2.24
CA CYS A 64 -7.04 -3.27 2.43
C CYS A 64 -8.30 -2.51 2.84
N ASN A 65 -8.26 -1.98 4.06
CA ASN A 65 -9.39 -1.23 4.59
C ASN A 65 -9.19 -1.03 6.10
N GLY A 66 -8.54 -2.00 6.71
CA GLY A 66 -8.29 -1.95 8.14
C GLY A 66 -8.19 -3.35 8.75
N ASP A 67 -7.47 -4.21 8.04
CA ASP A 67 -7.29 -5.58 8.49
C ASP A 67 -5.79 -5.87 8.64
N VAL A 68 -5.37 -5.99 9.89
CA VAL A 68 -3.97 -6.27 10.19
C VAL A 68 -3.54 -7.53 9.45
N ASN A 69 -4.47 -8.49 9.38
CA ASN A 69 -4.19 -9.75 8.72
C ASN A 69 -4.06 -9.51 7.21
N ARG A 70 -5.15 -9.07 6.62
CA ARG A 70 -5.17 -8.79 5.19
C ARG A 70 -3.98 -7.91 4.81
N ALA A 71 -3.77 -6.88 5.60
CA ALA A 71 -2.68 -5.95 5.36
C ALA A 71 -1.36 -6.73 5.27
N ILE A 72 -1.16 -7.61 6.24
CA ILE A 72 0.04 -8.43 6.28
C ILE A 72 0.20 -9.16 4.95
N ASN A 73 -0.91 -9.70 4.47
CA ASN A 73 -0.90 -10.42 3.20
C ASN A 73 -0.41 -9.49 2.09
N VAL A 74 -0.56 -8.19 2.34
CA VAL A 74 -0.15 -7.19 1.38
C VAL A 74 1.30 -6.81 1.63
N LEU A 75 1.58 -6.47 2.88
CA LEU A 75 2.92 -6.09 3.28
C LEU A 75 3.91 -7.16 2.81
N LEU A 76 3.46 -8.40 2.88
CA LEU A 76 4.30 -9.52 2.48
C LEU A 76 4.26 -9.66 0.95
N GLU A 77 3.05 -9.51 0.41
CA GLU A 77 2.87 -9.62 -1.03
C GLU A 77 1.62 -8.85 -1.45
N GLY A 78 1.80 -7.56 -1.69
CA GLY A 78 0.69 -6.71 -2.11
C GLY A 78 -0.12 -7.38 -3.22
N ASN A 79 -1.42 -7.12 -3.18
CA ASN A 79 -2.32 -7.69 -4.17
C ASN A 79 -1.86 -7.27 -5.58
N PRO A 80 -2.11 -8.16 -6.56
CA PRO A 80 -1.73 -7.89 -7.94
C PRO A 80 -2.68 -6.87 -8.58
N ASP A 81 -3.95 -7.22 -8.60
CA ASP A 81 -4.96 -6.36 -9.18
C ASP A 81 -6.10 -6.16 -8.17
N THR A 82 -6.54 -7.28 -7.61
CA THR A 82 -7.62 -7.24 -6.63
C THR A 82 -8.71 -6.25 -7.07
N HIS A 83 -9.18 -6.45 -8.29
CA HIS A 83 -10.22 -5.58 -8.83
C HIS A 83 -9.66 -4.16 -9.00
N SER A 84 -10.25 -3.45 -9.95
CA SER A 84 -9.82 -2.09 -10.24
C SER A 84 -11.01 -1.25 -10.68
N TRP A 85 -10.86 0.06 -10.55
CA TRP A 85 -11.92 0.99 -10.93
C TRP A 85 -11.60 1.51 -12.33
N GLU A 86 -12.64 2.01 -12.99
CA GLU A 86 -12.49 2.54 -14.33
C GLU A 86 -12.08 1.42 -15.30
N MET A 87 -12.26 1.72 -16.59
CA MET A 87 -11.92 0.75 -17.63
C MET A 87 -11.65 1.45 -18.96
N VAL A 88 -10.43 1.93 -19.10
CA VAL A 88 -10.03 2.63 -20.31
C VAL A 88 -8.57 2.30 -20.63
N GLY A 89 -8.39 1.39 -21.58
CA GLY A 89 -7.05 0.99 -21.98
C GLY A 89 -6.67 1.61 -23.33
N LYS A 90 -6.85 0.83 -24.39
CA LYS A 90 -6.53 1.29 -25.72
C LYS A 90 -5.12 1.87 -25.73
N LYS A 91 -4.15 1.00 -25.46
CA LYS A 91 -2.76 1.41 -25.44
C LYS A 91 -1.86 0.17 -25.38
N LYS A 92 -0.67 0.30 -25.94
CA LYS A 92 0.28 -0.79 -25.95
C LYS A 92 1.61 -0.31 -25.36
N GLY A 93 2.22 0.64 -26.05
CA GLY A 93 3.49 1.19 -25.61
C GLY A 93 4.45 0.07 -25.17
N VAL A 94 4.97 -0.64 -26.16
CA VAL A 94 5.89 -1.73 -25.89
C VAL A 94 7.06 -1.65 -26.86
N SER A 95 8.26 -1.86 -26.32
CA SER A 95 9.46 -1.80 -27.13
C SER A 95 9.98 -3.22 -27.38
N GLY A 96 10.29 -3.91 -26.30
CA GLY A 96 10.79 -5.27 -26.39
C GLY A 96 12.32 -5.30 -26.39
N GLN A 97 12.87 -6.46 -26.07
CA GLN A 97 14.31 -6.63 -26.03
C GLN A 97 14.66 -8.08 -25.71
N LYS A 98 15.76 -8.53 -26.29
CA LYS A 98 16.22 -9.90 -26.08
C LYS A 98 17.69 -10.00 -26.49
N SER A 99 18.43 -10.78 -25.71
CA SER A 99 19.85 -10.97 -25.99
C SER A 99 20.39 -12.11 -25.13
N GLY A 100 21.40 -12.79 -25.67
CA GLY A 100 22.01 -13.90 -24.97
C GLY A 100 23.22 -14.44 -25.74
N PRO A 101 24.40 -13.79 -25.48
CA PRO A 101 25.63 -14.19 -26.15
C PRO A 101 26.17 -15.50 -25.55
N SER A 102 27.26 -15.97 -26.14
CA SER A 102 27.89 -17.19 -25.68
C SER A 102 29.35 -17.23 -26.12
N SER A 103 30.08 -18.19 -25.57
CA SER A 103 31.49 -18.35 -25.90
C SER A 103 31.93 -19.78 -25.64
N GLY A 104 33.11 -20.12 -26.14
CA GLY A 104 33.66 -21.44 -25.97
C GLY A 104 34.38 -21.91 -27.23
N GLY A 1 -22.70 2.29 -22.93
CA GLY A 1 -21.34 1.78 -22.78
C GLY A 1 -20.43 2.84 -22.14
N SER A 2 -19.24 2.97 -22.73
CA SER A 2 -18.27 3.93 -22.24
C SER A 2 -18.54 5.31 -22.83
N SER A 3 -18.00 6.32 -22.17
CA SER A 3 -18.18 7.69 -22.62
C SER A 3 -17.19 8.61 -21.90
N GLY A 4 -16.65 9.56 -22.66
CA GLY A 4 -15.70 10.51 -22.10
C GLY A 4 -14.31 9.89 -22.00
N SER A 5 -13.33 10.76 -21.77
CA SER A 5 -11.95 10.31 -21.65
C SER A 5 -11.45 9.77 -23.00
N SER A 6 -10.36 10.36 -23.46
CA SER A 6 -9.78 9.95 -24.74
C SER A 6 -8.47 9.19 -24.50
N GLY A 7 -8.38 8.03 -25.12
CA GLY A 7 -7.20 7.20 -24.98
C GLY A 7 -7.23 6.41 -23.67
N ASN A 8 -7.46 5.11 -23.81
CA ASN A 8 -7.53 4.23 -22.66
C ASN A 8 -8.66 4.68 -21.74
N GLN A 9 -9.63 3.80 -21.56
CA GLN A 9 -10.78 4.09 -20.72
C GLN A 9 -10.66 3.33 -19.39
N ASN A 10 -9.95 2.21 -19.44
CA ASN A 10 -9.77 1.38 -18.27
C ASN A 10 -8.72 2.03 -17.35
N GLN A 11 -7.55 2.27 -17.93
CA GLN A 11 -6.47 2.89 -17.18
C GLN A 11 -6.60 4.41 -17.20
N THR A 12 -6.75 4.97 -16.01
CA THR A 12 -6.89 6.42 -15.88
C THR A 12 -5.61 7.03 -15.29
N GLN A 13 -4.93 7.80 -16.11
CA GLN A 13 -3.69 8.44 -15.69
C GLN A 13 -3.71 9.92 -16.08
N HIS A 14 -3.56 10.77 -15.08
CA HIS A 14 -3.54 12.21 -15.30
C HIS A 14 -4.89 12.65 -15.87
N LYS A 15 -5.20 13.92 -15.66
CA LYS A 15 -6.45 14.47 -16.15
C LYS A 15 -7.62 13.81 -15.42
N GLN A 16 -8.65 14.60 -15.17
CA GLN A 16 -9.83 14.10 -14.48
C GLN A 16 -9.54 13.94 -12.98
N ARG A 17 -8.59 13.07 -12.69
CA ARG A 17 -8.21 12.81 -11.31
C ARG A 17 -7.01 11.87 -11.26
N PRO A 18 -6.17 12.05 -10.20
CA PRO A 18 -4.99 11.23 -10.02
C PRO A 18 -5.37 9.84 -9.52
N GLN A 19 -4.37 8.96 -9.50
CA GLN A 19 -4.59 7.59 -9.04
C GLN A 19 -3.26 6.95 -8.67
N ALA A 20 -3.14 6.61 -7.39
CA ALA A 20 -1.93 5.98 -6.89
C ALA A 20 -0.74 6.90 -7.15
N THR A 21 0.42 6.46 -6.69
CA THR A 21 1.63 7.23 -6.86
C THR A 21 1.53 8.57 -6.11
N ALA A 22 0.85 9.51 -6.75
CA ALA A 22 0.68 10.83 -6.16
C ALA A 22 -0.48 10.78 -5.16
N GLU A 23 -1.55 10.10 -5.57
CA GLU A 23 -2.72 9.97 -4.72
C GLU A 23 -2.32 9.44 -3.34
N GLN A 24 -1.69 8.27 -3.35
CA GLN A 24 -1.26 7.65 -2.11
C GLN A 24 -0.62 8.69 -1.19
N ILE A 25 0.35 9.40 -1.74
CA ILE A 25 1.05 10.43 -0.97
C ILE A 25 0.02 11.25 -0.18
N ARG A 26 -0.86 11.91 -0.92
CA ARG A 26 -1.89 12.73 -0.30
C ARG A 26 -2.73 11.89 0.66
N LEU A 27 -3.08 10.70 0.20
CA LEU A 27 -3.88 9.78 1.01
C LEU A 27 -3.24 9.64 2.39
N ALA A 28 -2.03 9.10 2.39
CA ALA A 28 -1.30 8.90 3.64
C ALA A 28 -1.23 10.23 4.39
N GLN A 29 -1.15 11.31 3.63
CA GLN A 29 -1.08 12.64 4.22
C GLN A 29 -2.42 13.02 4.85
N MET A 30 -3.48 12.55 4.23
CA MET A 30 -4.83 12.83 4.71
C MET A 30 -5.21 11.87 5.83
N ILE A 31 -4.81 10.61 5.65
CA ILE A 31 -5.12 9.59 6.63
C ILE A 31 -4.50 9.98 7.98
N SER A 32 -3.26 10.44 7.91
CA SER A 32 -2.54 10.84 9.11
C SER A 32 -3.38 11.84 9.91
N ASP A 33 -3.79 12.90 9.22
CA ASP A 33 -4.60 13.93 9.85
C ASP A 33 -5.66 13.27 10.74
N HIS A 34 -6.36 12.32 10.14
CA HIS A 34 -7.41 11.60 10.85
C HIS A 34 -6.77 10.67 11.90
N ASN A 35 -6.24 9.57 11.42
CA ASN A 35 -5.60 8.60 12.28
C ASN A 35 -6.57 8.21 13.39
N ASP A 36 -7.36 7.18 13.11
CA ASP A 36 -8.34 6.69 14.08
C ASP A 36 -7.65 5.73 15.05
N ALA A 37 -8.26 5.59 16.22
CA ALA A 37 -7.72 4.71 17.24
C ALA A 37 -7.69 3.28 16.70
N ASP A 38 -8.81 2.87 16.15
CA ASP A 38 -8.93 1.53 15.59
C ASP A 38 -7.76 1.27 14.64
N PHE A 39 -7.76 2.00 13.54
CA PHE A 39 -6.70 1.87 12.55
C PHE A 39 -5.32 2.10 13.18
N GLU A 40 -5.28 3.05 14.10
CA GLU A 40 -4.04 3.37 14.78
C GLU A 40 -3.46 2.12 15.45
N GLU A 41 -4.27 1.54 16.33
CA GLU A 41 -3.86 0.35 17.06
C GLU A 41 -3.38 -0.73 16.07
N LYS A 42 -4.12 -0.87 14.99
CA LYS A 42 -3.80 -1.85 13.97
C LYS A 42 -2.42 -1.52 13.38
N VAL A 43 -2.29 -0.28 12.93
CA VAL A 43 -1.05 0.18 12.34
C VAL A 43 0.13 -0.26 13.22
N LYS A 44 -0.02 -0.02 14.52
CA LYS A 44 1.01 -0.39 15.47
C LYS A 44 1.21 -1.91 15.45
N GLN A 45 0.10 -2.62 15.59
CA GLN A 45 0.14 -4.07 15.58
C GLN A 45 0.93 -4.58 14.37
N LEU A 46 0.73 -3.90 13.25
CA LEU A 46 1.41 -4.26 12.02
C LEU A 46 2.92 -4.10 12.22
N ILE A 47 3.32 -2.87 12.47
CA ILE A 47 4.73 -2.56 12.68
C ILE A 47 5.33 -3.59 13.64
N ASP A 48 4.48 -4.08 14.53
CA ASP A 48 4.91 -5.06 15.51
C ASP A 48 4.91 -6.45 14.87
N ILE A 49 3.91 -6.67 14.02
CA ILE A 49 3.79 -7.94 13.34
C ILE A 49 4.75 -7.99 12.15
N THR A 50 4.41 -7.22 11.12
CA THR A 50 5.24 -7.15 9.93
C THR A 50 6.68 -6.74 10.29
N GLY A 51 6.86 -5.44 10.42
CA GLY A 51 8.17 -4.90 10.76
C GLY A 51 8.53 -3.73 9.85
N LYS A 52 7.71 -3.53 8.83
CA LYS A 52 7.94 -2.45 7.88
C LYS A 52 7.76 -1.10 8.60
N ASN A 53 7.75 -0.05 7.81
CA ASN A 53 7.58 1.29 8.35
C ASN A 53 6.10 1.60 8.52
N GLN A 54 5.82 2.58 9.37
CA GLN A 54 4.45 2.98 9.63
C GLN A 54 3.76 3.39 8.33
N ASP A 55 4.30 4.42 7.71
CA ASP A 55 3.75 4.93 6.46
C ASP A 55 3.34 3.74 5.58
N GLU A 56 4.24 2.79 5.46
CA GLU A 56 3.98 1.61 4.66
C GLU A 56 2.81 0.81 5.23
N CYS A 57 2.92 0.52 6.53
CA CYS A 57 1.87 -0.22 7.21
C CYS A 57 0.54 0.51 7.00
N VAL A 58 0.58 1.81 7.23
CA VAL A 58 -0.60 2.63 7.07
C VAL A 58 -1.16 2.45 5.66
N ILE A 59 -0.27 2.58 4.68
CA ILE A 59 -0.66 2.43 3.29
C ILE A 59 -1.30 1.06 3.08
N ALA A 60 -0.61 0.04 3.56
CA ALA A 60 -1.11 -1.32 3.44
C ALA A 60 -2.48 -1.42 4.13
N LEU A 61 -2.46 -1.21 5.43
CA LEU A 61 -3.68 -1.28 6.21
C LEU A 61 -4.81 -0.56 5.46
N HIS A 62 -4.58 0.72 5.20
CA HIS A 62 -5.56 1.53 4.48
C HIS A 62 -5.91 0.85 3.15
N ASP A 63 -4.89 0.71 2.31
CA ASP A 63 -5.09 0.08 1.02
C ASP A 63 -6.02 -1.12 1.16
N CYS A 64 -5.72 -1.95 2.14
CA CYS A 64 -6.52 -3.13 2.40
C CYS A 64 -7.95 -2.68 2.72
N ASN A 65 -8.07 -1.96 3.82
CA ASN A 65 -9.38 -1.47 4.25
C ASN A 65 -9.36 -1.22 5.75
N GLY A 66 -8.48 -1.94 6.43
CA GLY A 66 -8.34 -1.80 7.87
C GLY A 66 -8.26 -3.18 8.54
N ASP A 67 -7.45 -4.04 7.95
CA ASP A 67 -7.27 -5.38 8.48
C ASP A 67 -5.77 -5.71 8.53
N VAL A 68 -5.26 -5.79 9.75
CA VAL A 68 -3.85 -6.09 9.96
C VAL A 68 -3.49 -7.37 9.21
N ASN A 69 -4.41 -8.33 9.27
CA ASN A 69 -4.20 -9.61 8.61
C ASN A 69 -4.06 -9.38 7.10
N ARG A 70 -5.12 -8.84 6.51
CA ARG A 70 -5.13 -8.57 5.08
C ARG A 70 -3.87 -7.79 4.69
N ALA A 71 -3.61 -6.73 5.44
CA ALA A 71 -2.44 -5.91 5.18
C ALA A 71 -1.19 -6.78 5.12
N ILE A 72 -0.99 -7.54 6.19
CA ILE A 72 0.16 -8.42 6.27
C ILE A 72 0.30 -9.19 4.95
N ASN A 73 -0.80 -9.81 4.55
CA ASN A 73 -0.81 -10.57 3.31
C ASN A 73 -0.18 -9.74 2.18
N VAL A 74 -0.45 -8.44 2.24
CA VAL A 74 0.08 -7.52 1.24
C VAL A 74 1.53 -7.16 1.61
N LEU A 75 1.69 -6.69 2.84
CA LEU A 75 3.00 -6.31 3.33
C LEU A 75 4.01 -7.42 3.01
N LEU A 76 3.70 -8.60 3.52
CA LEU A 76 4.57 -9.76 3.31
C LEU A 76 5.02 -9.78 1.85
N GLU A 77 4.05 -9.86 0.96
CA GLU A 77 4.34 -9.90 -0.47
C GLU A 77 3.60 -8.76 -1.18
N GLY A 78 2.44 -9.11 -1.72
CA GLY A 78 1.63 -8.13 -2.43
C GLY A 78 0.63 -8.83 -3.37
N ASN A 79 0.85 -8.62 -4.66
CA ASN A 79 -0.02 -9.22 -5.67
C ASN A 79 0.23 -8.54 -7.02
N PRO A 80 0.69 -9.36 -7.99
CA PRO A 80 0.97 -8.86 -9.33
C PRO A 80 -0.33 -8.60 -10.10
N ASP A 81 -1.26 -9.52 -9.94
CA ASP A 81 -2.54 -9.42 -10.62
C ASP A 81 -3.37 -10.67 -10.35
N THR A 82 -4.19 -10.58 -9.31
CA THR A 82 -5.05 -11.69 -8.93
C THR A 82 -6.37 -11.19 -8.36
N HIS A 83 -7.42 -11.97 -8.59
CA HIS A 83 -8.74 -11.61 -8.10
C HIS A 83 -9.14 -10.25 -8.66
N SER A 84 -10.43 -9.96 -8.57
CA SER A 84 -10.95 -8.70 -9.06
C SER A 84 -10.70 -8.57 -10.57
N TRP A 85 -11.69 -9.00 -11.33
CA TRP A 85 -11.59 -8.93 -12.78
C TRP A 85 -13.00 -8.72 -13.35
N GLU A 86 -13.03 -8.12 -14.53
CA GLU A 86 -14.31 -7.86 -15.19
C GLU A 86 -15.16 -6.92 -14.33
N MET A 87 -16.14 -6.32 -14.98
CA MET A 87 -17.04 -5.40 -14.29
C MET A 87 -18.41 -5.35 -14.96
N VAL A 88 -19.31 -6.20 -14.47
CA VAL A 88 -20.64 -6.26 -15.03
C VAL A 88 -21.46 -5.08 -14.49
N GLY A 89 -21.83 -4.19 -15.42
CA GLY A 89 -22.61 -3.02 -15.06
C GLY A 89 -23.54 -2.62 -16.20
N LYS A 90 -24.81 -2.96 -16.04
CA LYS A 90 -25.80 -2.64 -17.05
C LYS A 90 -27.04 -2.05 -16.37
N LYS A 91 -26.89 -0.80 -15.93
CA LYS A 91 -27.98 -0.11 -15.26
C LYS A 91 -28.29 1.19 -16.00
N LYS A 92 -29.50 1.69 -15.78
CA LYS A 92 -29.94 2.91 -16.42
C LYS A 92 -28.94 4.03 -16.08
N GLY A 93 -28.49 4.72 -17.12
CA GLY A 93 -27.55 5.81 -16.95
C GLY A 93 -27.90 6.99 -17.87
N VAL A 94 -26.86 7.57 -18.45
CA VAL A 94 -27.05 8.70 -19.34
C VAL A 94 -28.10 9.64 -18.76
N SER A 95 -28.65 10.47 -19.64
CA SER A 95 -29.68 11.41 -19.23
C SER A 95 -29.22 12.19 -18.00
N GLY A 96 -28.38 13.19 -18.24
CA GLY A 96 -27.86 14.01 -17.17
C GLY A 96 -26.94 15.11 -17.72
N GLN A 97 -25.84 15.32 -17.00
CA GLN A 97 -24.87 16.33 -17.40
C GLN A 97 -23.65 16.28 -16.49
N LYS A 98 -22.60 15.65 -16.99
CA LYS A 98 -21.36 15.53 -16.22
C LYS A 98 -21.66 14.87 -14.88
N SER A 99 -21.82 13.56 -14.93
CA SER A 99 -22.12 12.80 -13.73
C SER A 99 -20.89 11.99 -13.31
N GLY A 100 -20.53 12.12 -12.04
CA GLY A 100 -19.38 11.41 -11.50
C GLY A 100 -18.67 12.24 -10.44
N PRO A 101 -17.75 13.13 -10.91
CA PRO A 101 -17.00 13.98 -10.01
C PRO A 101 -17.88 15.12 -9.48
N SER A 102 -18.66 14.79 -8.46
CA SER A 102 -19.55 15.78 -7.86
C SER A 102 -20.34 15.14 -6.72
N SER A 103 -21.03 15.98 -5.97
CA SER A 103 -21.83 15.51 -4.85
C SER A 103 -23.10 14.83 -5.36
N GLY A 104 -23.83 15.55 -6.19
CA GLY A 104 -25.06 15.03 -6.75
C GLY A 104 -25.09 15.22 -8.27
N GLY A 1 7.46 10.24 -22.63
CA GLY A 1 6.28 10.04 -21.79
C GLY A 1 5.01 10.42 -22.54
N SER A 2 3.91 10.50 -21.80
CA SER A 2 2.63 10.86 -22.37
C SER A 2 2.14 12.19 -21.80
N SER A 3 1.53 12.99 -22.66
CA SER A 3 1.01 14.29 -22.25
C SER A 3 0.00 14.78 -23.27
N GLY A 4 -1.03 15.44 -22.76
CA GLY A 4 -2.08 15.98 -23.61
C GLY A 4 -3.47 15.78 -22.98
N SER A 5 -4.33 16.75 -23.21
CA SER A 5 -5.68 16.69 -22.66
C SER A 5 -6.60 15.92 -23.63
N SER A 6 -6.64 14.61 -23.43
CA SER A 6 -7.46 13.75 -24.25
C SER A 6 -8.38 12.90 -23.37
N GLY A 7 -9.63 12.79 -23.81
CA GLY A 7 -10.62 12.03 -23.08
C GLY A 7 -12.01 12.66 -23.19
N ASN A 8 -12.59 12.53 -24.37
CA ASN A 8 -13.91 13.08 -24.62
C ASN A 8 -14.92 12.41 -23.69
N GLN A 9 -15.77 13.25 -23.09
CA GLN A 9 -16.79 12.76 -22.18
C GLN A 9 -18.18 12.93 -22.79
N ASN A 10 -18.64 11.87 -23.45
CA ASN A 10 -19.94 11.88 -24.08
C ASN A 10 -20.97 11.31 -23.11
N GLN A 11 -21.59 12.19 -22.36
CA GLN A 11 -22.60 11.79 -21.39
C GLN A 11 -22.19 10.49 -20.71
N THR A 12 -21.29 10.63 -19.74
CA THR A 12 -20.80 9.47 -19.01
C THR A 12 -20.08 9.92 -17.72
N GLN A 13 -20.14 9.05 -16.73
CA GLN A 13 -19.50 9.33 -15.45
C GLN A 13 -18.35 8.36 -15.19
N HIS A 14 -17.20 8.69 -15.77
CA HIS A 14 -16.02 7.86 -15.61
C HIS A 14 -14.78 8.74 -15.57
N LYS A 15 -14.10 8.68 -14.44
CA LYS A 15 -12.89 9.47 -14.25
C LYS A 15 -11.82 8.60 -13.57
N GLN A 16 -12.14 8.15 -12.37
CA GLN A 16 -11.23 7.31 -11.61
C GLN A 16 -10.05 8.15 -11.08
N ARG A 17 -9.34 8.75 -12.02
CA ARG A 17 -8.19 9.58 -11.66
C ARG A 17 -7.16 8.75 -10.90
N PRO A 18 -5.89 9.21 -10.98
CA PRO A 18 -4.79 8.53 -10.31
C PRO A 18 -4.83 8.79 -8.80
N GLN A 19 -4.39 7.79 -8.05
CA GLN A 19 -4.36 7.90 -6.60
C GLN A 19 -3.19 7.10 -6.02
N ALA A 20 -1.99 7.53 -6.37
CA ALA A 20 -0.79 6.86 -5.90
C ALA A 20 0.43 7.73 -6.21
N THR A 21 1.59 7.25 -5.80
CA THR A 21 2.83 7.96 -6.03
C THR A 21 2.81 9.30 -5.30
N ALA A 22 2.25 10.30 -5.96
CA ALA A 22 2.15 11.62 -5.40
C ALA A 22 0.91 11.71 -4.50
N GLU A 23 -0.20 11.25 -5.04
CA GLU A 23 -1.45 11.27 -4.31
C GLU A 23 -1.28 10.58 -2.94
N GLN A 24 -0.81 9.35 -2.99
CA GLN A 24 -0.60 8.58 -1.78
C GLN A 24 0.03 9.47 -0.70
N ILE A 25 1.18 10.03 -1.03
CA ILE A 25 1.88 10.89 -0.10
C ILE A 25 0.87 11.80 0.61
N ARG A 26 0.13 12.55 -0.19
CA ARG A 26 -0.87 13.45 0.36
C ARG A 26 -1.93 12.67 1.13
N LEU A 27 -2.31 11.53 0.57
CA LEU A 27 -3.31 10.68 1.20
C LEU A 27 -2.88 10.36 2.62
N ALA A 28 -1.77 9.65 2.74
CA ALA A 28 -1.23 9.27 4.03
C ALA A 28 -1.10 10.52 4.91
N GLN A 29 -0.86 11.64 4.24
CA GLN A 29 -0.70 12.91 4.95
C GLN A 29 -2.06 13.41 5.43
N MET A 30 -3.08 13.12 4.63
CA MET A 30 -4.44 13.54 4.96
C MET A 30 -5.09 12.56 5.93
N ILE A 31 -4.86 11.28 5.68
CA ILE A 31 -5.41 10.24 6.52
C ILE A 31 -4.91 10.41 7.95
N SER A 32 -3.62 10.71 8.05
CA SER A 32 -3.00 10.91 9.36
C SER A 32 -3.78 11.95 10.16
N ASP A 33 -4.07 13.06 9.49
CA ASP A 33 -4.81 14.14 10.12
C ASP A 33 -6.16 13.61 10.61
N HIS A 34 -6.77 12.79 9.77
CA HIS A 34 -8.06 12.21 10.10
C HIS A 34 -7.92 10.69 10.27
N ASN A 35 -7.28 10.31 11.36
CA ASN A 35 -7.08 8.89 11.65
C ASN A 35 -7.84 8.52 12.92
N ASP A 36 -8.29 7.28 12.96
CA ASP A 36 -9.03 6.77 14.11
C ASP A 36 -8.09 5.95 14.99
N ALA A 37 -8.56 5.67 16.19
CA ALA A 37 -7.78 4.89 17.14
C ALA A 37 -7.75 3.43 16.68
N ASP A 38 -8.85 3.00 16.10
CA ASP A 38 -8.97 1.64 15.62
C ASP A 38 -7.79 1.33 14.69
N PHE A 39 -7.78 2.01 13.55
CA PHE A 39 -6.72 1.82 12.58
C PHE A 39 -5.34 2.04 13.21
N GLU A 40 -5.26 3.05 14.06
CA GLU A 40 -4.01 3.37 14.74
C GLU A 40 -3.47 2.13 15.44
N GLU A 41 -4.27 1.58 16.34
CA GLU A 41 -3.88 0.40 17.09
C GLU A 41 -3.43 -0.71 16.12
N LYS A 42 -4.12 -0.77 14.99
CA LYS A 42 -3.81 -1.77 13.98
C LYS A 42 -2.43 -1.50 13.40
N VAL A 43 -2.26 -0.27 12.90
CA VAL A 43 -1.00 0.13 12.32
C VAL A 43 0.14 -0.31 13.23
N LYS A 44 0.03 0.07 14.50
CA LYS A 44 1.05 -0.29 15.48
C LYS A 44 1.23 -1.81 15.50
N GLN A 45 0.11 -2.50 15.62
CA GLN A 45 0.13 -3.95 15.65
C GLN A 45 0.94 -4.51 14.48
N LEU A 46 0.78 -3.86 13.33
CA LEU A 46 1.48 -4.26 12.13
C LEU A 46 2.99 -4.11 12.36
N ILE A 47 3.39 -2.86 12.56
CA ILE A 47 4.80 -2.57 12.79
C ILE A 47 5.36 -3.53 13.83
N ASP A 48 4.47 -4.00 14.70
CA ASP A 48 4.87 -4.93 15.75
C ASP A 48 4.88 -6.35 15.17
N ILE A 49 3.93 -6.62 14.30
CA ILE A 49 3.83 -7.92 13.67
C ILE A 49 4.81 -8.00 12.50
N THR A 50 4.47 -7.29 11.44
CA THR A 50 5.30 -7.27 10.25
C THR A 50 6.71 -6.79 10.59
N GLY A 51 6.87 -5.47 10.62
CA GLY A 51 8.15 -4.88 10.93
C GLY A 51 8.45 -3.70 10.00
N LYS A 52 7.63 -3.58 8.97
CA LYS A 52 7.79 -2.51 8.00
C LYS A 52 7.68 -1.16 8.72
N ASN A 53 7.64 -0.10 7.93
CA ASN A 53 7.53 1.24 8.47
C ASN A 53 6.05 1.62 8.58
N GLN A 54 5.77 2.53 9.50
CA GLN A 54 4.42 2.98 9.73
C GLN A 54 3.77 3.39 8.40
N ASP A 55 4.36 4.40 7.77
CA ASP A 55 3.86 4.89 6.51
C ASP A 55 3.45 3.70 5.63
N GLU A 56 4.42 2.82 5.40
CA GLU A 56 4.18 1.64 4.59
C GLU A 56 3.00 0.83 5.14
N CYS A 57 3.11 0.51 6.42
CA CYS A 57 2.07 -0.26 7.09
C CYS A 57 0.73 0.44 6.84
N VAL A 58 0.65 1.68 7.33
CA VAL A 58 -0.57 2.46 7.17
C VAL A 58 -1.12 2.27 5.76
N ILE A 59 -0.23 2.42 4.79
CA ILE A 59 -0.61 2.26 3.40
C ILE A 59 -1.21 0.87 3.19
N ALA A 60 -0.48 -0.13 3.67
CA ALA A 60 -0.93 -1.51 3.54
C ALA A 60 -2.32 -1.65 4.16
N LEU A 61 -2.38 -1.39 5.47
CA LEU A 61 -3.63 -1.48 6.20
C LEU A 61 -4.74 -0.79 5.40
N HIS A 62 -4.52 0.51 5.15
CA HIS A 62 -5.49 1.29 4.40
C HIS A 62 -5.82 0.58 3.09
N ASP A 63 -4.77 0.14 2.40
CA ASP A 63 -4.94 -0.55 1.14
C ASP A 63 -6.13 -1.51 1.24
N CYS A 64 -6.10 -2.33 2.28
CA CYS A 64 -7.17 -3.29 2.51
C CYS A 64 -8.43 -2.53 2.92
N ASN A 65 -8.35 -1.91 4.09
CA ASN A 65 -9.46 -1.15 4.61
C ASN A 65 -9.31 -1.00 6.13
N GLY A 66 -8.63 -1.96 6.72
CA GLY A 66 -8.41 -1.95 8.15
C GLY A 66 -8.33 -3.39 8.70
N ASP A 67 -7.59 -4.23 7.99
CA ASP A 67 -7.43 -5.60 8.40
C ASP A 67 -5.94 -5.93 8.50
N VAL A 68 -5.42 -5.83 9.72
CA VAL A 68 -4.02 -6.11 9.96
C VAL A 68 -3.62 -7.39 9.23
N ASN A 69 -4.49 -8.38 9.32
CA ASN A 69 -4.24 -9.66 8.66
C ASN A 69 -4.09 -9.43 7.16
N ARG A 70 -5.15 -8.91 6.56
CA ARG A 70 -5.15 -8.64 5.13
C ARG A 70 -3.91 -7.82 4.75
N ALA A 71 -3.69 -6.76 5.51
CA ALA A 71 -2.56 -5.89 5.26
C ALA A 71 -1.29 -6.72 5.11
N ILE A 72 -1.06 -7.57 6.11
CA ILE A 72 0.11 -8.44 6.10
C ILE A 72 0.23 -9.10 4.72
N ASN A 73 -0.85 -9.74 4.31
CA ASN A 73 -0.87 -10.41 3.02
C ASN A 73 -0.33 -9.46 1.94
N VAL A 74 -0.58 -8.18 2.16
CA VAL A 74 -0.14 -7.16 1.21
C VAL A 74 1.32 -6.80 1.51
N LEU A 75 1.57 -6.44 2.76
CA LEU A 75 2.91 -6.08 3.19
C LEU A 75 3.90 -7.12 2.67
N LEU A 76 3.66 -8.36 3.06
CA LEU A 76 4.53 -9.45 2.64
C LEU A 76 4.67 -9.44 1.12
N GLU A 77 3.54 -9.68 0.46
CA GLU A 77 3.51 -9.70 -1.00
C GLU A 77 4.39 -8.58 -1.55
N GLY A 78 4.09 -7.36 -1.12
CA GLY A 78 4.84 -6.20 -1.57
C GLY A 78 6.33 -6.53 -1.72
N ASN A 79 6.93 -6.94 -0.61
CA ASN A 79 8.33 -7.29 -0.61
C ASN A 79 8.65 -8.14 0.62
N PRO A 80 9.59 -9.10 0.44
CA PRO A 80 9.99 -9.98 1.52
C PRO A 80 10.87 -9.25 2.54
N ASP A 81 11.75 -8.41 2.00
CA ASP A 81 12.66 -7.64 2.85
C ASP A 81 13.16 -6.43 2.08
N THR A 82 13.60 -6.68 0.86
CA THR A 82 14.10 -5.61 0.01
C THR A 82 15.34 -4.97 0.64
N HIS A 83 15.10 -4.11 1.62
CA HIS A 83 16.18 -3.43 2.30
C HIS A 83 16.07 -3.67 3.80
N SER A 84 17.22 -3.71 4.46
CA SER A 84 17.27 -3.94 5.89
C SER A 84 16.84 -5.38 6.20
N TRP A 85 17.10 -5.78 7.44
CA TRP A 85 16.75 -7.12 7.88
C TRP A 85 16.17 -7.01 9.29
N GLU A 86 15.22 -7.90 9.57
CA GLU A 86 14.59 -7.92 10.88
C GLU A 86 14.87 -9.25 11.59
N MET A 87 14.63 -9.24 12.89
CA MET A 87 14.85 -10.44 13.70
C MET A 87 13.85 -10.51 14.85
N VAL A 88 13.39 -11.73 15.11
CA VAL A 88 12.43 -11.95 16.19
C VAL A 88 13.09 -12.79 17.28
N GLY A 89 12.57 -12.66 18.49
CA GLY A 89 13.08 -13.41 19.62
C GLY A 89 12.40 -14.76 19.74
N LYS A 90 11.96 -15.07 20.94
CA LYS A 90 11.29 -16.34 21.20
C LYS A 90 10.65 -16.30 22.59
N LYS A 91 11.51 -16.24 23.61
CA LYS A 91 11.04 -16.20 24.98
C LYS A 91 10.44 -17.56 25.35
N LYS A 92 10.31 -17.77 26.65
CA LYS A 92 9.74 -19.02 27.14
C LYS A 92 8.29 -18.80 27.53
N GLY A 93 7.64 -19.89 27.94
CA GLY A 93 6.26 -19.83 28.34
C GLY A 93 6.05 -20.43 29.73
N VAL A 94 4.85 -20.95 29.96
CA VAL A 94 4.53 -21.56 31.23
C VAL A 94 5.49 -22.71 31.51
N SER A 95 5.56 -23.09 32.77
CA SER A 95 6.43 -24.18 33.18
C SER A 95 6.27 -24.45 34.68
N GLY A 96 5.53 -25.51 34.99
CA GLY A 96 5.30 -25.87 36.38
C GLY A 96 4.51 -27.17 36.47
N GLN A 97 4.25 -27.59 37.71
CA GLN A 97 3.50 -28.81 37.94
C GLN A 97 3.22 -28.97 39.43
N LYS A 98 2.28 -29.86 39.73
CA LYS A 98 1.91 -30.12 41.11
C LYS A 98 1.08 -31.40 41.18
N SER A 99 1.32 -32.17 42.24
CA SER A 99 0.61 -33.42 42.43
C SER A 99 -0.26 -33.34 43.69
N GLY A 100 -1.11 -34.35 43.85
CA GLY A 100 -2.00 -34.40 45.00
C GLY A 100 -3.38 -34.93 44.59
N PRO A 101 -3.49 -36.28 44.58
CA PRO A 101 -4.75 -36.92 44.23
C PRO A 101 -5.77 -36.81 45.36
N SER A 102 -5.37 -37.30 46.53
CA SER A 102 -6.24 -37.27 47.69
C SER A 102 -5.53 -37.91 48.89
N SER A 103 -6.15 -37.76 50.05
CA SER A 103 -5.60 -38.32 51.27
C SER A 103 -6.71 -38.56 52.29
N GLY A 104 -7.06 -39.83 52.45
CA GLY A 104 -8.10 -40.20 53.38
C GLY A 104 -8.31 -41.72 53.38
N GLY A 1 9.52 -25.40 -13.58
CA GLY A 1 9.06 -26.01 -12.36
C GLY A 1 9.09 -25.02 -11.19
N SER A 2 9.60 -25.49 -10.07
CA SER A 2 9.71 -24.65 -8.89
C SER A 2 8.30 -24.25 -8.41
N SER A 3 8.06 -24.48 -7.13
CA SER A 3 6.78 -24.15 -6.54
C SER A 3 6.85 -22.79 -5.85
N GLY A 4 6.46 -21.76 -6.59
CA GLY A 4 6.48 -20.41 -6.06
C GLY A 4 7.67 -19.61 -6.63
N SER A 5 7.51 -18.30 -6.64
CA SER A 5 8.54 -17.42 -7.14
C SER A 5 8.14 -15.96 -6.94
N SER A 6 9.15 -15.11 -6.85
CA SER A 6 8.92 -13.69 -6.67
C SER A 6 9.90 -12.87 -7.51
N GLY A 7 9.43 -11.70 -7.92
CA GLY A 7 10.25 -10.83 -8.74
C GLY A 7 10.02 -9.35 -8.38
N ASN A 8 10.00 -8.53 -9.41
CA ASN A 8 9.78 -7.10 -9.22
C ASN A 8 8.48 -6.69 -9.91
N GLN A 9 7.98 -5.53 -9.51
CA GLN A 9 6.75 -5.02 -10.08
C GLN A 9 6.79 -5.10 -11.62
N ASN A 10 5.61 -5.11 -12.20
CA ASN A 10 5.50 -5.19 -13.65
C ASN A 10 4.23 -4.46 -14.11
N GLN A 11 3.12 -4.82 -13.48
CA GLN A 11 1.84 -4.21 -13.81
C GLN A 11 1.94 -2.69 -13.70
N THR A 12 1.14 -2.03 -14.52
CA THR A 12 1.12 -0.57 -14.54
C THR A 12 -0.31 -0.05 -14.44
N GLN A 13 -0.45 1.08 -13.75
CA GLN A 13 -1.75 1.69 -13.57
C GLN A 13 -1.81 3.05 -14.28
N HIS A 14 -2.79 3.18 -15.16
CA HIS A 14 -2.96 4.41 -15.91
C HIS A 14 -4.45 4.65 -16.16
N LYS A 15 -5.03 3.76 -16.94
CA LYS A 15 -6.45 3.87 -17.27
C LYS A 15 -7.24 4.19 -15.99
N GLN A 16 -6.73 3.70 -14.88
CA GLN A 16 -7.37 3.93 -13.59
C GLN A 16 -6.53 4.90 -12.75
N ARG A 17 -7.24 5.79 -12.06
CA ARG A 17 -6.58 6.77 -11.22
C ARG A 17 -5.54 6.09 -10.33
N PRO A 18 -4.24 6.32 -10.69
CA PRO A 18 -3.14 5.74 -9.93
C PRO A 18 -2.94 6.46 -8.61
N GLN A 19 -2.21 5.82 -7.72
CA GLN A 19 -1.94 6.39 -6.41
C GLN A 19 -0.65 5.80 -5.83
N ALA A 20 0.40 6.61 -5.88
CA ALA A 20 1.70 6.18 -5.38
C ALA A 20 2.68 7.34 -5.48
N THR A 21 2.62 8.04 -6.61
CA THR A 21 3.50 9.17 -6.84
C THR A 21 3.23 10.27 -5.83
N ALA A 22 2.50 11.29 -6.27
CA ALA A 22 2.18 12.42 -5.41
C ALA A 22 0.91 12.08 -4.61
N GLU A 23 0.03 11.33 -5.25
CA GLU A 23 -1.22 10.94 -4.61
C GLU A 23 -0.94 10.41 -3.19
N GLN A 24 0.01 9.49 -3.11
CA GLN A 24 0.38 8.90 -1.84
C GLN A 24 0.60 10.00 -0.79
N ILE A 25 1.53 10.89 -1.10
CA ILE A 25 1.85 11.98 -0.20
C ILE A 25 0.55 12.56 0.37
N ARG A 26 -0.35 12.91 -0.53
CA ARG A 26 -1.63 13.47 -0.14
C ARG A 26 -2.44 12.44 0.65
N LEU A 27 -2.36 11.19 0.20
CA LEU A 27 -3.07 10.11 0.86
C LEU A 27 -2.62 10.01 2.32
N ALA A 28 -1.33 9.78 2.48
CA ALA A 28 -0.76 9.66 3.81
C ALA A 28 -1.04 10.93 4.61
N GLN A 29 -1.33 12.00 3.86
CA GLN A 29 -1.62 13.28 4.48
C GLN A 29 -3.10 13.35 4.87
N MET A 30 -3.93 12.72 4.06
CA MET A 30 -5.36 12.71 4.31
C MET A 30 -5.73 11.64 5.35
N ILE A 31 -5.10 10.48 5.19
CA ILE A 31 -5.35 9.38 6.10
C ILE A 31 -5.02 9.81 7.53
N SER A 32 -4.05 10.71 7.63
CA SER A 32 -3.62 11.21 8.92
C SER A 32 -4.70 12.11 9.52
N ASP A 33 -5.31 12.90 8.66
CA ASP A 33 -6.37 13.81 9.08
C ASP A 33 -7.65 13.01 9.33
N HIS A 34 -7.68 11.81 8.79
CA HIS A 34 -8.82 10.94 8.94
C HIS A 34 -8.38 9.57 9.46
N ASN A 35 -8.06 9.53 10.75
CA ASN A 35 -7.61 8.30 11.38
C ASN A 35 -8.48 8.01 12.60
N ASP A 36 -8.31 6.82 13.15
CA ASP A 36 -9.07 6.41 14.33
C ASP A 36 -8.22 5.46 15.16
N ALA A 37 -8.44 5.52 16.47
CA ALA A 37 -7.70 4.68 17.40
C ALA A 37 -7.70 3.24 16.88
N ASP A 38 -8.80 2.89 16.22
CA ASP A 38 -8.94 1.55 15.66
C ASP A 38 -7.78 1.27 14.72
N PHE A 39 -7.77 1.99 13.61
CA PHE A 39 -6.72 1.83 12.61
C PHE A 39 -5.34 2.04 13.24
N GLU A 40 -5.26 3.03 14.11
CA GLU A 40 -4.01 3.34 14.78
C GLU A 40 -3.45 2.08 15.47
N GLU A 41 -4.26 1.52 16.35
CA GLU A 41 -3.86 0.33 17.08
C GLU A 41 -3.38 -0.75 16.09
N LYS A 42 -4.07 -0.81 14.97
CA LYS A 42 -3.73 -1.78 13.93
C LYS A 42 -2.37 -1.44 13.34
N VAL A 43 -2.27 -0.24 12.81
CA VAL A 43 -1.03 0.22 12.21
C VAL A 43 0.14 -0.19 13.09
N LYS A 44 -0.01 0.03 14.38
CA LYS A 44 1.02 -0.32 15.34
C LYS A 44 1.23 -1.84 15.34
N GLN A 45 0.13 -2.55 15.57
CA GLN A 45 0.17 -4.00 15.61
C GLN A 45 0.95 -4.53 14.39
N LEU A 46 0.74 -3.88 13.26
CA LEU A 46 1.41 -4.27 12.03
C LEU A 46 2.92 -4.12 12.22
N ILE A 47 3.35 -2.89 12.47
CA ILE A 47 4.76 -2.61 12.66
C ILE A 47 5.34 -3.63 13.64
N ASP A 48 4.49 -4.13 14.52
CA ASP A 48 4.90 -5.10 15.51
C ASP A 48 4.87 -6.50 14.88
N ILE A 49 3.88 -6.70 14.03
CA ILE A 49 3.72 -7.99 13.36
C ILE A 49 4.67 -8.06 12.16
N THR A 50 4.32 -7.29 11.14
CA THR A 50 5.13 -7.25 9.93
C THR A 50 6.57 -6.85 10.25
N GLY A 51 6.77 -5.54 10.35
CA GLY A 51 8.09 -5.01 10.66
C GLY A 51 8.42 -3.81 9.76
N LYS A 52 7.59 -3.64 8.74
CA LYS A 52 7.79 -2.54 7.81
C LYS A 52 7.69 -1.20 8.56
N ASN A 53 7.64 -0.13 7.79
CA ASN A 53 7.55 1.19 8.37
C ASN A 53 6.07 1.57 8.55
N GLN A 54 5.84 2.49 9.47
CA GLN A 54 4.48 2.94 9.74
C GLN A 54 3.80 3.39 8.45
N ASP A 55 4.38 4.42 7.83
CA ASP A 55 3.83 4.95 6.60
C ASP A 55 3.37 3.79 5.71
N GLU A 56 4.27 2.85 5.49
CA GLU A 56 3.97 1.70 4.67
C GLU A 56 2.74 0.96 5.21
N CYS A 57 2.82 0.61 6.49
CA CYS A 57 1.73 -0.09 7.14
C CYS A 57 0.45 0.73 6.95
N VAL A 58 0.55 2.00 7.28
CA VAL A 58 -0.59 2.91 7.16
C VAL A 58 -1.16 2.79 5.75
N ILE A 59 -0.28 2.51 4.80
CA ILE A 59 -0.69 2.37 3.42
C ILE A 59 -1.27 0.97 3.19
N ALA A 60 -0.49 -0.03 3.58
CA ALA A 60 -0.92 -1.41 3.44
C ALA A 60 -2.31 -1.58 4.07
N LEU A 61 -2.41 -1.16 5.32
CA LEU A 61 -3.65 -1.26 6.05
C LEU A 61 -4.77 -0.61 5.23
N HIS A 62 -4.61 0.69 4.98
CA HIS A 62 -5.58 1.44 4.23
C HIS A 62 -5.88 0.71 2.92
N ASP A 63 -4.83 0.49 2.14
CA ASP A 63 -4.97 -0.20 0.87
C ASP A 63 -5.94 -1.37 1.03
N CYS A 64 -5.66 -2.19 2.03
CA CYS A 64 -6.49 -3.35 2.30
C CYS A 64 -7.92 -2.86 2.57
N ASN A 65 -8.06 -2.15 3.68
CA ASN A 65 -9.36 -1.62 4.07
C ASN A 65 -9.34 -1.31 5.57
N GLY A 66 -8.51 -2.05 6.29
CA GLY A 66 -8.40 -1.86 7.72
C GLY A 66 -8.30 -3.21 8.45
N ASP A 67 -7.48 -4.08 7.89
CA ASP A 67 -7.28 -5.40 8.47
C ASP A 67 -5.79 -5.71 8.55
N VAL A 68 -5.29 -5.75 9.77
CA VAL A 68 -3.87 -6.03 9.99
C VAL A 68 -3.48 -7.31 9.26
N ASN A 69 -4.39 -8.28 9.33
CA ASN A 69 -4.16 -9.56 8.67
C ASN A 69 -4.05 -9.35 7.17
N ARG A 70 -5.14 -8.86 6.59
CA ARG A 70 -5.18 -8.61 5.16
C ARG A 70 -3.95 -7.81 4.73
N ALA A 71 -3.66 -6.76 5.48
CA ALA A 71 -2.52 -5.91 5.18
C ALA A 71 -1.26 -6.78 5.11
N ILE A 72 -1.04 -7.54 6.16
CA ILE A 72 0.12 -8.42 6.22
C ILE A 72 0.25 -9.18 4.90
N ASN A 73 -0.83 -9.86 4.53
CA ASN A 73 -0.86 -10.62 3.30
C ASN A 73 -0.28 -9.78 2.17
N VAL A 74 -0.46 -8.47 2.30
CA VAL A 74 0.04 -7.55 1.29
C VAL A 74 1.48 -7.16 1.63
N LEU A 75 1.66 -6.71 2.87
CA LEU A 75 2.98 -6.29 3.33
C LEU A 75 3.99 -7.39 3.00
N LEU A 76 3.68 -8.59 3.45
CA LEU A 76 4.56 -9.74 3.21
C LEU A 76 5.00 -9.73 1.74
N GLU A 77 4.01 -9.79 0.86
CA GLU A 77 4.28 -9.80 -0.57
C GLU A 77 3.48 -8.69 -1.26
N GLY A 78 2.27 -9.05 -1.68
CA GLY A 78 1.40 -8.09 -2.36
C GLY A 78 0.39 -8.81 -3.25
N ASN A 79 -0.87 -8.65 -2.89
CA ASN A 79 -1.95 -9.27 -3.65
C ASN A 79 -2.05 -10.75 -3.26
N PRO A 80 -3.31 -11.22 -3.10
CA PRO A 80 -3.55 -12.61 -2.73
C PRO A 80 -3.32 -13.54 -3.92
N ASP A 81 -3.96 -13.22 -5.02
CA ASP A 81 -3.84 -14.01 -6.23
C ASP A 81 -4.58 -13.32 -7.37
N THR A 82 -3.93 -12.33 -7.95
CA THR A 82 -4.51 -11.57 -9.05
C THR A 82 -5.00 -12.53 -10.14
N HIS A 83 -6.07 -12.13 -10.78
CA HIS A 83 -6.65 -12.94 -11.86
C HIS A 83 -5.57 -13.27 -12.88
N SER A 84 -5.03 -12.22 -13.48
CA SER A 84 -3.98 -12.38 -14.48
C SER A 84 -2.86 -13.26 -13.94
N TRP A 85 -2.04 -13.75 -14.84
CA TRP A 85 -0.93 -14.61 -14.47
C TRP A 85 0.37 -13.87 -14.82
N GLU A 86 1.00 -13.34 -13.78
CA GLU A 86 2.25 -12.62 -13.95
C GLU A 86 3.44 -13.54 -13.69
N MET A 87 4.26 -13.70 -14.72
CA MET A 87 5.43 -14.55 -14.62
C MET A 87 6.72 -13.73 -14.72
N VAL A 88 7.29 -13.43 -13.57
CA VAL A 88 8.51 -12.65 -13.53
C VAL A 88 9.60 -13.45 -12.80
N GLY A 89 10.83 -13.28 -13.28
CA GLY A 89 11.96 -13.98 -12.68
C GLY A 89 13.28 -13.40 -13.18
N LYS A 90 13.90 -12.62 -12.30
CA LYS A 90 15.18 -11.99 -12.64
C LYS A 90 14.98 -11.05 -13.81
N LYS A 91 16.06 -10.36 -14.17
CA LYS A 91 16.02 -9.41 -15.27
C LYS A 91 16.77 -10.00 -16.46
N LYS A 92 16.27 -9.70 -17.65
CA LYS A 92 16.89 -10.18 -18.87
C LYS A 92 17.95 -9.17 -19.33
N GLY A 93 19.21 -9.55 -19.13
CA GLY A 93 20.31 -8.69 -19.53
C GLY A 93 21.04 -9.27 -20.74
N VAL A 94 21.07 -8.49 -21.81
CA VAL A 94 21.73 -8.92 -23.03
C VAL A 94 23.06 -8.18 -23.16
N SER A 95 24.08 -8.92 -23.58
CA SER A 95 25.40 -8.36 -23.75
C SER A 95 26.22 -9.22 -24.72
N GLY A 96 27.32 -8.65 -25.18
CA GLY A 96 28.19 -9.36 -26.10
C GLY A 96 28.88 -10.54 -25.41
N GLN A 97 30.09 -10.83 -25.87
CA GLN A 97 30.85 -11.93 -25.32
C GLN A 97 31.65 -11.46 -24.10
N LYS A 98 31.87 -12.39 -23.18
CA LYS A 98 32.61 -12.07 -21.97
C LYS A 98 31.82 -11.07 -21.13
N SER A 99 30.80 -11.58 -20.45
CA SER A 99 29.97 -10.73 -19.61
C SER A 99 30.67 -10.46 -18.28
N GLY A 100 30.14 -9.48 -17.57
CA GLY A 100 30.71 -9.10 -16.28
C GLY A 100 29.62 -8.67 -15.31
N PRO A 101 29.95 -8.76 -13.99
CA PRO A 101 29.00 -8.39 -12.95
C PRO A 101 28.89 -6.86 -12.85
N SER A 102 27.65 -6.38 -12.88
CA SER A 102 27.40 -4.95 -12.79
C SER A 102 26.50 -4.66 -11.58
N SER A 103 27.15 -4.28 -10.49
CA SER A 103 26.43 -3.96 -9.26
C SER A 103 26.93 -2.62 -8.70
N GLY A 104 26.11 -1.60 -8.91
CA GLY A 104 26.43 -0.27 -8.43
C GLY A 104 25.19 0.46 -7.93
N GLY A 1 -2.09 48.43 3.74
CA GLY A 1 -3.33 48.78 3.08
C GLY A 1 -3.15 48.80 1.55
N SER A 2 -3.32 47.63 0.95
CA SER A 2 -3.18 47.50 -0.48
C SER A 2 -4.20 46.51 -1.03
N SER A 3 -4.13 45.29 -0.51
CA SER A 3 -5.05 44.24 -0.92
C SER A 3 -4.78 42.96 -0.12
N GLY A 4 -5.48 42.85 0.99
CA GLY A 4 -5.32 41.68 1.86
C GLY A 4 -5.30 40.40 1.03
N SER A 5 -4.69 39.37 1.61
CA SER A 5 -4.60 38.09 0.95
C SER A 5 -5.29 37.01 1.78
N SER A 6 -5.96 36.11 1.08
CA SER A 6 -6.67 35.03 1.74
C SER A 6 -6.41 33.71 1.02
N GLY A 7 -6.76 33.68 -0.26
CA GLY A 7 -6.56 32.50 -1.07
C GLY A 7 -7.70 32.32 -2.07
N ASN A 8 -7.34 31.92 -3.27
CA ASN A 8 -8.32 31.72 -4.33
C ASN A 8 -8.54 30.22 -4.53
N GLN A 9 -9.59 29.89 -5.27
CA GLN A 9 -9.92 28.50 -5.54
C GLN A 9 -10.18 27.77 -4.23
N ASN A 10 -11.42 27.34 -4.05
CA ASN A 10 -11.81 26.62 -2.85
C ASN A 10 -12.22 25.20 -3.23
N GLN A 11 -13.10 25.11 -4.20
CA GLN A 11 -13.58 23.82 -4.66
C GLN A 11 -14.55 23.22 -3.64
N THR A 12 -14.01 22.91 -2.47
CA THR A 12 -14.81 22.32 -1.42
C THR A 12 -15.78 21.29 -1.97
N GLN A 13 -15.26 20.45 -2.85
CA GLN A 13 -16.07 19.41 -3.48
C GLN A 13 -15.74 18.04 -2.88
N HIS A 14 -14.47 17.68 -3.00
CA HIS A 14 -14.01 16.40 -2.47
C HIS A 14 -12.49 16.30 -2.64
N LYS A 15 -12.05 16.33 -3.88
CA LYS A 15 -10.64 16.24 -4.18
C LYS A 15 -10.10 14.89 -3.72
N GLN A 16 -10.23 13.91 -4.60
CA GLN A 16 -9.77 12.56 -4.30
C GLN A 16 -8.43 12.29 -4.98
N ARG A 17 -8.45 12.36 -6.30
CA ARG A 17 -7.24 12.13 -7.08
C ARG A 17 -6.68 10.74 -6.79
N PRO A 18 -5.80 10.26 -7.71
CA PRO A 18 -5.18 8.96 -7.55
C PRO A 18 -4.10 8.98 -6.48
N GLN A 19 -3.57 7.80 -6.17
CA GLN A 19 -2.54 7.68 -5.17
C GLN A 19 -1.40 6.80 -5.69
N ALA A 20 -0.25 7.42 -5.88
CA ALA A 20 0.93 6.72 -6.38
C ALA A 20 2.06 7.70 -6.60
N THR A 21 1.69 8.89 -7.04
CA THR A 21 2.68 9.93 -7.30
C THR A 21 2.78 10.87 -6.09
N ALA A 22 3.29 12.07 -6.35
CA ALA A 22 3.45 13.06 -5.31
C ALA A 22 2.22 13.04 -4.40
N GLU A 23 1.07 12.84 -5.01
CA GLU A 23 -0.19 12.79 -4.27
C GLU A 23 -0.05 11.84 -3.08
N GLN A 24 0.26 10.58 -3.39
CA GLN A 24 0.41 9.57 -2.35
C GLN A 24 1.16 10.16 -1.15
N ILE A 25 2.33 10.69 -1.43
CA ILE A 25 3.16 11.28 -0.38
C ILE A 25 2.28 12.15 0.52
N ARG A 26 1.68 13.17 -0.09
CA ARG A 26 0.82 14.08 0.63
C ARG A 26 -0.34 13.31 1.28
N LEU A 27 -0.85 12.35 0.54
CA LEU A 27 -1.96 11.53 1.04
C LEU A 27 -1.55 10.89 2.35
N ALA A 28 -0.58 9.99 2.27
CA ALA A 28 -0.10 9.30 3.45
C ALA A 28 0.18 10.32 4.56
N GLN A 29 0.52 11.52 4.14
CA GLN A 29 0.81 12.60 5.09
C GLN A 29 -0.49 13.14 5.68
N MET A 30 -1.53 13.15 4.86
CA MET A 30 -2.82 13.64 5.29
C MET A 30 -3.60 12.55 6.02
N ILE A 31 -3.55 11.35 5.47
CA ILE A 31 -4.25 10.22 6.06
C ILE A 31 -3.78 10.04 7.50
N SER A 32 -2.47 9.92 7.66
CA SER A 32 -1.89 9.74 8.97
C SER A 32 -2.54 10.71 9.97
N ASP A 33 -2.43 11.98 9.65
CA ASP A 33 -3.01 13.02 10.51
C ASP A 33 -4.46 12.66 10.83
N HIS A 34 -5.22 12.40 9.78
CA HIS A 34 -6.62 12.04 9.95
C HIS A 34 -6.76 10.51 10.00
N ASN A 35 -6.63 9.99 11.21
CA ASN A 35 -6.73 8.55 11.42
C ASN A 35 -7.52 8.28 12.70
N ASP A 36 -8.13 7.10 12.74
CA ASP A 36 -8.91 6.72 13.90
C ASP A 36 -8.04 5.87 14.83
N ALA A 37 -8.54 5.67 16.05
CA ALA A 37 -7.82 4.89 17.04
C ALA A 37 -7.74 3.44 16.56
N ASP A 38 -8.87 2.92 16.12
CA ASP A 38 -8.94 1.55 15.64
C ASP A 38 -7.75 1.29 14.71
N PHE A 39 -7.70 2.07 13.64
CA PHE A 39 -6.63 1.94 12.67
C PHE A 39 -5.26 2.09 13.33
N GLU A 40 -5.18 3.04 14.24
CA GLU A 40 -3.94 3.31 14.95
C GLU A 40 -3.43 2.03 15.63
N GLU A 41 -4.29 1.47 16.48
CA GLU A 41 -3.95 0.25 17.19
C GLU A 41 -3.52 -0.84 16.21
N LYS A 42 -4.13 -0.81 15.03
CA LYS A 42 -3.81 -1.78 14.00
C LYS A 42 -2.43 -1.48 13.44
N VAL A 43 -2.28 -0.28 12.91
CA VAL A 43 -1.01 0.14 12.33
C VAL A 43 0.13 -0.32 13.24
N LYS A 44 0.03 0.08 14.51
CA LYS A 44 1.04 -0.28 15.48
C LYS A 44 1.24 -1.80 15.47
N GLN A 45 0.12 -2.51 15.57
CA GLN A 45 0.15 -3.96 15.58
C GLN A 45 0.99 -4.47 14.41
N LEU A 46 0.82 -3.84 13.27
CA LEU A 46 1.56 -4.22 12.07
C LEU A 46 3.06 -4.03 12.31
N ILE A 47 3.43 -2.79 12.61
CA ILE A 47 4.81 -2.46 12.87
C ILE A 47 5.39 -3.46 13.87
N ASP A 48 4.50 -4.03 14.66
CA ASP A 48 4.90 -5.00 15.67
C ASP A 48 4.90 -6.40 15.06
N ILE A 49 3.97 -6.61 14.14
CA ILE A 49 3.86 -7.89 13.47
C ILE A 49 4.84 -7.95 12.30
N THR A 50 4.51 -7.18 11.26
CA THR A 50 5.35 -7.13 10.08
C THR A 50 6.76 -6.68 10.45
N GLY A 51 6.92 -5.36 10.54
CA GLY A 51 8.21 -4.79 10.88
C GLY A 51 8.58 -3.65 9.94
N LYS A 52 7.75 -3.49 8.91
CA LYS A 52 7.97 -2.45 7.93
C LYS A 52 7.80 -1.08 8.60
N ASN A 53 7.76 -0.04 7.77
CA ASN A 53 7.60 1.31 8.26
C ASN A 53 6.11 1.62 8.43
N GLN A 54 5.83 2.53 9.36
CA GLN A 54 4.46 2.92 9.63
C GLN A 54 3.77 3.39 8.34
N ASP A 55 4.35 4.42 7.74
CA ASP A 55 3.81 4.97 6.52
C ASP A 55 3.35 3.84 5.60
N GLU A 56 4.30 2.95 5.30
CA GLU A 56 4.01 1.81 4.45
C GLU A 56 2.87 0.98 5.04
N CYS A 57 3.03 0.63 6.30
CA CYS A 57 2.03 -0.17 7.00
C CYS A 57 0.67 0.51 6.81
N VAL A 58 0.65 1.80 7.06
CA VAL A 58 -0.58 2.57 6.93
C VAL A 58 -1.15 2.38 5.52
N ILE A 59 -0.25 2.50 4.54
CA ILE A 59 -0.65 2.34 3.16
C ILE A 59 -1.36 1.00 2.98
N ALA A 60 -0.68 -0.06 3.39
CA ALA A 60 -1.23 -1.40 3.29
C ALA A 60 -2.55 -1.46 4.08
N LEU A 61 -2.45 -1.22 5.37
CA LEU A 61 -3.62 -1.25 6.23
C LEU A 61 -4.74 -0.43 5.58
N HIS A 62 -4.48 0.86 5.45
CA HIS A 62 -5.46 1.76 4.86
C HIS A 62 -5.99 1.15 3.57
N ASP A 63 -5.08 0.73 2.71
CA ASP A 63 -5.45 0.12 1.44
C ASP A 63 -6.36 -1.08 1.70
N CYS A 64 -5.94 -1.91 2.65
CA CYS A 64 -6.71 -3.09 2.99
C CYS A 64 -8.01 -2.63 3.67
N ASN A 65 -7.99 -1.40 4.15
CA ASN A 65 -9.15 -0.84 4.82
C ASN A 65 -9.18 -1.31 6.27
N GLY A 66 -8.16 -0.92 7.02
CA GLY A 66 -8.06 -1.29 8.41
C GLY A 66 -8.02 -2.82 8.57
N ASP A 67 -7.28 -3.46 7.68
CA ASP A 67 -7.14 -4.90 7.70
C ASP A 67 -5.71 -5.27 8.06
N VAL A 68 -5.54 -5.77 9.27
CA VAL A 68 -4.21 -6.17 9.73
C VAL A 68 -3.83 -7.48 9.08
N ASN A 69 -4.82 -8.35 8.92
CA ASN A 69 -4.60 -9.65 8.31
C ASN A 69 -4.22 -9.46 6.83
N ARG A 70 -5.19 -8.97 6.06
CA ARG A 70 -4.97 -8.74 4.65
C ARG A 70 -3.67 -7.97 4.43
N ALA A 71 -3.48 -6.95 5.25
CA ALA A 71 -2.27 -6.13 5.15
C ALA A 71 -1.04 -7.03 5.26
N ILE A 72 -1.06 -7.89 6.28
CA ILE A 72 0.04 -8.80 6.51
C ILE A 72 0.31 -9.59 5.23
N ASN A 73 -0.76 -9.86 4.51
CA ASN A 73 -0.65 -10.61 3.27
C ASN A 73 -0.04 -9.73 2.18
N VAL A 74 -0.38 -8.44 2.25
CA VAL A 74 0.14 -7.48 1.29
C VAL A 74 1.58 -7.14 1.63
N LEU A 75 1.77 -6.67 2.86
CA LEU A 75 3.10 -6.31 3.33
C LEU A 75 4.08 -7.42 2.99
N LEU A 76 3.73 -8.64 3.38
CA LEU A 76 4.57 -9.79 3.12
C LEU A 76 4.89 -9.84 1.63
N GLU A 77 3.85 -10.07 0.84
CA GLU A 77 4.02 -10.15 -0.60
C GLU A 77 4.96 -9.05 -1.10
N GLY A 78 4.67 -7.83 -0.64
CA GLY A 78 5.48 -6.68 -1.03
C GLY A 78 6.96 -7.06 -1.12
N ASN A 79 7.54 -7.33 0.03
CA ASN A 79 8.95 -7.70 0.10
C ASN A 79 9.11 -9.14 -0.41
N PRO A 80 10.12 -9.33 -1.30
CA PRO A 80 10.40 -10.63 -1.86
C PRO A 80 11.09 -11.53 -0.85
N ASP A 81 11.90 -10.91 0.00
CA ASP A 81 12.63 -11.64 1.03
C ASP A 81 13.36 -10.65 1.93
N THR A 82 12.64 -10.18 2.94
CA THR A 82 13.20 -9.23 3.88
C THR A 82 12.47 -9.31 5.21
N HIS A 83 12.67 -10.43 5.90
CA HIS A 83 12.05 -10.64 7.19
C HIS A 83 13.09 -11.12 8.20
N SER A 84 14.10 -10.28 8.41
CA SER A 84 15.17 -10.62 9.34
C SER A 84 15.99 -11.78 8.80
N TRP A 85 17.17 -11.95 9.37
CA TRP A 85 18.05 -13.02 8.96
C TRP A 85 17.85 -14.20 9.91
N GLU A 86 18.00 -15.39 9.38
CA GLU A 86 17.83 -16.60 10.17
C GLU A 86 19.14 -16.96 10.88
N MET A 87 19.04 -17.94 11.77
CA MET A 87 20.20 -18.37 12.53
C MET A 87 20.73 -17.24 13.42
N VAL A 88 20.63 -17.45 14.72
CA VAL A 88 21.10 -16.46 15.68
C VAL A 88 22.06 -17.13 16.65
N GLY A 89 21.53 -18.07 17.42
CA GLY A 89 22.32 -18.78 18.39
C GLY A 89 21.59 -18.89 19.73
N LYS A 90 21.82 -20.01 20.41
CA LYS A 90 21.20 -20.24 21.70
C LYS A 90 22.07 -21.19 22.52
N LYS A 91 22.18 -22.42 22.04
CA LYS A 91 22.97 -23.42 22.72
C LYS A 91 24.34 -22.83 23.07
N LYS A 92 25.10 -23.60 23.84
CA LYS A 92 26.42 -23.16 24.26
C LYS A 92 26.29 -21.91 25.13
N GLY A 93 26.61 -22.09 26.41
CA GLY A 93 26.53 -20.98 27.35
C GLY A 93 26.86 -21.46 28.78
N VAL A 94 28.15 -21.67 29.00
CA VAL A 94 28.61 -22.12 30.30
C VAL A 94 28.03 -23.51 30.60
N SER A 95 28.92 -24.42 30.94
CA SER A 95 28.51 -25.78 31.24
C SER A 95 28.10 -25.89 32.71
N GLY A 96 27.45 -27.00 33.03
CA GLY A 96 27.00 -27.23 34.39
C GLY A 96 25.56 -26.78 34.59
N GLN A 97 24.86 -27.45 35.50
CA GLN A 97 23.48 -27.12 35.79
C GLN A 97 23.32 -26.70 37.24
N LYS A 98 23.65 -27.62 38.14
CA LYS A 98 23.56 -27.36 39.57
C LYS A 98 22.23 -26.66 39.86
N SER A 99 21.17 -27.45 39.88
CA SER A 99 19.84 -26.92 40.14
C SER A 99 19.14 -27.79 41.20
N GLY A 100 18.06 -27.24 41.74
CA GLY A 100 17.29 -27.95 42.75
C GLY A 100 16.17 -27.07 43.29
N PRO A 101 14.99 -27.17 42.64
CA PRO A 101 13.82 -26.39 43.04
C PRO A 101 13.20 -26.96 44.31
N SER A 102 13.70 -26.49 45.45
CA SER A 102 13.20 -26.95 46.74
C SER A 102 11.74 -26.50 46.92
N SER A 103 11.55 -25.19 46.84
CA SER A 103 10.22 -24.63 47.01
C SER A 103 9.29 -25.14 45.90
N GLY A 104 9.70 -24.89 44.67
CA GLY A 104 8.93 -25.31 43.51
C GLY A 104 9.47 -24.71 42.22
#